data_3E4Z
#
_entry.id   3E4Z
#
_cell.length_a   263.033
_cell.length_b   263.033
_cell.length_c   90.816
_cell.angle_alpha   90.00
_cell.angle_beta   90.00
_cell.angle_gamma   120.00
#
_symmetry.space_group_name_H-M   'P 65'
#
loop_
_entity.id
_entity.type
_entity.pdbx_description
1 polymer 'Insulin-degrading enzyme'
2 polymer 'Insulin-like growth factor II'
3 non-polymer 'ZINC ION'
4 water water
#
loop_
_entity_poly.entity_id
_entity_poly.type
_entity_poly.pdbx_seq_one_letter_code
_entity_poly.pdbx_strand_id
1 'polypeptide(L)'
;MHHHHHHAAGIPMNNPAIKRIGNHITKSPEDKREYRGLELANGIKVLLISDPTTDKSSAALDVHIGSLSDPPNIAGLSHF
LQHMLFLGTKKYPKENEYSQFLSEHAGSSNAFTSGEHTNYYFDVSHEHLEGALDRFAQFFLSPLFDESAKDREVNAVDSE
HEKNVMNDAWRLFQLEKATGNPKHPFSKFGTGNKYTLETRPNQEGIDVRQELLKFHSAYYSSNLMAVVVLGRESLDDLTN
LVVKLFSEVENKNVPLPEFPEHPFQEEHLKQLYKIVPIKDIRNLYVTFPIPDLQKYYKSNPGHYLGHLIGHEGPGSLLSE
LKSKGWVNTLVGGQKEGARGFMFFIINVDLTEEGLLHVEDIILHMFQYIQKLRAEGPQEWVFQELKDLNAVAFRFKDKER
PRGYTSKIAGILHYYPLEEVLTAEYLLEEFRPDLIEMVLDKLRPENVRVAIVSKSFEGKTDRTEEWYGTQYKQEAIPDEV
IKKWQNADLNGKFKLPTKNEFIPTNFEILPLEKEATPYPALIKDTAMSKLWFKQDDKFFLPKANLNFEFFSPFAYVDPLH
SNMAYLYLELLKDSLNEYAYAAELAGLSYDLQNTIYGMYLSVKGYNDKQPILLKKIIEKMATFEIDEKRFEIIKEAYMRS
LNNFRAEQPHQHAMYYLRLLMTEVAWTKDELKEALDDVTLPRLKAFIPQLLSRLHIEALLHGNITKQAALGIMQMVEDTL
IEHAHTKPLLPSQLVRYREVQLPDRGWFVYQQRNEVHNNSGIEIYYQTDMQSTSENMFLELFAQIISEPAFNTLRTKEQL
GYIVFSGPRRANGIQGLRFIIQSEKPPHYLESRVEAFLITMEKSIEDMTEEAFQKHIQALAIRRLDKPKKLSAESAKYYG
EIISQQYNFDRDNTEVAYLKTLTKEDIIKFYKEMLAVDAPRRHKVSVHVLAREMDSCPVVGEFPCQNDINLSQAPALPQP
EVIQNMTEFKRGLPLFPLVKPHINFMAAKL
;
A,B
2 'polypeptide(L)' AYRPSETLCGGELVDTLQFVCGDRGFYFSRPASRVSRRSRGIVEECCFRSCDLALLETYCATPAKSE C,D
#
loop_
_chem_comp.id
_chem_comp.type
_chem_comp.name
_chem_comp.formula
ZN non-polymer 'ZINC ION' 'Zn 2'
#
# COMPACT_ATOMS: atom_id res chain seq x y z
N ASN A 14 -14.17 34.20 17.16
CA ASN A 14 -13.40 33.13 17.87
C ASN A 14 -13.38 31.77 17.12
N ASN A 15 -12.76 30.77 17.75
CA ASN A 15 -12.73 29.39 17.26
C ASN A 15 -13.19 28.44 18.36
N PRO A 16 -14.29 27.69 18.11
CA PRO A 16 -14.79 26.78 19.16
C PRO A 16 -13.84 25.61 19.47
N ALA A 17 -13.01 25.22 18.51
CA ALA A 17 -12.10 24.07 18.70
C ALA A 17 -10.84 24.40 19.52
N ILE A 18 -10.59 25.69 19.73
CA ILE A 18 -9.41 26.18 20.44
C ILE A 18 -9.81 26.90 21.73
N LYS A 19 -9.36 26.38 22.86
CA LYS A 19 -9.59 27.04 24.14
C LYS A 19 -8.79 28.35 24.29
N ARG A 20 -7.53 28.34 23.90
CA ARG A 20 -6.69 29.54 23.97
C ARG A 20 -5.46 29.42 23.07
N ILE A 21 -5.01 30.57 22.58
CA ILE A 21 -3.77 30.68 21.87
C ILE A 21 -2.82 31.39 22.81
N GLY A 22 -1.64 30.82 23.01
CA GLY A 22 -0.68 31.38 23.96
C GLY A 22 -0.09 32.68 23.44
N ASN A 23 0.56 33.43 24.34
CA ASN A 23 1.35 34.58 23.92
C ASN A 23 2.64 34.17 23.21
N HIS A 24 3.50 35.15 22.88
CA HIS A 24 4.78 34.88 22.25
C HIS A 24 5.53 33.75 22.99
N ILE A 25 6.01 32.78 22.23
CA ILE A 25 6.79 31.69 22.79
C ILE A 25 8.23 32.21 22.84
N THR A 26 8.79 32.34 24.03
CA THR A 26 10.15 32.87 24.14
C THR A 26 11.18 31.92 23.48
N LYS A 27 11.97 32.43 22.56
CA LYS A 27 12.99 31.63 21.86
C LYS A 27 14.33 32.37 21.82
N SER A 28 15.39 31.69 21.42
CA SER A 28 16.68 32.33 21.24
C SER A 28 16.57 33.28 20.04
N PRO A 29 17.18 34.48 20.13
CA PRO A 29 17.22 35.37 18.96
C PRO A 29 18.00 34.77 17.78
N GLU A 30 18.72 33.67 18.01
CA GLU A 30 19.42 32.93 16.93
C GLU A 30 18.48 31.96 16.20
N ASP A 31 17.30 31.73 16.77
CA ASP A 31 16.40 30.70 16.30
C ASP A 31 15.42 31.34 15.32
N LYS A 32 15.52 30.91 14.06
CA LYS A 32 14.71 31.45 12.98
C LYS A 32 13.39 30.68 12.76
N ARG A 33 13.22 29.56 13.45
CA ARG A 33 11.93 28.86 13.50
C ARG A 33 10.89 29.75 14.17
N GLU A 34 9.65 29.65 13.72
CA GLU A 34 8.54 30.39 14.33
C GLU A 34 7.65 29.44 15.11
N TYR A 35 7.06 29.95 16.19
CA TYR A 35 6.38 29.13 17.16
C TYR A 35 5.01 29.65 17.52
N ARG A 36 4.08 28.71 17.71
CA ARG A 36 2.77 29.03 18.24
C ARG A 36 2.33 27.97 19.24
N GLY A 37 1.99 28.41 20.45
CA GLY A 37 1.46 27.53 21.46
C GLY A 37 -0.05 27.66 21.50
N LEU A 38 -0.74 26.58 21.81
CA LEU A 38 -2.17 26.66 22.04
C LEU A 38 -2.70 25.51 22.86
N GLU A 39 -3.93 25.68 23.35
CA GLU A 39 -4.63 24.59 24.00
C GLU A 39 -5.94 24.36 23.26
N LEU A 40 -6.22 23.12 22.91
CA LEU A 40 -7.47 22.77 22.23
C LEU A 40 -8.63 22.74 23.23
N ALA A 41 -9.86 22.82 22.70
CA ALA A 41 -11.08 22.76 23.52
C ALA A 41 -11.13 21.50 24.38
N ASN A 42 -10.61 20.40 23.83
CA ASN A 42 -10.52 19.14 24.56
C ASN A 42 -9.32 19.03 25.55
N GLY A 43 -8.50 20.07 25.66
CA GLY A 43 -7.45 20.06 26.70
C GLY A 43 -6.04 19.66 26.25
N ILE A 44 -5.89 19.33 24.96
CA ILE A 44 -4.57 18.97 24.41
C ILE A 44 -3.75 20.26 24.31
N LYS A 45 -2.57 20.24 24.92
CA LYS A 45 -1.58 21.31 24.78
C LYS A 45 -0.80 21.07 23.52
N VAL A 46 -0.56 22.13 22.75
CA VAL A 46 0.01 22.03 21.42
C VAL A 46 1.15 23.05 21.22
N LEU A 47 2.22 22.64 20.54
CA LEU A 47 3.21 23.59 20.05
C LEU A 47 3.38 23.35 18.57
N LEU A 48 3.21 24.41 17.79
CA LEU A 48 3.45 24.35 16.35
C LEU A 48 4.78 25.01 16.05
N ILE A 49 5.56 24.37 15.18
CA ILE A 49 6.88 24.87 14.79
C ILE A 49 6.95 24.95 13.26
N SER A 50 7.05 26.16 12.73
CA SER A 50 7.17 26.40 11.31
C SER A 50 8.63 26.64 10.96
N ASP A 51 9.14 25.78 10.08
CA ASP A 51 10.50 25.87 9.55
C ASP A 51 10.45 25.61 8.04
N PRO A 52 10.32 26.70 7.24
CA PRO A 52 10.23 26.58 5.78
C PRO A 52 11.47 26.02 5.12
N THR A 53 12.58 25.88 5.87
CA THR A 53 13.79 25.27 5.33
C THR A 53 13.88 23.76 5.58
N THR A 54 13.06 23.23 6.49
CA THR A 54 13.28 21.86 6.97
C THR A 54 13.10 20.84 5.84
N ASP A 55 13.97 19.83 5.77
CA ASP A 55 13.82 18.75 4.79
C ASP A 55 12.88 17.68 5.35
N LYS A 56 12.93 17.47 6.66
CA LYS A 56 12.02 16.55 7.29
C LYS A 56 11.10 17.30 8.24
N SER A 57 9.81 16.99 8.12
CA SER A 57 8.81 17.42 9.07
C SER A 57 8.65 16.35 10.17
N SER A 58 7.96 16.70 11.26
CA SER A 58 7.92 15.82 12.41
C SER A 58 6.72 16.10 13.31
N ALA A 59 6.27 15.09 14.04
CA ALA A 59 5.32 15.33 15.12
C ALA A 59 5.56 14.35 16.23
N ALA A 60 5.14 14.74 17.44
CA ALA A 60 5.18 13.86 18.60
C ALA A 60 3.93 14.10 19.43
N LEU A 61 3.54 13.08 20.19
CA LEU A 61 2.46 13.18 21.15
C LEU A 61 2.96 12.47 22.41
N ASP A 62 2.79 13.12 23.55
CA ASP A 62 3.14 12.56 24.85
C ASP A 62 1.86 12.51 25.69
N VAL A 63 1.50 11.30 26.10
CA VAL A 63 0.37 11.07 27.02
C VAL A 63 0.99 10.98 28.39
N HIS A 64 0.45 11.76 29.33
CA HIS A 64 0.97 11.78 30.67
C HIS A 64 0.47 10.57 31.49
N ILE A 65 0.63 9.37 30.92
CA ILE A 65 0.38 8.11 31.61
C ILE A 65 1.47 7.13 31.19
N GLY A 66 1.93 6.33 32.14
CA GLY A 66 2.91 5.31 31.90
C GLY A 66 2.80 4.14 32.85
N SER A 67 3.88 3.40 32.96
CA SER A 67 3.84 2.11 33.62
C SER A 67 3.48 2.14 35.12
N LEU A 68 3.60 3.29 35.77
CA LEU A 68 3.18 3.45 37.17
C LEU A 68 1.66 3.25 37.31
N SER A 69 0.95 3.43 36.20
CA SER A 69 -0.49 3.25 36.12
C SER A 69 -0.90 1.87 35.60
N ASP A 70 0.04 0.96 35.42
CA ASP A 70 -0.32 -0.41 35.01
C ASP A 70 -1.23 -1.07 36.04
N PRO A 71 -2.20 -1.89 35.59
CA PRO A 71 -2.96 -2.66 36.57
C PRO A 71 -1.98 -3.56 37.33
N PRO A 72 -2.14 -3.66 38.67
CA PRO A 72 -1.22 -4.43 39.50
C PRO A 72 -1.11 -5.86 39.03
N ASN A 73 -2.13 -6.33 38.32
CA ASN A 73 -2.20 -7.71 37.86
C ASN A 73 -1.76 -7.94 36.41
N ILE A 74 -1.47 -6.87 35.66
CA ILE A 74 -0.93 -6.97 34.28
C ILE A 74 0.28 -6.03 34.12
N ALA A 75 1.43 -6.47 34.59
CA ALA A 75 2.61 -5.64 34.59
C ALA A 75 3.10 -5.51 33.13
N GLY A 76 3.34 -4.28 32.69
CA GLY A 76 3.82 -4.05 31.33
C GLY A 76 2.73 -3.64 30.37
N LEU A 77 1.52 -3.48 30.87
CA LEU A 77 0.39 -3.24 29.97
C LEU A 77 0.50 -1.93 29.16
N SER A 78 0.90 -0.84 29.79
CA SER A 78 0.95 0.44 29.06
C SER A 78 2.10 0.47 28.03
N HIS A 79 3.17 -0.24 28.33
CA HIS A 79 4.25 -0.49 27.39
C HIS A 79 3.83 -1.40 26.21
N PHE A 80 3.12 -2.48 26.50
CA PHE A 80 2.54 -3.34 25.47
C PHE A 80 1.60 -2.55 24.58
N LEU A 81 0.76 -1.72 25.17
CA LEU A 81 -0.12 -0.83 24.43
C LEU A 81 0.67 0.08 23.47
N GLN A 82 1.82 0.57 23.92
CA GLN A 82 2.68 1.42 23.12
C GLN A 82 3.11 0.69 21.82
N HIS A 83 3.56 -0.56 21.95
CA HIS A 83 3.86 -1.40 20.77
C HIS A 83 2.64 -1.58 19.87
N MET A 84 1.47 -1.78 20.49
CA MET A 84 0.29 -2.21 19.77
C MET A 84 -0.29 -1.09 18.93
N LEU A 85 -0.12 0.16 19.36
CA LEU A 85 -0.67 1.28 18.59
C LEU A 85 -0.16 1.39 17.14
N PHE A 86 1.02 0.85 16.87
CA PHE A 86 1.65 0.90 15.54
C PHE A 86 1.06 -0.13 14.57
N LEU A 87 0.23 -1.04 15.10
CA LEU A 87 -0.18 -2.23 14.39
C LEU A 87 -1.60 -2.19 13.83
N GLY A 88 -2.11 -0.99 13.56
CA GLY A 88 -3.38 -0.83 12.86
C GLY A 88 -4.47 -0.10 13.64
N THR A 89 -5.20 0.75 12.94
CA THR A 89 -6.31 1.47 13.50
C THR A 89 -7.54 1.29 12.58
N LYS A 90 -8.69 1.77 13.01
CA LYS A 90 -9.92 1.67 12.20
C LYS A 90 -9.78 2.32 10.81
N LYS A 91 -9.30 3.57 10.77
CA LYS A 91 -9.08 4.30 9.51
C LYS A 91 -8.00 3.66 8.62
N TYR A 92 -6.96 3.11 9.25
CA TYR A 92 -5.83 2.51 8.55
C TYR A 92 -5.55 1.13 9.12
N PRO A 93 -6.37 0.11 8.77
CA PRO A 93 -6.29 -1.22 9.41
C PRO A 93 -5.08 -2.11 9.07
N LYS A 94 -4.45 -1.88 7.92
CA LYS A 94 -3.25 -2.65 7.56
C LYS A 94 -2.22 -2.58 8.69
N GLU A 95 -1.74 -3.73 9.11
CA GLU A 95 -0.86 -3.84 10.25
C GLU A 95 0.39 -2.93 10.18
N ASN A 96 1.00 -2.80 8.99
CA ASN A 96 2.17 -1.93 8.80
C ASN A 96 1.91 -0.71 7.91
N GLU A 97 0.65 -0.28 7.83
CA GLU A 97 0.34 0.90 7.05
C GLU A 97 1.22 2.09 7.46
N TYR A 98 1.30 2.32 8.77
CA TYR A 98 2.02 3.46 9.33
C TYR A 98 3.51 3.44 8.97
N SER A 99 4.17 2.33 9.28
CA SER A 99 5.61 2.21 9.08
C SER A 99 6.02 2.14 7.62
N GLN A 100 5.20 1.46 6.80
CA GLN A 100 5.38 1.47 5.36
C GLN A 100 5.24 2.85 4.75
N PHE A 101 4.20 3.59 5.15
CA PHE A 101 4.04 4.95 4.66
C PHE A 101 5.27 5.82 5.00
N LEU A 102 5.82 5.67 6.20
CA LEU A 102 6.99 6.46 6.62
C LEU A 102 8.21 6.10 5.78
N SER A 103 8.45 4.80 5.65
CA SER A 103 9.60 4.31 4.90
C SER A 103 9.62 4.80 3.45
N GLU A 104 8.45 4.76 2.80
CA GLU A 104 8.28 5.19 1.42
C GLU A 104 8.37 6.71 1.25
N HIS A 105 8.41 7.43 2.37
CA HIS A 105 8.44 8.91 2.36
C HIS A 105 9.54 9.45 3.26
N ALA A 106 10.62 8.67 3.39
CA ALA A 106 11.90 9.11 3.99
C ALA A 106 11.72 9.40 5.50
N GLY A 107 10.90 8.59 6.16
CA GLY A 107 10.53 8.85 7.53
C GLY A 107 10.95 7.73 8.43
N SER A 108 10.73 7.92 9.72
CA SER A 108 11.13 6.99 10.76
C SER A 108 10.26 7.29 11.98
N SER A 109 10.20 6.36 12.92
CA SER A 109 9.31 6.55 14.05
C SER A 109 9.82 5.73 15.19
N ASN A 110 9.51 6.15 16.40
CA ASN A 110 9.72 5.31 17.57
C ASN A 110 8.80 5.80 18.68
N ALA A 111 8.90 5.19 19.84
CA ALA A 111 8.07 5.54 20.97
C ALA A 111 8.74 5.02 22.20
N PHE A 112 8.44 5.62 23.35
CA PHE A 112 8.90 5.01 24.60
C PHE A 112 7.87 5.16 25.70
N THR A 113 7.97 4.29 26.70
CA THR A 113 7.14 4.31 27.89
C THR A 113 8.04 4.50 29.10
N SER A 114 7.75 5.52 29.90
CA SER A 114 8.39 5.65 31.22
C SER A 114 7.30 5.46 32.29
N GLY A 115 7.63 5.81 33.53
CA GLY A 115 6.69 5.66 34.65
C GLY A 115 5.42 6.47 34.48
N GLU A 116 5.52 7.66 33.89
CA GLU A 116 4.41 8.61 33.82
C GLU A 116 4.13 9.11 32.42
N HIS A 117 4.86 8.63 31.43
CA HIS A 117 4.68 9.13 30.07
C HIS A 117 4.73 8.03 29.07
N THR A 118 3.95 8.17 28.01
CA THR A 118 4.13 7.39 26.81
C THR A 118 4.22 8.39 25.66
N ASN A 119 5.36 8.35 24.98
CA ASN A 119 5.80 9.38 24.03
C ASN A 119 6.03 8.71 22.66
N TYR A 120 5.36 9.24 21.63
CA TYR A 120 5.33 8.68 20.27
C TYR A 120 5.74 9.76 19.30
N TYR A 121 6.61 9.44 18.34
CA TYR A 121 7.12 10.49 17.44
C TYR A 121 7.48 9.91 16.08
N PHE A 122 7.50 10.78 15.06
CA PHE A 122 7.95 10.38 13.74
C PHE A 122 8.60 11.56 13.07
N ASP A 123 9.43 11.29 12.07
CA ASP A 123 9.70 12.32 11.08
C ASP A 123 9.33 11.75 9.70
N VAL A 124 9.28 12.62 8.70
CA VAL A 124 8.88 12.27 7.35
C VAL A 124 9.33 13.38 6.43
N SER A 125 9.48 13.07 5.14
CA SER A 125 9.68 14.10 4.13
C SER A 125 8.70 15.24 4.28
N HIS A 126 9.17 16.47 4.11
CA HIS A 126 8.37 17.65 4.42
C HIS A 126 7.05 17.75 3.64
N GLU A 127 7.00 17.18 2.45
CA GLU A 127 5.77 17.27 1.66
C GLU A 127 4.70 16.25 2.03
N HIS A 128 5.01 15.34 2.96
CA HIS A 128 4.09 14.28 3.37
C HIS A 128 3.71 14.29 4.84
N LEU A 129 3.83 15.45 5.46
CA LEU A 129 3.45 15.67 6.86
C LEU A 129 2.00 15.29 7.18
N GLU A 130 1.06 15.79 6.38
CA GLU A 130 -0.37 15.57 6.61
C GLU A 130 -0.71 14.08 6.57
N GLY A 131 -0.24 13.39 5.53
CA GLY A 131 -0.39 11.94 5.42
C GLY A 131 0.19 11.15 6.59
N ALA A 132 1.36 11.57 7.08
CA ALA A 132 1.96 10.89 8.23
C ALA A 132 1.17 11.20 9.49
N LEU A 133 0.76 12.46 9.63
CA LEU A 133 0.06 12.92 10.84
C LEU A 133 -1.36 12.33 10.94
N ASP A 134 -2.07 12.23 9.82
CA ASP A 134 -3.36 11.56 9.78
C ASP A 134 -3.29 10.11 10.29
N ARG A 135 -2.31 9.35 9.79
CA ARG A 135 -2.07 7.99 10.26
C ARG A 135 -1.69 7.91 11.75
N PHE A 136 -0.81 8.81 12.17
CA PHE A 136 -0.38 8.93 13.57
C PHE A 136 -1.56 9.25 14.51
N ALA A 137 -2.42 10.19 14.11
CA ALA A 137 -3.52 10.63 14.96
C ALA A 137 -4.46 9.48 15.34
N GLN A 138 -4.57 8.49 14.46
CA GLN A 138 -5.52 7.40 14.65
C GLN A 138 -5.11 6.50 15.81
N PHE A 139 -3.82 6.48 16.15
CA PHE A 139 -3.31 5.78 17.34
C PHE A 139 -4.13 6.16 18.58
N PHE A 140 -4.56 7.41 18.63
CA PHE A 140 -5.14 8.02 19.84
C PHE A 140 -6.67 8.13 19.74
N LEU A 141 -7.22 7.50 18.69
CA LEU A 141 -8.63 7.55 18.33
C LEU A 141 -9.26 6.16 18.25
N SER A 142 -8.74 5.27 17.40
CA SER A 142 -9.30 3.93 17.31
C SER A 142 -8.32 2.82 16.88
N PRO A 143 -7.35 2.47 17.74
CA PRO A 143 -6.49 1.33 17.49
C PRO A 143 -7.29 0.03 17.44
N LEU A 144 -6.82 -0.94 16.66
CA LEU A 144 -7.55 -2.20 16.48
C LEU A 144 -7.24 -3.19 17.56
N PHE A 145 -6.02 -3.13 18.11
CA PHE A 145 -5.51 -4.16 19.01
C PHE A 145 -5.92 -5.52 18.46
N ASP A 146 -5.57 -5.75 17.19
CA ASP A 146 -5.91 -6.97 16.49
C ASP A 146 -5.42 -8.14 17.32
N GLU A 147 -6.25 -9.17 17.38
CA GLU A 147 -5.99 -10.35 18.20
C GLU A 147 -4.74 -11.12 17.76
N SER A 148 -4.54 -11.22 16.45
CA SER A 148 -3.33 -11.87 15.92
C SER A 148 -2.05 -11.02 16.11
N ALA A 149 -2.15 -9.72 15.83
CA ALA A 149 -1.11 -8.75 16.15
C ALA A 149 -0.68 -8.89 17.60
N LYS A 150 -1.66 -8.99 18.51
CA LYS A 150 -1.37 -9.06 19.96
C LYS A 150 -0.55 -10.29 20.34
N ASP A 151 -0.94 -11.45 19.83
CA ASP A 151 -0.24 -12.70 20.11
C ASP A 151 1.18 -12.78 19.53
N ARG A 152 1.39 -12.12 18.40
CA ARG A 152 2.73 -12.00 17.85
C ARG A 152 3.60 -11.00 18.63
N GLU A 153 3.08 -9.78 18.79
CA GLU A 153 3.88 -8.68 19.34
C GLU A 153 4.28 -8.85 20.80
N VAL A 154 3.58 -9.72 21.53
CA VAL A 154 3.95 -10.03 22.92
C VAL A 154 5.36 -10.61 22.98
N ASN A 155 5.79 -11.21 21.86
CA ASN A 155 7.13 -11.81 21.75
C ASN A 155 8.22 -10.74 21.62
N ALA A 156 7.90 -9.64 20.94
CA ALA A 156 8.84 -8.52 20.82
C ALA A 156 9.14 -7.92 22.20
N VAL A 157 8.10 -7.72 22.99
CA VAL A 157 8.21 -7.23 24.38
C VAL A 157 9.00 -8.24 25.26
N ASP A 158 8.65 -9.52 25.16
CA ASP A 158 9.40 -10.53 25.88
C ASP A 158 10.90 -10.48 25.54
N SER A 159 11.20 -10.44 24.24
CA SER A 159 12.58 -10.41 23.74
C SER A 159 13.31 -9.12 24.16
N GLU A 160 12.56 -8.00 24.20
CA GLU A 160 13.05 -6.74 24.77
C GLU A 160 13.46 -6.88 26.24
N HIS A 161 12.64 -7.53 27.06
CA HIS A 161 13.01 -7.81 28.45
C HIS A 161 14.20 -8.78 28.54
N GLU A 162 14.19 -9.81 27.70
CA GLU A 162 15.28 -10.78 27.66
C GLU A 162 16.65 -10.16 27.55
N LYS A 163 16.78 -9.16 26.68
CA LYS A 163 18.07 -8.51 26.46
C LYS A 163 18.53 -7.70 27.68
N ASN A 164 17.56 -7.17 28.44
CA ASN A 164 17.81 -6.39 29.66
C ASN A 164 18.16 -7.23 30.88
N VAL A 165 17.77 -8.50 30.87
CA VAL A 165 17.88 -9.36 32.04
C VAL A 165 19.30 -9.43 32.63
N MET A 166 20.30 -9.58 31.76
CA MET A 166 21.66 -9.74 32.22
C MET A 166 22.43 -8.41 32.15
N ASN A 167 21.70 -7.30 31.95
CA ASN A 167 22.28 -5.95 31.95
C ASN A 167 22.31 -5.37 33.35
N ASP A 168 23.51 -5.02 33.84
CA ASP A 168 23.71 -4.52 35.21
C ASP A 168 22.93 -3.27 35.59
N ALA A 169 22.84 -2.31 34.67
CA ALA A 169 22.05 -1.08 34.86
C ALA A 169 20.56 -1.35 35.06
N TRP A 170 19.98 -2.20 34.21
CA TRP A 170 18.55 -2.55 34.32
C TRP A 170 18.24 -3.34 35.59
N ARG A 171 19.16 -4.23 35.97
CA ARG A 171 19.04 -5.00 37.22
C ARG A 171 19.02 -4.10 38.45
N LEU A 172 19.92 -3.12 38.49
CA LEU A 172 19.94 -2.10 39.57
C LEU A 172 18.70 -1.19 39.59
N PHE A 173 18.30 -0.74 38.41
CA PHE A 173 17.06 0.01 38.25
C PHE A 173 15.87 -0.71 38.92
N GLN A 174 15.66 -1.97 38.58
CA GLN A 174 14.57 -2.74 39.20
C GLN A 174 14.80 -3.09 40.66
N LEU A 175 16.06 -3.32 41.04
CA LEU A 175 16.35 -3.62 42.45
C LEU A 175 15.99 -2.44 43.36
N GLU A 176 16.25 -1.22 42.92
CA GLU A 176 15.91 -0.07 43.76
C GLU A 176 14.43 -0.11 44.05
N LYS A 177 13.64 -0.36 43.00
CA LYS A 177 12.19 -0.44 43.10
C LYS A 177 11.74 -1.57 44.05
N ALA A 178 12.41 -2.71 43.98
CA ALA A 178 12.04 -3.88 44.77
C ALA A 178 12.32 -3.70 46.28
N THR A 179 13.18 -2.74 46.62
CA THR A 179 13.61 -2.52 48.02
C THR A 179 13.00 -1.28 48.69
N GLY A 180 12.09 -0.60 48.00
CA GLY A 180 11.27 0.41 48.62
C GLY A 180 9.99 -0.24 49.09
N ASN A 181 8.99 0.59 49.38
CA ASN A 181 7.68 0.11 49.80
C ASN A 181 7.01 -0.69 48.69
N PRO A 182 6.79 -2.01 48.92
CA PRO A 182 6.21 -2.86 47.89
C PRO A 182 4.77 -2.51 47.49
N LYS A 183 4.09 -1.72 48.33
CA LYS A 183 2.73 -1.26 48.09
C LYS A 183 2.70 -0.02 47.20
N HIS A 184 3.85 0.63 47.02
CA HIS A 184 3.96 1.83 46.20
C HIS A 184 4.08 1.41 44.73
N PRO A 185 3.33 2.08 43.83
CA PRO A 185 3.45 1.92 42.37
C PRO A 185 4.89 1.93 41.83
N PHE A 186 5.80 2.63 42.51
CA PHE A 186 7.23 2.62 42.22
C PHE A 186 7.81 1.21 42.12
N SER A 187 7.23 0.26 42.85
CA SER A 187 7.74 -1.12 42.83
C SER A 187 7.37 -1.91 41.58
N LYS A 188 6.48 -1.37 40.75
CA LYS A 188 6.03 -2.10 39.55
C LYS A 188 7.17 -2.41 38.56
N PHE A 189 6.99 -3.52 37.86
CA PHE A 189 7.82 -3.95 36.76
C PHE A 189 7.19 -3.38 35.50
N GLY A 190 7.87 -2.41 34.88
CA GLY A 190 7.32 -1.69 33.71
C GLY A 190 7.46 -2.34 32.35
N THR A 191 8.52 -3.11 32.14
CA THR A 191 8.76 -3.67 30.80
C THR A 191 7.65 -4.64 30.41
N GLY A 192 7.27 -5.50 31.34
CA GLY A 192 6.41 -6.62 31.02
C GLY A 192 7.20 -7.71 30.30
N ASN A 193 6.58 -8.88 30.13
CA ASN A 193 7.12 -9.96 29.33
C ASN A 193 6.02 -10.93 28.89
N LYS A 194 6.38 -12.06 28.26
CA LYS A 194 5.42 -13.08 27.85
C LYS A 194 4.59 -13.60 29.05
N TYR A 195 5.27 -13.92 30.14
CA TYR A 195 4.61 -14.32 31.37
C TYR A 195 3.54 -13.31 31.87
N THR A 196 3.90 -12.03 32.05
CA THR A 196 2.97 -11.02 32.60
C THR A 196 1.88 -10.58 31.62
N LEU A 197 2.15 -10.77 30.34
CA LEU A 197 1.33 -10.19 29.28
C LEU A 197 0.51 -11.23 28.54
N GLU A 198 0.87 -12.50 28.69
CA GLU A 198 0.13 -13.56 28.03
C GLU A 198 -0.19 -14.76 28.93
N THR A 199 0.84 -15.41 29.44
CA THR A 199 0.72 -16.64 30.20
C THR A 199 -0.16 -16.47 31.44
N ARG A 200 0.28 -15.63 32.37
CA ARG A 200 -0.53 -15.33 33.54
C ARG A 200 -1.93 -14.76 33.23
N PRO A 201 -2.04 -13.73 32.36
CA PRO A 201 -3.40 -13.32 32.00
C PRO A 201 -4.32 -14.46 31.51
N ASN A 202 -3.76 -15.39 30.72
CA ASN A 202 -4.51 -16.55 30.26
C ASN A 202 -4.96 -17.47 31.40
N GLN A 203 -4.08 -17.68 32.38
CA GLN A 203 -4.39 -18.50 33.53
C GLN A 203 -5.51 -17.90 34.39
N GLU A 204 -5.68 -16.58 34.29
CA GLU A 204 -6.59 -15.85 35.13
C GLU A 204 -7.78 -15.31 34.33
N GLY A 205 -8.02 -15.88 33.15
CA GLY A 205 -9.22 -15.57 32.37
C GLY A 205 -9.33 -14.17 31.77
N ILE A 206 -8.22 -13.44 31.77
CA ILE A 206 -8.16 -12.08 31.23
C ILE A 206 -8.17 -12.09 29.70
N ASP A 207 -9.06 -11.31 29.12
CA ASP A 207 -9.04 -10.96 27.72
C ASP A 207 -8.12 -9.72 27.54
N VAL A 208 -6.86 -9.99 27.23
CA VAL A 208 -5.84 -8.92 27.07
C VAL A 208 -6.25 -7.85 26.07
N ARG A 209 -6.83 -8.24 24.94
CA ARG A 209 -7.33 -7.26 23.99
C ARG A 209 -8.33 -6.28 24.64
N GLN A 210 -9.23 -6.81 25.48
CA GLN A 210 -10.20 -5.96 26.20
C GLN A 210 -9.49 -5.07 27.22
N GLU A 211 -8.47 -5.60 27.88
CA GLU A 211 -7.69 -4.81 28.83
C GLU A 211 -6.97 -3.65 28.13
N LEU A 212 -6.38 -3.92 26.96
CA LEU A 212 -5.79 -2.87 26.13
C LEU A 212 -6.85 -1.86 25.74
N LEU A 213 -8.02 -2.35 25.32
CA LEU A 213 -9.09 -1.44 24.92
C LEU A 213 -9.53 -0.58 26.10
N LYS A 214 -9.61 -1.18 27.28
CA LYS A 214 -10.06 -0.47 28.48
C LYS A 214 -9.05 0.56 28.98
N PHE A 215 -7.77 0.18 29.02
CA PHE A 215 -6.69 1.10 29.41
C PHE A 215 -6.61 2.32 28.48
N HIS A 216 -6.70 2.08 27.17
CA HIS A 216 -6.69 3.14 26.17
C HIS A 216 -7.86 4.07 26.40
N SER A 217 -9.02 3.45 26.60
CA SER A 217 -10.28 4.15 26.83
C SER A 217 -10.22 4.97 28.12
N ALA A 218 -9.69 4.38 29.19
CA ALA A 218 -9.61 5.06 30.48
C ALA A 218 -8.56 6.20 30.51
N TYR A 219 -7.38 5.93 29.97
CA TYR A 219 -6.23 6.83 30.16
C TYR A 219 -5.82 7.68 28.96
N TYR A 220 -6.07 7.20 27.76
CA TYR A 220 -5.75 8.01 26.60
C TYR A 220 -6.80 9.10 26.40
N SER A 221 -6.78 10.04 27.34
CA SER A 221 -7.72 11.16 27.39
C SER A 221 -7.01 12.41 26.88
N SER A 222 -7.71 13.21 26.09
CA SER A 222 -7.15 14.44 25.55
C SER A 222 -6.55 15.37 26.63
N ASN A 223 -7.17 15.42 27.82
CA ASN A 223 -6.71 16.34 28.88
C ASN A 223 -5.30 15.97 29.41
N LEU A 224 -4.85 14.75 29.09
CA LEU A 224 -3.52 14.29 29.49
C LEU A 224 -2.51 14.24 28.34
N MET A 225 -2.84 14.91 27.22
CA MET A 225 -2.01 14.83 26.02
C MET A 225 -1.37 16.15 25.65
N ALA A 226 -0.19 16.04 25.05
CA ALA A 226 0.52 17.17 24.48
C ALA A 226 1.10 16.76 23.11
N VAL A 227 0.90 17.62 22.12
CA VAL A 227 1.26 17.36 20.73
C VAL A 227 2.19 18.47 20.24
N VAL A 228 3.20 18.09 19.45
CA VAL A 228 4.06 19.05 18.82
C VAL A 228 4.20 18.66 17.35
N VAL A 229 4.04 19.65 16.47
CA VAL A 229 4.15 19.44 15.05
C VAL A 229 5.12 20.46 14.48
N LEU A 230 6.10 19.97 13.71
CA LEU A 230 7.07 20.85 13.04
C LEU A 230 6.95 20.60 11.54
N GLY A 231 6.74 21.65 10.74
CA GLY A 231 6.63 21.52 9.28
C GLY A 231 7.00 22.79 8.54
N ARG A 232 7.03 22.73 7.21
CA ARG A 232 7.33 23.93 6.41
C ARG A 232 6.12 24.86 6.38
N GLU A 233 4.94 24.32 6.66
CA GLU A 233 3.71 25.12 6.60
C GLU A 233 3.71 26.32 7.54
N SER A 234 2.93 27.34 7.20
CA SER A 234 2.73 28.50 8.08
C SER A 234 2.14 28.04 9.41
N LEU A 235 2.28 28.88 10.44
CA LEU A 235 1.67 28.63 11.75
C LEU A 235 0.13 28.49 11.68
N ASP A 236 -0.50 29.28 10.81
CA ASP A 236 -1.96 29.17 10.54
C ASP A 236 -2.34 27.83 9.91
N ASP A 237 -1.60 27.42 8.89
CA ASP A 237 -1.81 26.11 8.27
C ASP A 237 -1.59 24.93 9.23
N LEU A 238 -0.49 24.98 9.98
CA LEU A 238 -0.25 23.99 11.04
C LEU A 238 -1.38 23.98 12.09
N THR A 239 -1.88 25.16 12.45
CA THR A 239 -2.99 25.24 13.40
C THR A 239 -4.24 24.51 12.90
N ASN A 240 -4.68 24.82 11.68
CA ASN A 240 -5.81 24.12 11.06
C ASN A 240 -5.61 22.61 10.96
N LEU A 241 -4.38 22.19 10.68
CA LEU A 241 -4.04 20.76 10.58
C LEU A 241 -4.29 20.07 11.90
N VAL A 242 -3.77 20.66 12.98
CA VAL A 242 -3.84 20.02 14.29
C VAL A 242 -5.26 20.01 14.84
N VAL A 243 -5.98 21.11 14.64
CA VAL A 243 -7.41 21.19 14.96
C VAL A 243 -8.19 20.12 14.17
N LYS A 244 -8.04 20.11 12.84
CA LYS A 244 -8.58 19.06 11.99
C LYS A 244 -8.40 17.68 12.62
N LEU A 245 -7.16 17.32 12.96
CA LEU A 245 -6.89 15.92 13.29
C LEU A 245 -7.04 15.56 14.77
N PHE A 246 -6.83 16.51 15.66
CA PHE A 246 -6.79 16.17 17.08
C PHE A 246 -7.98 16.65 17.92
N SER A 247 -8.88 17.42 17.31
CA SER A 247 -10.12 17.88 18.00
C SER A 247 -11.04 16.76 18.42
N GLU A 248 -11.00 15.65 17.69
CA GLU A 248 -11.92 14.56 17.99
C GLU A 248 -11.47 13.61 19.11
N VAL A 249 -10.26 13.79 19.64
CA VAL A 249 -9.84 12.99 20.80
C VAL A 249 -10.76 13.34 21.96
N GLU A 250 -11.32 12.32 22.60
CA GLU A 250 -12.24 12.52 23.70
C GLU A 250 -11.56 12.99 24.96
N ASN A 251 -12.15 14.02 25.58
CA ASN A 251 -11.80 14.37 26.96
C ASN A 251 -12.59 13.52 27.95
N LYS A 252 -11.89 12.70 28.73
CA LYS A 252 -12.51 11.94 29.81
C LYS A 252 -12.18 12.48 31.21
N ASN A 253 -11.60 13.68 31.24
CA ASN A 253 -11.27 14.41 32.48
C ASN A 253 -10.54 13.62 33.53
N VAL A 254 -9.53 12.86 33.10
CA VAL A 254 -8.80 11.96 33.98
C VAL A 254 -7.88 12.72 34.92
N PRO A 255 -7.98 12.46 36.24
CA PRO A 255 -7.04 13.08 37.14
C PRO A 255 -5.62 12.63 36.82
N LEU A 256 -4.68 13.56 36.85
CA LEU A 256 -3.27 13.27 36.68
C LEU A 256 -2.78 12.49 37.90
N PRO A 257 -2.25 11.27 37.70
CA PRO A 257 -1.73 10.53 38.85
C PRO A 257 -0.62 11.30 39.58
N GLU A 258 -0.59 11.14 40.90
CA GLU A 258 0.35 11.86 41.76
C GLU A 258 0.78 10.90 42.85
N PHE A 259 2.02 11.05 43.31
CA PHE A 259 2.60 10.09 44.26
C PHE A 259 3.31 10.85 45.39
N PRO A 260 2.52 11.56 46.24
CA PRO A 260 3.10 12.40 47.31
C PRO A 260 3.87 11.62 48.40
N GLU A 261 3.47 10.38 48.65
CA GLU A 261 4.18 9.55 49.61
C GLU A 261 5.41 8.94 48.96
N HIS A 262 6.57 9.20 49.55
CA HIS A 262 7.83 8.68 49.02
C HIS A 262 7.87 7.17 49.16
N PRO A 263 8.30 6.45 48.11
CA PRO A 263 8.45 4.99 48.20
C PRO A 263 9.45 4.53 49.25
N PHE A 264 10.35 5.41 49.66
CA PHE A 264 11.29 5.12 50.75
C PHE A 264 10.80 5.80 52.02
N GLN A 265 10.22 4.99 52.90
CA GLN A 265 9.76 5.43 54.20
C GLN A 265 10.85 5.11 55.24
N GLU A 266 10.55 5.32 56.52
CA GLU A 266 11.55 5.16 57.58
C GLU A 266 12.30 3.84 57.52
N GLU A 267 11.56 2.74 57.42
CA GLU A 267 12.13 1.40 57.46
C GLU A 267 12.97 1.06 56.22
N HIS A 268 12.91 1.92 55.20
CA HIS A 268 13.70 1.75 53.99
C HIS A 268 14.97 2.58 54.04
N LEU A 269 15.14 3.33 55.12
CA LEU A 269 16.30 4.21 55.28
C LEU A 269 17.31 3.58 56.24
N LYS A 270 18.53 4.11 56.23
CA LYS A 270 19.67 3.51 56.95
C LYS A 270 19.82 2.01 56.61
N GLN A 271 19.65 1.69 55.34
CA GLN A 271 19.81 0.33 54.85
C GLN A 271 21.04 0.23 53.96
N LEU A 272 21.70 -0.92 54.04
CA LEU A 272 22.83 -1.29 53.20
C LEU A 272 22.46 -2.47 52.32
N TYR A 273 22.81 -2.41 51.04
CA TYR A 273 22.55 -3.51 50.10
C TYR A 273 23.87 -3.96 49.50
N LYS A 274 24.06 -5.27 49.46
CA LYS A 274 25.28 -5.84 48.94
C LYS A 274 24.86 -6.66 47.76
N ILE A 275 25.41 -6.34 46.59
CA ILE A 275 24.84 -6.82 45.32
C ILE A 275 25.89 -7.49 44.46
N VAL A 276 25.54 -8.63 43.88
CA VAL A 276 26.42 -9.31 42.94
C VAL A 276 26.11 -8.83 41.50
N PRO A 277 27.09 -8.22 40.82
CA PRO A 277 26.86 -7.80 39.42
C PRO A 277 27.11 -8.92 38.40
N ILE A 278 26.72 -8.70 37.14
CA ILE A 278 27.04 -9.63 36.06
C ILE A 278 28.47 -9.39 35.57
N LYS A 279 28.77 -8.14 35.18
CA LYS A 279 30.13 -7.73 34.86
C LYS A 279 30.98 -7.62 36.13
N ASP A 280 32.30 -7.75 35.98
CA ASP A 280 33.22 -7.48 37.08
C ASP A 280 33.37 -5.99 37.25
N ILE A 281 32.42 -5.41 37.99
CA ILE A 281 32.37 -3.98 38.28
C ILE A 281 32.30 -3.75 39.78
N ARG A 282 32.67 -2.55 40.19
CA ARG A 282 32.84 -2.23 41.58
C ARG A 282 32.31 -0.83 41.82
N ASN A 283 31.10 -0.73 42.37
CA ASN A 283 30.45 0.57 42.51
C ASN A 283 29.80 0.76 43.85
N LEU A 284 29.66 2.03 44.23
CA LEU A 284 28.93 2.44 45.42
C LEU A 284 27.85 3.47 45.08
N TYR A 285 26.61 3.17 45.47
CA TYR A 285 25.46 4.04 45.24
C TYR A 285 24.97 4.53 46.57
N VAL A 286 24.99 5.85 46.73
CA VAL A 286 24.45 6.51 47.92
C VAL A 286 23.24 7.32 47.47
N THR A 287 22.10 7.11 48.12
CA THR A 287 20.89 7.84 47.78
C THR A 287 20.09 8.37 48.99
N PHE A 288 19.48 9.52 48.78
CA PHE A 288 18.65 10.18 49.78
C PHE A 288 17.29 10.47 49.13
N PRO A 289 16.19 10.12 49.80
CA PRO A 289 14.88 10.54 49.36
C PRO A 289 14.69 12.04 49.52
N ILE A 290 14.05 12.66 48.56
CA ILE A 290 13.80 14.09 48.65
C ILE A 290 12.41 14.40 48.15
N PRO A 291 11.89 15.59 48.50
CA PRO A 291 10.67 16.04 47.84
C PRO A 291 10.85 16.26 46.33
N ASP A 292 9.72 16.39 45.64
CA ASP A 292 9.69 16.73 44.25
C ASP A 292 10.10 18.20 44.12
N LEU A 293 11.19 18.45 43.40
CA LEU A 293 11.71 19.81 43.23
C LEU A 293 11.33 20.42 41.88
N GLN A 294 10.67 19.64 41.04
CA GLN A 294 10.29 20.07 39.70
C GLN A 294 9.67 21.47 39.67
N LYS A 295 8.77 21.74 40.61
CA LYS A 295 8.09 23.05 40.64
C LYS A 295 9.04 24.23 40.82
N TYR A 296 10.26 23.95 41.27
CA TYR A 296 11.25 24.99 41.58
C TYR A 296 12.20 25.26 40.42
N TYR A 297 11.74 25.01 39.20
CA TYR A 297 12.58 25.12 38.02
C TYR A 297 13.24 26.49 37.78
N LYS A 298 12.69 27.54 38.37
CA LYS A 298 13.22 28.90 38.18
C LYS A 298 14.45 29.16 39.03
N SER A 299 14.65 28.33 40.04
CA SER A 299 15.82 28.44 40.93
C SER A 299 16.71 27.19 40.88
N ASN A 300 16.05 26.02 40.77
CA ASN A 300 16.74 24.74 40.68
C ASN A 300 17.74 24.44 41.78
N PRO A 301 17.25 24.32 43.02
CA PRO A 301 18.13 24.07 44.17
C PRO A 301 18.95 22.77 44.05
N GLY A 302 18.34 21.72 43.49
CA GLY A 302 19.03 20.43 43.35
C GLY A 302 20.16 20.42 42.32
N HIS A 303 20.01 21.21 41.26
CA HIS A 303 21.05 21.38 40.24
C HIS A 303 22.25 22.11 40.83
N TYR A 304 21.98 23.13 41.64
CA TYR A 304 23.00 23.89 42.36
C TYR A 304 23.81 22.95 43.25
N LEU A 305 23.13 22.09 44.01
CA LEU A 305 23.81 21.13 44.86
C LEU A 305 24.52 20.02 44.08
N GLY A 306 23.91 19.57 42.99
CA GLY A 306 24.53 18.63 42.08
C GLY A 306 25.82 19.19 41.49
N HIS A 307 25.76 20.41 40.99
CA HIS A 307 26.95 21.12 40.51
C HIS A 307 28.10 21.14 41.51
N LEU A 308 27.78 21.37 42.78
CA LEU A 308 28.81 21.51 43.81
C LEU A 308 29.31 20.13 44.26
N ILE A 309 28.38 19.26 44.65
CA ILE A 309 28.74 17.94 45.10
C ILE A 309 29.39 17.11 43.97
N GLY A 310 28.89 17.27 42.75
CA GLY A 310 29.40 16.55 41.59
C GLY A 310 30.62 17.16 40.92
N HIS A 311 31.16 18.26 41.49
CA HIS A 311 32.28 18.96 40.88
C HIS A 311 33.54 18.08 40.84
N GLU A 312 34.39 18.35 39.86
CA GLU A 312 35.59 17.55 39.63
C GLU A 312 36.85 18.42 39.62
N GLY A 313 36.68 19.68 40.03
CA GLY A 313 37.78 20.65 40.02
C GLY A 313 38.60 20.54 41.29
N PRO A 314 39.65 21.38 41.41
CA PRO A 314 40.43 21.45 42.65
C PRO A 314 39.53 21.70 43.86
N GLY A 315 39.80 21.02 44.97
CA GLY A 315 39.00 21.16 46.20
C GLY A 315 37.72 20.33 46.27
N SER A 316 37.38 19.63 45.19
CA SER A 316 36.17 18.81 45.15
C SER A 316 36.28 17.50 45.96
N LEU A 317 35.12 17.02 46.40
CA LEU A 317 34.92 15.63 46.84
C LEU A 317 35.69 14.62 45.96
N LEU A 318 35.41 14.57 44.66
CA LEU A 318 36.08 13.63 43.77
C LEU A 318 37.59 13.72 43.85
N SER A 319 38.13 14.95 43.89
CA SER A 319 39.59 15.12 43.96
C SER A 319 40.23 14.38 45.12
N GLU A 320 39.62 14.47 46.29
CA GLU A 320 40.16 13.85 47.48
C GLU A 320 40.02 12.33 47.43
N LEU A 321 38.88 11.84 46.93
CA LEU A 321 38.62 10.39 46.83
C LEU A 321 39.54 9.72 45.81
N LYS A 322 39.89 10.49 44.79
CA LYS A 322 40.81 10.07 43.75
C LYS A 322 42.23 10.02 44.30
N SER A 323 42.65 11.11 44.96
CA SER A 323 43.95 11.21 45.66
C SER A 323 44.21 10.09 46.68
N LYS A 324 43.19 9.74 47.44
CA LYS A 324 43.23 8.59 48.34
C LYS A 324 43.33 7.25 47.61
N GLY A 325 43.12 7.25 46.31
CA GLY A 325 43.13 6.03 45.51
C GLY A 325 41.91 5.16 45.73
N TRP A 326 40.79 5.77 46.11
CA TRP A 326 39.57 5.05 46.43
C TRP A 326 38.53 4.96 45.30
N VAL A 327 38.38 6.02 44.51
CA VAL A 327 37.38 6.06 43.46
C VAL A 327 38.00 6.71 42.23
N ASN A 328 37.48 6.41 41.05
CA ASN A 328 37.94 7.12 39.84
C ASN A 328 36.95 8.12 39.27
N THR A 329 35.65 7.84 39.40
CA THR A 329 34.63 8.71 38.83
C THR A 329 33.49 8.94 39.84
N LEU A 330 32.79 10.06 39.68
CA LEU A 330 31.70 10.41 40.57
C LEU A 330 30.57 11.10 39.82
N VAL A 331 29.33 10.72 40.12
CA VAL A 331 28.16 11.45 39.66
C VAL A 331 27.29 11.82 40.87
N GLY A 332 26.95 13.10 40.98
CA GLY A 332 26.11 13.58 42.07
C GLY A 332 25.00 14.47 41.56
N GLY A 333 23.87 14.44 42.25
CA GLY A 333 22.80 15.37 41.95
C GLY A 333 21.41 14.79 42.08
N GLN A 334 20.45 15.54 41.58
CA GLN A 334 19.06 15.11 41.66
C GLN A 334 18.72 14.11 40.55
N LYS A 335 17.82 13.21 40.87
CA LYS A 335 17.39 12.17 39.99
C LYS A 335 15.85 12.14 40.09
N GLU A 336 15.16 12.05 38.95
CA GLU A 336 13.69 12.00 38.95
C GLU A 336 13.12 10.75 39.60
N GLY A 337 11.91 10.92 40.14
CA GLY A 337 11.11 9.83 40.65
C GLY A 337 9.82 9.89 39.86
N ALA A 338 8.80 10.56 40.43
CA ALA A 338 7.57 10.87 39.70
C ALA A 338 6.95 12.07 40.38
N ARG A 339 5.84 12.59 39.84
CA ARG A 339 5.07 13.66 40.50
C ARG A 339 4.95 13.32 41.99
N GLY A 340 5.68 14.04 42.84
CA GLY A 340 5.60 13.84 44.29
C GLY A 340 6.82 13.34 45.02
N PHE A 341 7.74 12.67 44.33
CA PHE A 341 8.99 12.21 44.95
C PHE A 341 10.21 12.31 44.00
N MET A 342 11.38 12.51 44.59
CA MET A 342 12.66 12.55 43.87
C MET A 342 13.75 11.92 44.72
N PHE A 343 14.95 11.84 44.18
CA PHE A 343 16.09 11.25 44.88
C PHE A 343 17.27 12.20 44.70
N PHE A 344 18.17 12.21 45.67
CA PHE A 344 19.45 12.88 45.47
C PHE A 344 20.48 11.78 45.58
N ILE A 345 21.38 11.71 44.60
CA ILE A 345 22.34 10.61 44.54
C ILE A 345 23.80 11.07 44.59
N ILE A 346 24.67 10.20 45.09
CA ILE A 346 26.11 10.36 44.95
C ILE A 346 26.67 8.97 44.69
N ASN A 347 27.07 8.73 43.45
CA ASN A 347 27.53 7.41 43.03
C ASN A 347 28.96 7.47 42.57
N VAL A 348 29.74 6.44 42.93
CA VAL A 348 31.16 6.35 42.59
C VAL A 348 31.52 4.94 42.15
N ASP A 349 32.52 4.82 41.29
CA ASP A 349 33.11 3.50 41.06
C ASP A 349 34.17 3.31 42.15
N LEU A 350 34.63 2.08 42.34
CA LEU A 350 35.53 1.80 43.45
C LEU A 350 36.80 1.14 42.95
N THR A 351 37.94 1.57 43.44
CA THR A 351 39.17 0.82 43.25
C THR A 351 39.11 -0.36 44.23
N GLU A 352 40.05 -1.29 44.11
CA GLU A 352 40.14 -2.43 45.05
C GLU A 352 40.25 -1.92 46.49
N GLU A 353 41.07 -0.90 46.68
CA GLU A 353 41.26 -0.29 47.98
C GLU A 353 39.98 0.42 48.44
N GLY A 354 39.33 1.13 47.52
CA GLY A 354 38.06 1.80 47.82
C GLY A 354 36.96 0.87 48.30
N LEU A 355 36.93 -0.35 47.76
CA LEU A 355 35.99 -1.36 48.23
C LEU A 355 36.14 -1.69 49.72
N LEU A 356 37.37 -1.54 50.24
CA LEU A 356 37.65 -1.78 51.66
C LEU A 356 37.44 -0.54 52.55
N HIS A 357 37.13 0.59 51.91
CA HIS A 357 37.02 1.87 52.62
C HIS A 357 35.71 2.60 52.34
N VAL A 358 34.65 1.84 52.11
CA VAL A 358 33.32 2.38 51.82
C VAL A 358 32.84 3.31 52.93
N GLU A 359 33.06 2.89 54.18
CA GLU A 359 32.70 3.71 55.33
C GLU A 359 33.39 5.08 55.32
N ASP A 360 34.69 5.09 55.01
CA ASP A 360 35.49 6.31 54.93
C ASP A 360 35.08 7.19 53.75
N ILE A 361 34.79 6.55 52.60
CA ILE A 361 34.29 7.27 51.43
C ILE A 361 33.02 8.06 51.78
N ILE A 362 32.08 7.42 52.46
CA ILE A 362 30.81 8.06 52.79
C ILE A 362 30.99 9.18 53.84
N LEU A 363 31.94 8.99 54.78
CA LEU A 363 32.29 10.03 55.75
C LEU A 363 32.77 11.28 55.00
N HIS A 364 33.67 11.10 54.05
CA HIS A 364 34.11 12.20 53.19
C HIS A 364 32.96 12.87 52.43
N MET A 365 31.98 12.08 51.96
CA MET A 365 30.77 12.63 51.33
C MET A 365 30.04 13.59 52.28
N PHE A 366 29.91 13.17 53.55
CA PHE A 366 29.24 13.97 54.59
C PHE A 366 30.05 15.17 55.11
N GLN A 367 31.37 15.01 55.14
CA GLN A 367 32.27 16.15 55.40
C GLN A 367 32.12 17.23 54.33
N TYR A 368 32.13 16.80 53.06
CA TYR A 368 31.89 17.74 51.96
C TYR A 368 30.52 18.42 52.11
N ILE A 369 29.47 17.65 52.40
CA ILE A 369 28.13 18.21 52.61
C ILE A 369 28.12 19.22 53.78
N GLN A 370 28.81 18.88 54.87
CA GLN A 370 28.98 19.80 56.00
C GLN A 370 29.67 21.11 55.61
N LYS A 371 30.66 21.02 54.73
CA LYS A 371 31.32 22.22 54.19
C LYS A 371 30.32 23.12 53.46
N LEU A 372 29.44 22.53 52.65
CA LEU A 372 28.37 23.29 52.00
C LEU A 372 27.48 23.99 53.04
N ARG A 373 27.15 23.27 54.11
CA ARG A 373 26.31 23.84 55.18
C ARG A 373 27.02 24.98 55.90
N ALA A 374 28.31 24.81 56.15
CA ALA A 374 29.14 25.81 56.82
C ALA A 374 29.35 27.10 56.01
N GLU A 375 29.53 26.97 54.70
CA GLU A 375 29.76 28.15 53.86
C GLU A 375 28.47 28.89 53.55
N GLY A 376 27.34 28.19 53.58
CA GLY A 376 26.05 28.74 53.18
C GLY A 376 25.89 28.86 51.66
N PRO A 377 24.66 29.11 51.18
CA PRO A 377 24.39 29.29 49.74
C PRO A 377 25.18 30.44 49.14
N GLN A 378 25.68 30.26 47.93
CA GLN A 378 26.57 31.22 47.29
C GLN A 378 25.90 31.79 46.06
N GLU A 379 25.55 33.07 46.12
CA GLU A 379 24.93 33.71 45.00
C GLU A 379 25.84 33.73 43.77
N TRP A 380 27.15 33.89 43.97
CA TRP A 380 28.09 33.88 42.84
C TRP A 380 28.07 32.52 42.05
N VAL A 381 27.86 31.42 42.76
CA VAL A 381 27.74 30.10 42.13
C VAL A 381 26.45 30.04 41.29
N PHE A 382 25.35 30.48 41.88
CA PHE A 382 24.09 30.60 41.16
C PHE A 382 24.23 31.44 39.89
N GLN A 383 24.85 32.62 40.03
CA GLN A 383 25.15 33.50 38.89
C GLN A 383 25.91 32.85 37.74
N GLU A 384 26.98 32.11 38.03
CA GLU A 384 27.68 31.31 37.00
C GLU A 384 26.75 30.34 36.29
N LEU A 385 26.02 29.56 37.08
CA LEU A 385 25.05 28.61 36.57
C LEU A 385 24.05 29.30 35.64
N LYS A 386 23.46 30.39 36.11
CA LYS A 386 22.56 31.20 35.32
C LYS A 386 23.21 31.71 34.01
N ASP A 387 24.42 32.31 34.14
CA ASP A 387 25.15 32.84 32.99
C ASP A 387 25.43 31.77 31.93
N LEU A 388 25.92 30.61 32.38
CA LEU A 388 26.19 29.47 31.49
C LEU A 388 24.93 28.95 30.79
N ASN A 389 23.86 28.74 31.55
CA ASN A 389 22.56 28.38 30.97
C ASN A 389 22.03 29.38 29.92
N ALA A 390 22.21 30.68 30.16
CA ALA A 390 21.77 31.70 29.20
C ALA A 390 22.60 31.70 27.90
N VAL A 391 23.92 31.53 28.04
CA VAL A 391 24.80 31.38 26.88
C VAL A 391 24.41 30.12 26.11
N ALA A 392 24.23 29.01 26.82
CA ALA A 392 23.84 27.73 26.20
C ALA A 392 22.53 27.86 25.45
N PHE A 393 21.58 28.59 26.03
CA PHE A 393 20.28 28.76 25.39
C PHE A 393 20.36 29.62 24.13
N ARG A 394 21.01 30.78 24.25
CA ARG A 394 21.17 31.68 23.14
C ARG A 394 21.83 30.96 21.94
N PHE A 395 22.88 30.18 22.21
CA PHE A 395 23.68 29.62 21.13
C PHE A 395 23.49 28.12 20.92
N LYS A 396 22.36 27.59 21.38
CA LYS A 396 22.03 26.18 21.23
C LYS A 396 22.02 25.80 19.77
N ASP A 397 22.61 24.65 19.47
CA ASP A 397 22.56 24.06 18.13
C ASP A 397 21.13 23.74 17.76
N LYS A 398 20.80 24.02 16.51
CA LYS A 398 19.52 23.63 15.96
C LYS A 398 19.40 22.10 16.02
N GLU A 399 18.29 21.63 16.56
CA GLU A 399 18.00 20.21 16.77
C GLU A 399 17.38 19.56 15.55
N ARG A 400 17.60 18.26 15.41
CA ARG A 400 16.87 17.43 14.45
C ARG A 400 15.40 17.43 14.89
N PRO A 401 14.46 17.67 13.95
CA PRO A 401 13.02 17.73 14.21
C PRO A 401 12.44 16.61 15.09
N ARG A 402 12.80 15.36 14.79
CA ARG A 402 12.24 14.21 15.49
C ARG A 402 12.51 14.19 17.01
N GLY A 403 13.76 14.48 17.40
CA GLY A 403 14.15 14.57 18.80
C GLY A 403 13.60 15.82 19.46
N TYR A 404 13.53 16.91 18.70
CA TYR A 404 12.99 18.19 19.19
C TYR A 404 11.48 18.10 19.52
N THR A 405 10.67 17.58 18.59
CA THR A 405 9.22 17.44 18.85
C THR A 405 8.94 16.49 20.02
N SER A 406 9.65 15.36 20.06
CA SER A 406 9.52 14.41 21.16
C SER A 406 9.85 15.04 22.52
N LYS A 407 10.94 15.80 22.58
CA LYS A 407 11.33 16.48 23.83
C LYS A 407 10.32 17.53 24.28
N ILE A 408 9.86 18.39 23.38
CA ILE A 408 8.91 19.47 23.73
C ILE A 408 7.57 18.87 24.20
N ALA A 409 7.08 17.82 23.51
CA ALA A 409 5.82 17.15 23.90
C ALA A 409 5.83 16.67 25.35
N GLY A 410 6.97 16.13 25.79
CA GLY A 410 7.14 15.79 27.20
C GLY A 410 7.02 17.00 28.11
N ILE A 411 7.75 18.07 27.79
CA ILE A 411 7.83 19.20 28.73
C ILE A 411 6.65 20.17 28.70
N LEU A 412 5.84 20.12 27.64
CA LEU A 412 4.55 20.81 27.61
C LEU A 412 3.63 20.51 28.81
N HIS A 413 3.82 19.35 29.43
CA HIS A 413 3.06 18.96 30.63
C HIS A 413 3.54 19.67 31.89
N TYR A 414 4.69 20.35 31.83
CA TYR A 414 5.33 20.88 33.04
C TYR A 414 5.44 22.40 33.11
N TYR A 415 5.41 23.06 31.97
CA TYR A 415 5.66 24.49 31.91
C TYR A 415 4.56 25.19 31.12
N PRO A 416 4.32 26.48 31.43
CA PRO A 416 3.43 27.29 30.59
C PRO A 416 3.91 27.28 29.14
N LEU A 417 2.95 27.39 28.21
CA LEU A 417 3.20 27.36 26.78
C LEU A 417 4.36 28.29 26.42
N GLU A 418 4.26 29.52 26.90
CA GLU A 418 5.19 30.60 26.55
C GLU A 418 6.63 30.33 27.01
N GLU A 419 6.79 29.47 28.03
CA GLU A 419 8.07 29.08 28.61
C GLU A 419 8.62 27.70 28.20
N VAL A 420 7.96 26.93 27.32
CA VAL A 420 8.46 25.56 27.06
C VAL A 420 9.86 25.45 26.51
N LEU A 421 10.27 26.45 25.74
CA LEU A 421 11.60 26.47 25.15
C LEU A 421 12.64 26.90 26.18
N THR A 422 12.29 27.82 27.06
CA THR A 422 13.25 28.41 27.99
C THR A 422 13.34 27.68 29.31
N ALA A 423 12.25 27.04 29.72
CA ALA A 423 12.09 26.63 31.11
C ALA A 423 13.22 25.75 31.67
N GLU A 424 13.82 24.94 30.82
CA GLU A 424 14.87 24.05 31.29
C GLU A 424 16.27 24.69 31.30
N TYR A 425 16.34 25.92 30.78
CA TYR A 425 17.58 26.66 30.66
C TYR A 425 17.64 27.82 31.64
N LEU A 426 16.76 28.81 31.46
CA LEU A 426 16.93 30.08 32.14
C LEU A 426 16.59 29.98 33.64
N LEU A 427 17.51 30.46 34.48
CA LEU A 427 17.36 30.48 35.93
C LEU A 427 17.03 31.92 36.30
N GLU A 428 16.19 32.10 37.31
CA GLU A 428 15.65 33.42 37.59
C GLU A 428 15.76 33.87 39.04
N GLU A 429 15.60 32.92 39.94
CA GLU A 429 15.44 33.21 41.34
C GLU A 429 16.58 32.61 42.08
N PHE A 430 17.25 33.41 42.90
CA PHE A 430 18.20 32.89 43.88
C PHE A 430 17.42 32.49 45.12
N ARG A 431 17.53 31.23 45.51
CA ARG A 431 16.71 30.66 46.58
C ARG A 431 17.53 29.95 47.65
N PRO A 432 18.18 30.73 48.53
CA PRO A 432 18.98 30.11 49.59
C PRO A 432 18.12 29.30 50.56
N ASP A 433 16.82 29.62 50.67
CA ASP A 433 15.91 28.83 51.51
C ASP A 433 15.72 27.40 50.95
N LEU A 434 15.63 27.28 49.63
CA LEU A 434 15.45 25.98 48.98
C LEU A 434 16.74 25.18 49.01
N ILE A 435 17.86 25.84 48.78
CA ILE A 435 19.18 25.20 48.83
C ILE A 435 19.42 24.59 50.21
N GLU A 436 19.16 25.36 51.26
CA GLU A 436 19.23 24.87 52.62
C GLU A 436 18.27 23.71 52.90
N MET A 437 17.02 23.83 52.43
CA MET A 437 16.00 22.78 52.64
C MET A 437 16.43 21.43 52.06
N VAL A 438 16.94 21.43 50.83
CA VAL A 438 17.41 20.19 50.19
C VAL A 438 18.64 19.65 50.91
N LEU A 439 19.56 20.57 51.23
CA LEU A 439 20.79 20.23 51.97
C LEU A 439 20.48 19.59 53.34
N ASP A 440 19.38 20.02 53.97
CA ASP A 440 18.90 19.41 55.24
C ASP A 440 18.39 17.96 55.12
N LYS A 441 18.14 17.51 53.88
CA LYS A 441 17.76 16.12 53.60
C LYS A 441 18.95 15.21 53.42
N LEU A 442 20.13 15.77 53.18
CA LEU A 442 21.31 14.97 52.87
C LEU A 442 22.09 14.66 54.15
N ARG A 443 21.50 13.82 54.98
CA ARG A 443 21.98 13.49 56.32
C ARG A 443 22.02 11.97 56.48
N PRO A 444 22.93 11.45 57.35
CA PRO A 444 23.07 9.98 57.55
C PRO A 444 21.79 9.25 57.95
N GLU A 445 20.88 9.91 58.66
CA GLU A 445 19.61 9.26 59.03
C GLU A 445 18.58 9.05 57.90
N ASN A 446 18.74 9.70 56.73
CA ASN A 446 18.01 9.19 55.56
C ASN A 446 18.81 8.68 54.38
N VAL A 447 19.93 8.02 54.67
CA VAL A 447 20.77 7.48 53.62
C VAL A 447 20.43 6.02 53.30
N ARG A 448 20.49 5.68 52.01
CA ARG A 448 20.51 4.29 51.57
C ARG A 448 21.83 4.08 50.86
N VAL A 449 22.45 2.93 51.12
CA VAL A 449 23.79 2.63 50.60
C VAL A 449 23.76 1.27 49.90
N ALA A 450 24.35 1.21 48.70
CA ALA A 450 24.42 -0.02 47.91
C ALA A 450 25.83 -0.19 47.38
N ILE A 451 26.38 -1.37 47.63
CA ILE A 451 27.69 -1.74 47.12
C ILE A 451 27.47 -2.84 46.11
N VAL A 452 28.06 -2.69 44.93
CA VAL A 452 27.99 -3.69 43.87
C VAL A 452 29.38 -4.29 43.72
N SER A 453 29.47 -5.60 43.92
CA SER A 453 30.77 -6.28 43.85
C SER A 453 30.65 -7.79 43.69
N LYS A 454 31.55 -8.37 42.88
CA LYS A 454 31.63 -9.83 42.75
C LYS A 454 32.03 -10.48 44.07
N SER A 455 32.71 -9.74 44.95
CA SER A 455 33.13 -10.26 46.25
C SER A 455 31.97 -10.69 47.15
N PHE A 456 30.73 -10.30 46.80
CA PHE A 456 29.56 -10.71 47.56
C PHE A 456 28.97 -12.04 47.04
N GLU A 457 29.60 -12.60 46.01
CA GLU A 457 29.18 -13.84 45.40
C GLU A 457 29.20 -14.98 46.43
N GLY A 458 28.04 -15.60 46.62
CA GLY A 458 27.87 -16.69 47.57
C GLY A 458 27.50 -16.23 48.97
N LYS A 459 27.55 -14.91 49.18
CA LYS A 459 27.32 -14.32 50.50
C LYS A 459 25.97 -13.59 50.59
N THR A 460 25.12 -13.82 49.59
CA THR A 460 23.83 -13.15 49.49
C THR A 460 22.73 -14.12 49.87
N ASP A 461 21.58 -13.61 50.33
CA ASP A 461 20.43 -14.43 50.74
C ASP A 461 19.09 -13.99 50.13
N ARG A 462 19.13 -13.02 49.22
CA ARG A 462 17.90 -12.57 48.54
C ARG A 462 18.04 -12.60 47.04
N THR A 463 16.89 -12.63 46.37
CA THR A 463 16.82 -12.72 44.92
C THR A 463 15.68 -11.81 44.50
N GLU A 464 16.01 -10.85 43.62
CA GLU A 464 15.00 -9.99 43.03
C GLU A 464 14.32 -10.82 41.91
N GLU A 465 12.99 -10.80 41.89
CA GLU A 465 12.23 -11.77 41.09
C GLU A 465 12.24 -11.56 39.58
N TRP A 466 12.20 -10.31 39.14
CA TRP A 466 12.10 -10.02 37.72
C TRP A 466 13.41 -10.21 36.95
N TYR A 467 14.54 -10.09 37.64
CA TYR A 467 15.84 -10.12 36.98
C TYR A 467 16.73 -11.22 37.55
N GLY A 468 16.45 -11.64 38.78
CA GLY A 468 17.23 -12.70 39.43
C GLY A 468 18.40 -12.20 40.24
N THR A 469 18.51 -10.88 40.41
CA THR A 469 19.64 -10.23 41.07
C THR A 469 19.92 -10.79 42.49
N GLN A 470 21.17 -11.15 42.75
CA GLN A 470 21.58 -11.69 44.05
C GLN A 470 22.03 -10.60 44.99
N TYR A 471 21.34 -10.47 46.11
CA TYR A 471 21.70 -9.41 47.05
C TYR A 471 21.42 -9.74 48.52
N LYS A 472 21.95 -8.89 49.40
CA LYS A 472 21.78 -9.00 50.83
C LYS A 472 21.40 -7.61 51.36
N GLN A 473 20.41 -7.56 52.26
CA GLN A 473 20.05 -6.30 52.92
C GLN A 473 20.35 -6.30 54.42
N GLU A 474 21.05 -5.27 54.87
CA GLU A 474 21.42 -5.09 56.28
C GLU A 474 21.08 -3.68 56.75
N ALA A 475 20.73 -3.55 58.03
CA ALA A 475 20.67 -2.25 58.66
C ALA A 475 22.09 -1.74 58.84
N ILE A 476 22.32 -0.47 58.53
CA ILE A 476 23.58 0.19 58.89
C ILE A 476 23.61 0.36 60.43
N PRO A 477 24.71 -0.10 61.07
CA PRO A 477 24.87 0.02 62.53
C PRO A 477 24.74 1.47 63.02
N ASP A 478 23.97 1.66 64.11
CA ASP A 478 23.81 2.95 64.77
C ASP A 478 25.13 3.69 64.98
N GLU A 479 26.19 2.96 65.31
CA GLU A 479 27.52 3.54 65.49
C GLU A 479 28.12 4.11 64.20
N VAL A 480 27.84 3.45 63.07
CA VAL A 480 28.32 3.95 61.78
C VAL A 480 27.60 5.28 61.40
N ILE A 481 26.28 5.28 61.60
CA ILE A 481 25.43 6.46 61.37
C ILE A 481 25.91 7.66 62.17
N LYS A 482 26.11 7.45 63.47
CA LYS A 482 26.53 8.49 64.40
C LYS A 482 27.88 9.08 64.01
N LYS A 483 28.80 8.20 63.60
CA LYS A 483 30.10 8.63 63.10
C LYS A 483 29.95 9.57 61.90
N TRP A 484 29.06 9.22 60.97
CA TRP A 484 28.79 10.07 59.79
C TRP A 484 28.10 11.37 60.20
N GLN A 485 27.19 11.28 61.17
CA GLN A 485 26.50 12.44 61.73
C GLN A 485 27.46 13.45 62.35
N ASN A 486 28.60 12.95 62.83
CA ASN A 486 29.63 13.80 63.42
C ASN A 486 30.72 14.27 62.49
N ALA A 487 30.51 14.10 61.19
CA ALA A 487 31.45 14.57 60.19
C ALA A 487 31.72 16.06 60.38
N ASP A 488 32.99 16.43 60.49
CA ASP A 488 33.36 17.83 60.62
C ASP A 488 34.11 18.29 59.38
N LEU A 489 34.70 19.47 59.43
CA LEU A 489 35.31 20.05 58.24
C LEU A 489 36.65 19.41 57.97
N ASN A 490 36.84 19.01 56.72
CA ASN A 490 38.08 18.45 56.22
C ASN A 490 38.71 19.53 55.35
N GLY A 491 39.95 19.91 55.67
CA GLY A 491 40.63 21.02 54.99
C GLY A 491 40.93 20.79 53.51
N LYS A 492 40.68 19.58 53.04
CA LYS A 492 40.88 19.24 51.63
C LYS A 492 39.72 19.74 50.78
N PHE A 493 38.56 19.95 51.42
CA PHE A 493 37.36 20.39 50.73
C PHE A 493 37.19 21.91 50.70
N LYS A 494 37.20 22.44 49.47
CA LYS A 494 36.98 23.85 49.21
C LYS A 494 35.99 23.97 48.08
N LEU A 495 35.21 25.03 48.11
CA LEU A 495 34.33 25.41 47.03
C LEU A 495 35.20 25.66 45.80
N PRO A 496 34.62 25.48 44.59
CA PRO A 496 35.29 25.83 43.34
C PRO A 496 35.59 27.32 43.33
N THR A 497 36.54 27.75 42.52
CA THR A 497 36.77 29.17 42.34
C THR A 497 36.12 29.59 41.02
N LYS A 498 36.10 30.90 40.74
CA LYS A 498 35.52 31.42 39.50
C LYS A 498 35.98 30.57 38.30
N ASN A 499 35.04 30.22 37.43
CA ASN A 499 35.36 29.45 36.23
C ASN A 499 35.88 30.36 35.13
N GLU A 500 37.18 30.32 34.90
CA GLU A 500 37.85 31.24 33.97
C GLU A 500 37.73 30.83 32.51
N PHE A 501 37.17 29.65 32.26
CA PHE A 501 36.88 29.21 30.90
C PHE A 501 35.54 29.74 30.39
N ILE A 502 34.76 30.37 31.26
CA ILE A 502 33.48 30.94 30.82
C ILE A 502 33.75 31.89 29.64
N PRO A 503 33.13 31.63 28.47
CA PRO A 503 33.43 32.42 27.28
C PRO A 503 32.80 33.81 27.36
N THR A 504 33.44 34.80 26.74
CA THR A 504 32.91 36.16 26.70
C THR A 504 32.95 36.77 25.29
N ASN A 505 33.77 36.21 24.41
CA ASN A 505 33.84 36.67 23.04
C ASN A 505 32.98 35.81 22.10
N PHE A 506 31.83 36.36 21.71
CA PHE A 506 30.90 35.64 20.85
C PHE A 506 30.80 36.24 19.46
N GLU A 507 31.78 37.05 19.08
CA GLU A 507 31.82 37.70 17.77
C GLU A 507 31.89 36.65 16.66
N ILE A 508 31.06 36.84 15.64
CA ILE A 508 31.09 36.01 14.46
C ILE A 508 31.92 36.74 13.40
N LEU A 509 33.05 36.13 13.03
CA LEU A 509 33.96 36.72 12.04
C LEU A 509 33.31 36.80 10.67
N PRO A 510 33.57 37.90 9.93
CA PRO A 510 32.93 38.03 8.62
C PRO A 510 33.43 36.93 7.70
N LEU A 511 32.58 36.54 6.75
CA LEU A 511 32.91 35.46 5.84
C LEU A 511 33.98 35.95 4.88
N GLU A 512 35.15 35.31 4.94
CA GLU A 512 36.31 35.69 4.12
C GLU A 512 35.95 35.67 2.63
N LYS A 513 36.63 36.51 1.84
CA LYS A 513 36.36 36.57 0.39
C LYS A 513 36.68 35.26 -0.36
N GLU A 514 37.70 34.54 0.10
CA GLU A 514 38.10 33.26 -0.52
C GLU A 514 37.47 32.01 0.15
N ALA A 515 36.43 32.22 0.96
CA ALA A 515 35.69 31.13 1.62
C ALA A 515 35.11 30.15 0.59
N THR A 516 35.06 28.87 0.96
CA THR A 516 34.63 27.78 0.10
C THR A 516 33.43 27.03 0.70
N PRO A 517 32.58 26.41 -0.15
CA PRO A 517 31.45 25.56 0.31
C PRO A 517 31.87 24.26 1.01
N TYR A 518 33.01 23.70 0.62
CA TYR A 518 33.57 22.49 1.23
C TYR A 518 34.91 22.78 1.89
N PRO A 519 35.42 21.85 2.74
CA PRO A 519 36.77 22.08 3.28
C PRO A 519 37.80 22.17 2.16
N ALA A 520 38.68 23.14 2.29
CA ALA A 520 39.76 23.33 1.33
C ALA A 520 41.03 22.78 1.96
N LEU A 521 41.91 22.23 1.14
CA LEU A 521 43.20 21.75 1.65
C LEU A 521 44.15 22.94 1.65
N ILE A 522 44.45 23.46 2.83
CA ILE A 522 45.16 24.71 2.90
C ILE A 522 46.58 24.50 3.40
N LYS A 523 46.92 23.26 3.72
CA LYS A 523 48.28 22.91 4.08
C LYS A 523 48.52 21.44 3.75
N ASP A 524 49.61 21.16 3.02
CA ASP A 524 49.93 19.80 2.58
C ASP A 524 51.43 19.53 2.67
N THR A 525 51.89 19.17 3.87
CA THR A 525 53.30 19.02 4.12
C THR A 525 53.59 17.60 4.61
N ALA A 526 54.85 17.29 4.84
CA ALA A 526 55.24 15.97 5.33
C ALA A 526 54.63 15.70 6.70
N MET A 527 54.58 16.76 7.51
CA MET A 527 54.09 16.66 8.88
C MET A 527 52.56 16.71 9.00
N SER A 528 51.89 17.46 8.12
CA SER A 528 50.47 17.72 8.30
C SER A 528 49.67 18.05 7.05
N LYS A 529 48.42 17.60 7.09
CA LYS A 529 47.47 17.88 6.04
C LYS A 529 46.27 18.60 6.70
N LEU A 530 46.06 19.86 6.34
CA LEU A 530 45.03 20.71 6.97
C LEU A 530 43.86 21.03 6.04
N TRP A 531 42.69 20.49 6.39
CA TRP A 531 41.42 20.80 5.71
C TRP A 531 40.70 21.89 6.49
N PHE A 532 40.20 22.91 5.82
CA PHE A 532 39.66 24.06 6.54
C PHE A 532 38.37 24.55 5.92
N LYS A 533 37.40 24.86 6.77
CA LYS A 533 36.20 25.55 6.29
C LYS A 533 35.67 26.50 7.35
N GLN A 534 35.58 27.77 6.98
CA GLN A 534 34.91 28.74 7.81
C GLN A 534 33.41 28.50 7.66
N ASP A 535 32.72 28.33 8.79
CA ASP A 535 31.26 28.14 8.79
C ASP A 535 30.52 29.21 7.96
N ASP A 536 29.71 28.74 7.00
CA ASP A 536 28.90 29.62 6.15
C ASP A 536 27.39 29.38 6.30
N LYS A 537 26.97 28.78 7.41
CA LYS A 537 25.59 28.28 7.55
C LYS A 537 24.97 28.53 8.91
N PHE A 538 25.71 28.26 9.98
CA PHE A 538 25.13 28.22 11.35
C PHE A 538 25.32 29.51 12.13
N PHE A 539 26.47 30.14 11.95
CA PHE A 539 26.77 31.47 12.50
C PHE A 539 26.64 31.54 14.01
N LEU A 540 27.03 30.46 14.67
CA LEU A 540 27.19 30.39 16.12
C LEU A 540 28.67 30.52 16.45
N PRO A 541 29.02 31.05 17.64
CA PRO A 541 30.45 31.24 17.98
C PRO A 541 31.10 29.96 18.50
N LYS A 542 31.21 28.96 17.64
CA LYS A 542 31.73 27.64 18.02
C LYS A 542 32.64 27.14 16.92
N ALA A 543 33.48 26.16 17.25
CA ALA A 543 34.28 25.50 16.21
C ALA A 543 34.60 24.06 16.60
N ASN A 544 34.76 23.20 15.60
CA ASN A 544 35.26 21.85 15.77
C ASN A 544 36.66 21.71 15.18
N LEU A 545 37.59 21.24 16.02
CA LEU A 545 39.00 21.03 15.65
C LEU A 545 39.29 19.54 15.80
N ASN A 546 39.39 18.85 14.68
CA ASN A 546 39.59 17.39 14.64
C ASN A 546 41.00 17.07 14.11
N PHE A 547 41.70 16.18 14.79
CA PHE A 547 43.05 15.77 14.41
C PHE A 547 43.17 14.25 14.43
N GLU A 548 43.60 13.66 13.32
CA GLU A 548 44.15 12.30 13.33
C GLU A 548 45.67 12.36 13.39
N PHE A 549 46.24 11.71 14.41
CA PHE A 549 47.68 11.55 14.54
C PHE A 549 48.06 10.15 14.03
N PHE A 550 48.79 10.08 12.93
CA PHE A 550 49.20 8.78 12.41
C PHE A 550 50.53 8.31 12.98
N SER A 551 50.52 7.11 13.56
CA SER A 551 51.72 6.42 13.99
C SER A 551 51.47 4.92 13.98
N PRO A 552 52.29 4.17 13.20
CA PRO A 552 52.18 2.72 13.08
C PRO A 552 52.43 2.04 14.43
N PHE A 553 53.07 2.76 15.32
CA PHE A 553 53.44 2.26 16.64
C PHE A 553 52.29 2.14 17.67
N ALA A 554 51.11 2.65 17.33
CA ALA A 554 49.92 2.54 18.19
C ALA A 554 49.21 1.19 18.09
N TYR A 555 49.56 0.40 17.08
CA TYR A 555 48.85 -0.84 16.82
C TYR A 555 49.77 -1.94 16.27
N VAL A 556 51.08 -1.71 16.37
CA VAL A 556 52.05 -2.67 15.84
C VAL A 556 51.82 -4.09 16.42
N ASP A 557 51.60 -4.18 17.73
CA ASP A 557 51.23 -5.44 18.34
C ASP A 557 50.18 -5.22 19.45
N PRO A 558 49.63 -6.31 20.05
CA PRO A 558 48.71 -6.13 21.18
C PRO A 558 49.27 -5.33 22.34
N LEU A 559 50.58 -5.48 22.62
CA LEU A 559 51.23 -4.73 23.70
C LEU A 559 51.18 -3.22 23.48
N HIS A 560 51.51 -2.79 22.27
CA HIS A 560 51.57 -1.39 21.89
C HIS A 560 50.19 -0.75 21.80
N SER A 561 49.22 -1.53 21.35
CA SER A 561 47.83 -1.13 21.38
C SER A 561 47.36 -0.89 22.82
N ASN A 562 47.75 -1.79 23.73
CA ASN A 562 47.49 -1.62 25.15
C ASN A 562 48.10 -0.37 25.73
N MET A 563 49.32 -0.06 25.29
CA MET A 563 50.06 1.04 25.84
C MET A 563 49.48 2.37 25.32
N ALA A 564 49.11 2.39 24.03
CA ALA A 564 48.43 3.53 23.41
C ALA A 564 47.18 3.92 24.20
N TYR A 565 46.35 2.91 24.46
CA TYR A 565 45.17 3.06 25.27
C TYR A 565 45.51 3.62 26.67
N LEU A 566 46.39 2.91 27.39
CA LEU A 566 46.70 3.33 28.76
C LEU A 566 47.26 4.75 28.83
N TYR A 567 48.12 5.09 27.87
CA TYR A 567 48.71 6.41 27.75
C TYR A 567 47.65 7.52 27.71
N LEU A 568 46.72 7.40 26.78
CA LEU A 568 45.67 8.37 26.62
C LEU A 568 44.69 8.39 27.81
N GLU A 569 44.41 7.23 28.42
CA GLU A 569 43.55 7.19 29.62
C GLU A 569 44.18 7.88 30.80
N LEU A 570 45.49 7.70 30.96
CA LEU A 570 46.23 8.35 32.04
C LEU A 570 46.33 9.86 31.82
N LEU A 571 46.44 10.25 30.55
CA LEU A 571 46.48 11.65 30.17
C LEU A 571 45.15 12.38 30.46
N LYS A 572 44.03 11.81 30.02
CA LYS A 572 42.70 12.34 30.35
C LYS A 572 42.47 12.41 31.86
N ASP A 573 42.83 11.34 32.55
CA ASP A 573 42.78 11.30 34.02
C ASP A 573 43.60 12.42 34.66
N SER A 574 44.76 12.71 34.08
CA SER A 574 45.65 13.76 34.56
C SER A 574 45.12 15.17 34.27
N LEU A 575 44.54 15.39 33.09
CA LEU A 575 43.93 16.67 32.71
C LEU A 575 42.56 16.97 33.35
N ASN A 576 41.95 15.96 33.98
CA ASN A 576 40.54 16.01 34.34
C ASN A 576 40.15 17.24 35.15
N GLU A 577 40.86 17.45 36.25
CA GLU A 577 40.62 18.58 37.13
C GLU A 577 40.59 19.91 36.41
N TYR A 578 41.51 20.10 35.46
CA TYR A 578 41.63 21.30 34.65
C TYR A 578 40.56 21.37 33.55
N ALA A 579 40.32 20.23 32.89
CA ALA A 579 39.43 20.20 31.75
C ALA A 579 37.97 20.30 32.16
N TYR A 580 37.68 20.03 33.43
CA TYR A 580 36.30 20.01 33.91
C TYR A 580 35.64 21.39 33.85
N ALA A 581 36.37 22.42 34.24
CA ALA A 581 35.92 23.82 34.12
C ALA A 581 35.56 24.19 32.69
N ALA A 582 36.39 23.77 31.74
CA ALA A 582 36.19 24.03 30.31
C ALA A 582 34.90 23.35 29.84
N GLU A 583 34.70 22.12 30.31
CA GLU A 583 33.54 21.33 29.99
C GLU A 583 32.23 21.99 30.50
N LEU A 584 32.21 22.42 31.75
CA LEU A 584 31.08 23.20 32.26
C LEU A 584 30.81 24.42 31.40
N ALA A 585 31.88 25.05 30.89
CA ALA A 585 31.78 26.26 30.09
C ALA A 585 31.58 25.99 28.58
N GLY A 586 31.12 24.78 28.24
CA GLY A 586 30.79 24.45 26.85
C GLY A 586 31.96 24.21 25.91
N LEU A 587 33.09 23.75 26.46
CA LEU A 587 34.30 23.50 25.70
C LEU A 587 34.80 22.07 26.01
N SER A 588 34.54 21.13 25.10
CA SER A 588 34.89 19.74 25.41
C SER A 588 35.94 19.16 24.46
N TYR A 589 36.50 18.02 24.83
CA TYR A 589 37.44 17.32 23.97
C TYR A 589 37.26 15.80 24.06
N ASP A 590 37.64 15.11 23.00
CA ASP A 590 37.64 13.66 22.96
C ASP A 590 39.04 13.22 22.53
N LEU A 591 39.63 12.31 23.28
CA LEU A 591 40.96 11.85 22.96
C LEU A 591 41.04 10.33 23.11
N GLN A 592 41.32 9.66 22.00
CA GLN A 592 41.35 8.21 22.00
C GLN A 592 42.36 7.62 21.05
N ASN A 593 42.80 6.42 21.39
CA ASN A 593 43.67 5.66 20.53
C ASN A 593 42.85 4.96 19.45
N THR A 594 43.46 4.80 18.28
CA THR A 594 42.81 4.19 17.14
C THR A 594 43.75 3.12 16.59
N ILE A 595 43.29 2.40 15.56
CA ILE A 595 44.14 1.38 14.91
C ILE A 595 45.24 2.04 14.06
N TYR A 596 45.17 3.36 13.92
CA TYR A 596 46.15 4.08 13.12
C TYR A 596 47.01 5.07 13.92
N GLY A 597 46.77 5.18 15.22
CA GLY A 597 47.42 6.20 16.04
C GLY A 597 46.50 6.77 17.11
N MET A 598 46.17 8.06 16.97
CA MET A 598 45.34 8.79 17.95
C MET A 598 44.37 9.75 17.28
N TYR A 599 43.27 10.01 17.96
CA TYR A 599 42.27 10.95 17.50
C TYR A 599 42.01 11.95 18.62
N LEU A 600 42.03 13.24 18.25
CA LEU A 600 41.74 14.32 19.16
C LEU A 600 40.64 15.18 18.54
N SER A 601 39.61 15.49 19.33
CA SER A 601 38.60 16.43 18.89
C SER A 601 38.33 17.45 19.97
N VAL A 602 38.39 18.72 19.60
CA VAL A 602 38.03 19.81 20.52
C VAL A 602 36.83 20.52 19.88
N LYS A 603 35.77 20.70 20.67
CA LYS A 603 34.51 21.28 20.17
C LYS A 603 33.94 22.29 21.16
N GLY A 604 33.12 23.22 20.67
CA GLY A 604 32.38 24.12 21.54
C GLY A 604 32.75 25.56 21.24
N TYR A 605 32.50 26.45 22.18
CA TYR A 605 32.79 27.88 21.97
C TYR A 605 34.23 28.10 21.56
N ASN A 606 34.41 28.84 20.48
CA ASN A 606 35.74 29.07 19.93
C ASN A 606 36.64 29.94 20.83
N ASP A 607 36.04 30.85 21.60
CA ASP A 607 36.77 31.79 22.48
C ASP A 607 38.07 31.22 23.15
N LYS A 608 37.91 30.27 24.08
CA LYS A 608 39.00 29.80 24.94
C LYS A 608 39.59 28.53 24.38
N GLN A 609 39.10 28.13 23.22
CA GLN A 609 39.42 26.84 22.63
C GLN A 609 40.92 26.62 22.34
N PRO A 610 41.63 27.63 21.77
CA PRO A 610 43.08 27.50 21.62
C PRO A 610 43.84 27.24 22.93
N ILE A 611 43.30 27.71 24.05
CA ILE A 611 43.95 27.50 25.34
C ILE A 611 43.87 26.03 25.80
N LEU A 612 42.68 25.44 25.73
CA LEU A 612 42.54 24.03 26.08
C LEU A 612 43.37 23.12 25.17
N LEU A 613 43.33 23.40 23.86
CA LEU A 613 44.05 22.63 22.87
C LEU A 613 45.55 22.62 23.17
N LYS A 614 46.09 23.82 23.41
CA LYS A 614 47.51 23.98 23.72
C LYS A 614 47.88 23.13 24.93
N LYS A 615 47.05 23.20 25.97
CA LYS A 615 47.24 22.41 27.18
C LYS A 615 47.26 20.89 26.92
N ILE A 616 46.36 20.41 26.08
CA ILE A 616 46.31 18.99 25.75
C ILE A 616 47.61 18.51 25.07
N ILE A 617 48.05 19.24 24.03
CA ILE A 617 49.26 18.85 23.29
C ILE A 617 50.50 18.99 24.17
N GLU A 618 50.58 20.06 24.92
CA GLU A 618 51.67 20.25 25.85
C GLU A 618 51.75 19.08 26.85
N LYS A 619 50.63 18.73 27.48
CA LYS A 619 50.59 17.61 28.44
C LYS A 619 50.92 16.28 27.77
N MET A 620 50.42 16.09 26.56
CA MET A 620 50.71 14.93 25.74
C MET A 620 52.22 14.70 25.60
N ALA A 621 52.93 15.76 25.26
CA ALA A 621 54.32 15.74 24.85
C ALA A 621 55.33 15.86 25.98
N THR A 622 54.88 16.01 27.22
CA THR A 622 55.75 16.18 28.38
C THR A 622 55.20 15.34 29.50
N PHE A 623 54.39 14.35 29.13
CA PHE A 623 53.63 13.58 30.11
C PHE A 623 54.50 12.81 31.11
N GLU A 624 54.21 12.99 32.39
CA GLU A 624 54.79 12.11 33.38
C GLU A 624 53.71 11.41 34.20
N ILE A 625 53.84 10.08 34.22
CA ILE A 625 52.87 9.17 34.80
C ILE A 625 53.05 9.02 36.30
N ASP A 626 51.96 9.20 37.03
CA ASP A 626 51.88 8.89 38.44
C ASP A 626 51.67 7.39 38.54
N GLU A 627 52.54 6.71 39.29
CA GLU A 627 52.53 5.26 39.35
C GLU A 627 51.24 4.68 39.95
N LYS A 628 50.68 5.33 40.97
CA LYS A 628 49.44 4.87 41.59
C LYS A 628 48.25 4.88 40.61
N ARG A 629 48.22 5.89 39.74
CA ARG A 629 47.17 6.05 38.74
C ARG A 629 47.33 5.01 37.65
N PHE A 630 48.57 4.71 37.31
CA PHE A 630 48.89 3.69 36.31
C PHE A 630 48.37 2.31 36.70
N GLU A 631 48.52 1.97 37.97
CA GLU A 631 48.18 0.65 38.49
C GLU A 631 46.69 0.51 38.57
N ILE A 632 46.02 1.58 38.98
CA ILE A 632 44.56 1.62 39.11
C ILE A 632 43.89 1.52 37.74
N ILE A 633 44.36 2.34 36.81
CA ILE A 633 43.81 2.35 35.45
C ILE A 633 44.10 1.05 34.67
N LYS A 634 45.27 0.47 34.90
CA LYS A 634 45.62 -0.85 34.33
C LYS A 634 44.61 -1.93 34.79
N GLU A 635 44.36 -1.98 36.10
CA GLU A 635 43.42 -2.93 36.67
C GLU A 635 41.97 -2.71 36.13
N ALA A 636 41.60 -1.45 35.92
CA ALA A 636 40.26 -1.13 35.36
C ALA A 636 40.16 -1.61 33.92
N TYR A 637 41.26 -1.46 33.18
CA TYR A 637 41.33 -1.86 31.79
C TYR A 637 41.25 -3.39 31.62
N MET A 638 41.94 -4.12 32.49
CA MET A 638 41.88 -5.57 32.53
C MET A 638 40.43 -6.04 32.70
N ARG A 639 39.73 -5.44 33.64
CA ARG A 639 38.35 -5.80 33.88
C ARG A 639 37.45 -5.46 32.70
N SER A 640 37.70 -4.29 32.11
CA SER A 640 37.03 -3.87 30.89
C SER A 640 37.18 -4.89 29.75
N LEU A 641 38.40 -5.42 29.56
CA LEU A 641 38.63 -6.49 28.57
C LEU A 641 37.86 -7.79 28.92
N ASN A 642 37.97 -8.24 30.17
CA ASN A 642 37.20 -9.40 30.65
C ASN A 642 35.70 -9.20 30.46
N ASN A 643 35.22 -7.98 30.70
CA ASN A 643 33.79 -7.70 30.74
C ASN A 643 33.10 -7.77 29.39
N PHE A 644 33.88 -7.75 28.30
CA PHE A 644 33.31 -7.92 26.97
C PHE A 644 32.52 -9.24 26.88
N ARG A 645 32.91 -10.21 27.69
CA ARG A 645 32.24 -11.50 27.77
C ARG A 645 30.75 -11.38 28.16
N ALA A 646 30.39 -10.28 28.82
CA ALA A 646 29.03 -10.04 29.25
C ALA A 646 28.27 -9.13 28.30
N GLU A 647 28.87 -8.67 27.21
CA GLU A 647 28.12 -7.94 26.18
C GLU A 647 27.11 -8.86 25.48
N GLN A 648 26.21 -8.25 24.74
CA GLN A 648 25.12 -8.93 24.11
C GLN A 648 25.60 -9.80 22.95
N PRO A 649 24.87 -10.91 22.66
CA PRO A 649 25.19 -11.82 21.54
C PRO A 649 25.30 -11.13 20.16
N HIS A 650 24.43 -10.19 19.86
CA HIS A 650 24.56 -9.45 18.61
C HIS A 650 25.79 -8.52 18.64
N HIS A 652 28.76 -8.85 19.89
CA HIS A 652 29.60 -10.06 19.81
C HIS A 652 29.72 -10.54 18.37
N ALA A 653 28.59 -10.83 17.73
CA ALA A 653 28.55 -11.21 16.30
C ALA A 653 29.21 -10.13 15.44
N MET A 654 28.87 -8.87 15.70
CA MET A 654 29.50 -7.71 15.05
C MET A 654 31.00 -7.67 15.25
N TYR A 655 31.43 -7.91 16.48
CA TYR A 655 32.84 -7.89 16.85
C TYR A 655 33.63 -9.00 16.12
N TYR A 656 33.10 -10.22 16.08
CA TYR A 656 33.78 -11.31 15.36
C TYR A 656 33.91 -11.06 13.86
N LEU A 657 32.89 -10.46 13.26
CA LEU A 657 32.93 -10.16 11.83
C LEU A 657 33.99 -9.12 11.46
N ARG A 658 34.11 -8.08 12.28
CA ARG A 658 35.12 -7.06 12.16
C ARG A 658 36.51 -7.69 12.21
N LEU A 659 36.75 -8.50 13.24
CA LEU A 659 37.98 -9.28 13.36
C LEU A 659 38.24 -10.13 12.12
N LEU A 660 37.20 -10.75 11.60
CA LEU A 660 37.32 -11.68 10.48
C LEU A 660 37.65 -10.98 9.16
N MET A 661 37.10 -9.78 8.96
CA MET A 661 37.11 -9.12 7.66
C MET A 661 38.23 -8.10 7.48
N THR A 662 38.91 -7.75 8.57
CA THR A 662 39.96 -6.72 8.53
C THR A 662 41.34 -7.36 8.54
N GLU A 663 42.22 -6.81 7.72
CA GLU A 663 43.59 -7.29 7.55
C GLU A 663 44.30 -7.49 8.90
N VAL A 664 44.36 -6.42 9.69
CA VAL A 664 44.99 -6.45 11.02
C VAL A 664 43.96 -6.11 12.12
N ALA A 665 43.79 -7.02 13.08
CA ALA A 665 42.95 -6.76 14.25
C ALA A 665 43.39 -7.66 15.41
N TRP A 666 43.67 -7.05 16.55
CA TRP A 666 44.00 -7.79 17.75
C TRP A 666 42.71 -8.11 18.51
N THR A 667 42.57 -9.37 18.96
CA THR A 667 41.40 -9.78 19.73
C THR A 667 41.49 -9.30 21.17
N LYS A 668 40.36 -9.30 21.89
CA LYS A 668 40.30 -8.97 23.32
C LYS A 668 41.17 -9.92 24.14
N ASP A 669 41.21 -11.19 23.73
CA ASP A 669 42.06 -12.21 24.36
C ASP A 669 43.55 -11.90 24.22
N GLU A 670 44.01 -11.53 23.02
CA GLU A 670 45.41 -11.15 22.79
C GLU A 670 45.85 -9.91 23.58
N LEU A 671 44.96 -8.91 23.65
CA LEU A 671 45.18 -7.71 24.46
C LEU A 671 45.27 -8.00 25.94
N LYS A 672 44.36 -8.84 26.42
CA LYS A 672 44.38 -9.33 27.79
C LYS A 672 45.73 -9.98 28.17
N GLU A 673 46.20 -10.91 27.32
CA GLU A 673 47.49 -11.59 27.53
C GLU A 673 48.65 -10.62 27.59
N ALA A 674 48.74 -9.71 26.61
CA ALA A 674 49.82 -8.74 26.53
C ALA A 674 49.82 -7.72 27.68
N LEU A 675 48.70 -7.58 28.37
CA LEU A 675 48.55 -6.55 29.40
C LEU A 675 49.43 -6.72 30.64
N ASP A 676 49.72 -7.95 31.04
CA ASP A 676 50.58 -8.16 32.22
C ASP A 676 52.02 -7.68 31.96
N ASP A 677 52.44 -7.80 30.71
CA ASP A 677 53.73 -7.28 30.24
C ASP A 677 53.79 -5.76 30.11
N VAL A 678 52.70 -5.05 30.43
CA VAL A 678 52.74 -3.59 30.44
C VAL A 678 53.26 -3.15 31.82
N THR A 679 54.50 -2.71 31.86
CA THR A 679 55.07 -2.16 33.09
C THR A 679 55.20 -0.66 32.91
N LEU A 680 55.38 0.04 34.04
CA LEU A 680 55.60 1.48 34.04
C LEU A 680 56.83 1.88 33.20
N PRO A 681 58.02 1.27 33.49
CA PRO A 681 59.20 1.45 32.63
C PRO A 681 58.90 1.33 31.14
N ARG A 682 58.14 0.30 30.75
CA ARG A 682 57.77 0.07 29.35
C ARG A 682 56.89 1.18 28.76
N LEU A 683 55.87 1.61 29.53
CA LEU A 683 54.99 2.69 29.10
C LEU A 683 55.75 4.00 28.93
N LYS A 684 56.61 4.33 29.90
CA LYS A 684 57.47 5.52 29.87
C LYS A 684 58.37 5.56 28.65
N ALA A 685 58.82 4.39 28.21
CA ALA A 685 59.63 4.29 26.99
C ALA A 685 58.77 4.42 25.74
N PHE A 686 57.57 3.85 25.79
CA PHE A 686 56.67 3.82 24.63
C PHE A 686 56.24 5.22 24.15
N ILE A 687 55.93 6.10 25.10
CA ILE A 687 55.38 7.43 24.76
C ILE A 687 56.29 8.25 23.81
N PRO A 688 57.58 8.45 24.17
CA PRO A 688 58.47 9.24 23.30
C PRO A 688 58.64 8.59 21.95
N GLN A 689 58.58 7.27 21.92
CA GLN A 689 58.68 6.54 20.68
C GLN A 689 57.44 6.79 19.80
N LEU A 690 56.26 6.71 20.41
CA LEU A 690 55.02 7.02 19.70
C LEU A 690 55.03 8.42 19.08
N LEU A 691 55.51 9.41 19.84
CA LEU A 691 55.51 10.81 19.39
C LEU A 691 56.68 11.21 18.48
N SER A 692 57.66 10.31 18.31
CA SER A 692 58.89 10.64 17.60
C SER A 692 58.63 10.91 16.13
N ARG A 693 57.70 10.16 15.53
CA ARG A 693 57.35 10.37 14.13
C ARG A 693 55.85 10.29 13.94
N LEU A 694 55.29 11.32 13.30
CA LEU A 694 53.84 11.43 13.16
C LEU A 694 53.46 12.07 11.84
N HIS A 695 52.26 11.71 11.36
CA HIS A 695 51.60 12.55 10.37
C HIS A 695 50.26 13.01 10.98
N ILE A 696 49.88 14.25 10.71
CA ILE A 696 48.65 14.82 11.27
C ILE A 696 47.73 15.24 10.16
N GLU A 697 46.53 14.70 10.19
CA GLU A 697 45.49 15.16 9.29
C GLU A 697 44.38 15.80 10.13
N ALA A 698 44.04 17.03 9.77
CA ALA A 698 43.13 17.85 10.58
C ALA A 698 41.97 18.43 9.77
N LEU A 699 40.83 18.57 10.44
CA LEU A 699 39.69 19.36 9.95
C LEU A 699 39.41 20.46 10.96
N LEU A 700 39.55 21.71 10.54
CA LEU A 700 39.24 22.82 11.43
C LEU A 700 38.06 23.54 10.78
N HIS A 701 36.94 23.56 11.49
CA HIS A 701 35.64 23.90 10.89
C HIS A 701 34.81 24.69 11.89
N GLY A 702 34.45 25.92 11.54
CA GLY A 702 33.56 26.70 12.38
C GLY A 702 33.80 28.18 12.29
N ASN A 703 33.60 28.87 13.42
CA ASN A 703 33.81 30.31 13.51
C ASN A 703 35.30 30.63 13.66
N ILE A 704 36.05 30.49 12.56
CA ILE A 704 37.51 30.66 12.56
C ILE A 704 37.98 31.03 11.17
N THR A 705 38.99 31.90 11.10
CA THR A 705 39.58 32.32 9.82
C THR A 705 40.66 31.34 9.33
N LYS A 706 41.06 31.49 8.08
CA LYS A 706 42.14 30.68 7.50
C LYS A 706 43.44 30.82 8.31
N GLN A 707 43.78 32.07 8.65
CA GLN A 707 44.98 32.40 9.41
C GLN A 707 44.96 31.88 10.86
N ALA A 708 43.78 31.86 11.50
CA ALA A 708 43.66 31.26 12.83
C ALA A 708 43.80 29.73 12.76
N ALA A 709 43.20 29.14 11.72
CA ALA A 709 43.33 27.71 11.45
C ALA A 709 44.80 27.31 11.21
N LEU A 710 45.48 28.02 10.30
CA LEU A 710 46.92 27.78 10.05
C LEU A 710 47.71 27.92 11.34
N GLY A 711 47.38 28.93 12.14
CA GLY A 711 48.01 29.16 13.44
C GLY A 711 47.81 28.04 14.44
N ILE A 712 46.60 27.48 14.47
CA ILE A 712 46.24 26.41 15.38
C ILE A 712 47.00 25.14 15.00
N MET A 713 46.96 24.81 13.72
CA MET A 713 47.71 23.66 13.20
C MET A 713 49.22 23.74 13.53
N GLN A 714 49.84 24.89 13.26
CA GLN A 714 51.28 25.02 13.50
C GLN A 714 51.62 25.06 14.99
N MET A 715 50.71 25.58 15.81
CA MET A 715 50.90 25.53 17.26
C MET A 715 50.95 24.09 17.77
N VAL A 716 50.08 23.22 17.23
CA VAL A 716 50.09 21.80 17.55
C VAL A 716 51.42 21.16 17.11
N GLU A 717 51.84 21.39 15.88
CA GLU A 717 53.12 20.85 15.38
C GLU A 717 54.30 21.34 16.23
N ASP A 718 54.40 22.66 16.44
CA ASP A 718 55.49 23.26 17.20
C ASP A 718 55.60 22.77 18.62
N THR A 719 54.46 22.48 19.23
CA THR A 719 54.44 21.96 20.60
C THR A 719 55.01 20.52 20.63
N LEU A 720 54.66 19.71 19.62
CA LEU A 720 55.21 18.36 19.47
C LEU A 720 56.70 18.39 19.12
N ILE A 721 57.06 19.16 18.10
CA ILE A 721 58.47 19.38 17.73
C ILE A 721 59.29 19.84 18.96
N GLU A 722 58.77 20.81 19.70
CA GLU A 722 59.52 21.37 20.82
C GLU A 722 59.78 20.33 21.90
N HIS A 723 58.74 19.62 22.32
CA HIS A 723 58.84 18.80 23.51
C HIS A 723 59.11 17.33 23.22
N ALA A 724 58.70 16.87 22.04
CA ALA A 724 58.80 15.45 21.72
C ALA A 724 59.74 15.19 20.55
N HIS A 725 60.26 16.25 19.95
CA HIS A 725 61.21 16.17 18.83
C HIS A 725 60.63 15.45 17.62
N THR A 726 59.32 15.56 17.46
CA THR A 726 58.57 14.92 16.40
C THR A 726 59.11 15.26 15.01
N LYS A 727 59.26 14.23 14.18
CA LYS A 727 59.62 14.40 12.77
C LYS A 727 58.51 13.76 11.92
N PRO A 728 58.45 14.10 10.63
CA PRO A 728 57.38 13.53 9.81
C PRO A 728 57.54 12.03 9.52
N LEU A 729 56.41 11.35 9.34
CA LEU A 729 56.37 9.96 8.93
C LEU A 729 56.62 9.89 7.41
N LEU A 730 57.19 8.77 6.94
CA LEU A 730 57.35 8.57 5.49
C LEU A 730 55.97 8.34 4.90
N PRO A 731 55.70 8.91 3.71
CA PRO A 731 54.38 8.71 3.06
C PRO A 731 53.95 7.24 3.00
N SER A 732 54.88 6.36 2.67
CA SER A 732 54.62 4.93 2.57
C SER A 732 54.15 4.31 3.88
N GLN A 733 54.52 4.93 5.01
CA GLN A 733 54.15 4.45 6.34
C GLN A 733 52.72 4.80 6.71
N LEU A 734 52.03 5.52 5.83
CA LEU A 734 50.65 5.93 6.07
C LEU A 734 49.74 4.82 5.54
N VAL A 735 49.89 3.64 6.14
CA VAL A 735 49.24 2.43 5.67
C VAL A 735 47.78 2.42 6.11
N ARG A 736 46.93 1.85 5.27
CA ARG A 736 45.54 1.64 5.61
C ARG A 736 45.28 0.15 5.49
N TYR A 737 44.39 -0.39 6.32
CA TYR A 737 44.12 -1.83 6.28
C TYR A 737 43.05 -2.15 5.24
N ARG A 738 43.14 -3.36 4.71
CA ARG A 738 42.26 -3.82 3.65
C ARG A 738 41.19 -4.77 4.19
N GLU A 739 40.11 -4.94 3.43
CA GLU A 739 39.15 -5.97 3.74
C GLU A 739 39.49 -7.27 3.01
N VAL A 740 39.32 -8.39 3.72
CA VAL A 740 39.41 -9.72 3.15
C VAL A 740 38.46 -9.87 1.95
N GLN A 741 38.97 -10.45 0.87
CA GLN A 741 38.21 -10.64 -0.35
C GLN A 741 37.64 -12.06 -0.46
N LEU A 742 36.34 -12.19 -0.27
CA LEU A 742 35.67 -13.49 -0.29
C LEU A 742 35.57 -14.04 -1.72
N PRO A 743 35.65 -15.39 -1.88
CA PRO A 743 35.54 -15.98 -3.24
C PRO A 743 34.10 -16.03 -3.77
N ASP A 744 33.95 -15.97 -5.10
CA ASP A 744 32.65 -16.14 -5.76
C ASP A 744 32.02 -17.44 -5.31
N ARG A 745 30.76 -17.36 -4.86
CA ARG A 745 29.96 -18.52 -4.42
C ARG A 745 30.38 -19.14 -3.08
N GLY A 746 31.33 -18.52 -2.39
CA GLY A 746 31.72 -19.00 -1.08
C GLY A 746 30.71 -18.70 0.03
N TRP A 747 30.61 -19.62 0.99
CA TRP A 747 29.89 -19.39 2.23
C TRP A 747 30.74 -19.84 3.42
N PHE A 748 31.06 -18.90 4.30
CA PHE A 748 31.81 -19.22 5.49
C PHE A 748 30.97 -18.96 6.73
N VAL A 749 31.15 -19.81 7.74
CA VAL A 749 30.51 -19.65 9.03
C VAL A 749 31.56 -19.65 10.14
N TYR A 750 31.46 -18.66 11.03
CA TYR A 750 32.23 -18.65 12.25
C TYR A 750 31.24 -18.77 13.40
N GLN A 751 31.49 -19.73 14.27
CA GLN A 751 30.63 -19.98 15.40
C GLN A 751 31.33 -19.78 16.74
N GLN A 752 30.63 -19.11 17.66
CA GLN A 752 31.08 -18.97 19.04
C GLN A 752 29.90 -19.06 19.99
N ARG A 753 30.17 -19.03 21.29
CA ARG A 753 29.13 -19.08 22.30
C ARG A 753 29.22 -17.83 23.20
N ASN A 754 28.06 -17.24 23.49
CA ASN A 754 27.96 -16.21 24.54
C ASN A 754 27.70 -16.91 25.87
N GLU A 755 28.61 -16.72 26.81
CA GLU A 755 28.55 -17.44 28.08
C GLU A 755 27.58 -16.83 29.11
N VAL A 756 27.06 -15.64 28.85
CA VAL A 756 26.27 -14.88 29.83
C VAL A 756 24.79 -14.84 29.48
N HIS A 757 24.47 -14.49 28.23
CA HIS A 757 23.09 -14.28 27.78
C HIS A 757 22.50 -15.55 27.24
N ASN A 758 21.21 -15.75 27.46
CA ASN A 758 20.54 -16.93 26.93
C ASN A 758 19.74 -16.65 25.65
N ASN A 759 20.33 -15.83 24.78
CA ASN A 759 19.82 -15.62 23.44
C ASN A 759 20.96 -15.86 22.45
N SER A 760 20.61 -16.23 21.24
CA SER A 760 21.52 -16.24 20.10
C SER A 760 21.71 -14.86 19.49
N GLY A 761 22.82 -14.68 18.78
CA GLY A 761 23.02 -13.53 17.91
C GLY A 761 23.61 -13.97 16.58
N ILE A 762 23.23 -13.27 15.51
CA ILE A 762 23.74 -13.58 14.19
C ILE A 762 24.05 -12.30 13.43
N GLU A 763 25.16 -12.31 12.68
CA GLU A 763 25.36 -11.33 11.61
C GLU A 763 25.63 -12.04 10.31
N ILE A 764 24.86 -11.69 9.29
CA ILE A 764 25.08 -12.22 7.94
C ILE A 764 25.54 -11.09 7.05
N TYR A 765 26.68 -11.30 6.39
CA TYR A 765 27.27 -10.31 5.51
C TYR A 765 27.38 -10.88 4.09
N TYR A 766 26.67 -10.24 3.15
CA TYR A 766 26.80 -10.52 1.72
C TYR A 766 27.68 -9.45 1.09
N GLN A 767 28.98 -9.74 1.03
CA GLN A 767 29.95 -8.81 0.47
C GLN A 767 29.64 -8.57 -1.01
N THR A 768 29.66 -7.31 -1.43
CA THR A 768 29.45 -7.00 -2.84
C THR A 768 30.78 -6.66 -3.53
N ASP A 769 31.19 -5.39 -3.53
CA ASP A 769 32.44 -4.98 -4.19
C ASP A 769 32.94 -3.69 -3.55
N MET A 770 34.08 -3.21 -4.03
CA MET A 770 34.59 -1.90 -3.62
C MET A 770 33.54 -0.81 -3.72
N GLN A 771 33.61 0.18 -2.84
CA GLN A 771 32.76 1.35 -2.96
C GLN A 771 33.08 2.14 -4.23
N SER A 772 32.02 2.54 -4.94
CA SER A 772 32.07 3.46 -6.08
C SER A 772 30.67 4.07 -6.24
N THR A 773 30.53 5.09 -7.07
CA THR A 773 29.22 5.72 -7.26
C THR A 773 28.11 4.71 -7.59
N SER A 774 28.37 3.84 -8.57
CA SER A 774 27.36 2.89 -9.01
C SER A 774 27.10 1.78 -7.99
N GLU A 775 28.16 1.21 -7.42
CA GLU A 775 28.02 0.13 -6.43
C GLU A 775 27.34 0.60 -5.16
N ASN A 776 27.67 1.82 -4.73
CA ASN A 776 27.07 2.45 -3.55
C ASN A 776 25.57 2.56 -3.69
N MET A 777 25.14 3.08 -4.83
CA MET A 777 23.74 3.35 -5.04
C MET A 777 22.91 2.10 -5.39
N PHE A 778 23.51 1.07 -6.00
CA PHE A 778 22.83 -0.21 -6.15
C PHE A 778 22.52 -0.75 -4.76
N LEU A 779 23.53 -0.75 -3.89
CA LEU A 779 23.41 -1.33 -2.55
C LEU A 779 22.44 -0.53 -1.66
N GLU A 780 22.52 0.80 -1.74
CA GLU A 780 21.68 1.66 -0.93
C GLU A 780 20.22 1.64 -1.35
N LEU A 781 19.97 1.51 -2.66
CA LEU A 781 18.59 1.43 -3.15
C LEU A 781 17.97 0.11 -2.74
N PHE A 782 18.67 -0.99 -2.98
CA PHE A 782 18.20 -2.29 -2.52
C PHE A 782 17.81 -2.29 -1.03
N ALA A 783 18.68 -1.70 -0.20
CA ALA A 783 18.51 -1.68 1.25
C ALA A 783 17.34 -0.81 1.64
N GLN A 784 17.15 0.30 0.94
CA GLN A 784 15.99 1.16 1.13
C GLN A 784 14.70 0.36 0.85
N ILE A 785 14.67 -0.36 -0.27
CA ILE A 785 13.52 -1.16 -0.64
C ILE A 785 13.22 -2.27 0.40
N ILE A 786 14.25 -2.96 0.89
CA ILE A 786 14.03 -4.07 1.81
C ILE A 786 13.92 -3.68 3.30
N SER A 787 14.21 -2.42 3.61
CA SER A 787 14.38 -1.98 5.01
C SER A 787 13.17 -2.22 5.93
N GLU A 788 12.01 -1.68 5.54
CA GLU A 788 10.78 -1.86 6.28
C GLU A 788 10.27 -3.31 6.17
N PRO A 789 10.20 -3.89 4.94
CA PRO A 789 9.81 -5.30 4.84
C PRO A 789 10.61 -6.28 5.69
N ALA A 790 11.91 -6.05 5.88
CA ALA A 790 12.73 -6.93 6.70
C ALA A 790 12.27 -6.87 8.15
N PHE A 791 12.02 -5.68 8.65
CA PHE A 791 11.50 -5.50 10.00
C PHE A 791 10.11 -6.15 10.11
N ASN A 792 9.23 -5.82 9.17
CA ASN A 792 7.88 -6.35 9.14
C ASN A 792 7.84 -7.88 9.09
N THR A 793 8.67 -8.47 8.23
CA THR A 793 8.72 -9.91 8.07
C THR A 793 9.41 -10.62 9.22
N LEU A 794 10.64 -10.22 9.51
CA LEU A 794 11.49 -10.95 10.45
C LEU A 794 11.13 -10.65 11.91
N ARG A 795 10.58 -9.48 12.17
CA ARG A 795 10.13 -9.18 13.51
C ARG A 795 8.60 -9.24 13.66
N THR A 796 7.90 -8.35 12.97
CA THR A 796 6.48 -8.20 13.24
C THR A 796 5.68 -9.47 12.95
N LYS A 797 5.95 -10.10 11.80
CA LYS A 797 5.27 -11.33 11.44
C LYS A 797 5.91 -12.54 12.10
N GLU A 798 7.21 -12.76 11.89
CA GLU A 798 7.87 -13.98 12.37
C GLU A 798 8.38 -13.90 13.80
N GLN A 799 8.43 -12.67 14.33
CA GLN A 799 8.80 -12.44 15.73
C GLN A 799 10.06 -13.18 16.14
N LEU A 800 11.10 -13.07 15.32
CA LEU A 800 12.37 -13.75 15.58
C LEU A 800 13.11 -13.08 16.73
N GLY A 801 12.93 -11.79 16.89
CA GLY A 801 13.44 -11.13 18.07
C GLY A 801 13.12 -9.66 18.11
N TYR A 802 13.49 -9.02 19.20
CA TYR A 802 13.38 -7.58 19.33
C TYR A 802 14.36 -6.87 18.37
N ILE A 803 15.62 -7.31 18.39
CA ILE A 803 16.65 -6.75 17.54
C ILE A 803 16.65 -7.46 16.20
N VAL A 804 16.19 -6.73 15.18
CA VAL A 804 16.21 -7.18 13.80
C VAL A 804 16.67 -5.98 12.99
N PHE A 805 17.82 -6.14 12.33
CA PHE A 805 18.42 -5.04 11.59
C PHE A 805 18.90 -5.48 10.19
N SER A 806 18.75 -4.60 9.20
CA SER A 806 19.32 -4.81 7.88
C SER A 806 19.85 -3.48 7.35
N GLY A 807 20.87 -3.50 6.51
CA GLY A 807 21.43 -2.26 5.94
C GLY A 807 22.77 -2.47 5.27
N PRO A 808 23.30 -1.42 4.59
CA PRO A 808 24.67 -1.51 4.06
C PRO A 808 25.69 -1.68 5.18
N ARG A 809 26.70 -2.51 4.96
CA ARG A 809 27.90 -2.49 5.79
C ARG A 809 29.03 -1.90 4.96
N ARG A 810 29.74 -0.91 5.53
CA ARG A 810 30.88 -0.25 4.87
C ARG A 810 32.11 -0.36 5.75
N ALA A 811 33.22 -0.81 5.18
CA ALA A 811 34.47 -0.92 5.91
C ALA A 811 35.65 -0.97 4.95
N ASN A 812 36.67 -0.19 5.24
CA ASN A 812 37.95 -0.26 4.52
C ASN A 812 37.77 -0.12 3.02
N GLY A 813 36.78 0.68 2.64
CA GLY A 813 36.49 0.97 1.23
C GLY A 813 35.67 -0.11 0.52
N ILE A 814 35.32 -1.16 1.24
CA ILE A 814 34.49 -2.24 0.67
C ILE A 814 33.08 -2.17 1.29
N GLN A 815 32.12 -2.84 0.70
CA GLN A 815 30.73 -2.82 1.21
C GLN A 815 29.98 -4.10 0.89
N GLY A 816 28.78 -4.20 1.47
CA GLY A 816 27.85 -5.30 1.27
C GLY A 816 26.59 -5.13 2.10
N LEU A 817 25.73 -6.14 2.07
CA LEU A 817 24.47 -6.10 2.79
C LEU A 817 24.64 -6.95 4.03
N ARG A 818 24.23 -6.42 5.18
CA ARG A 818 24.21 -7.19 6.42
C ARG A 818 22.80 -7.28 7.03
N PHE A 819 22.62 -8.35 7.80
CA PHE A 819 21.45 -8.62 8.66
C PHE A 819 22.01 -8.93 10.03
N ILE A 820 21.42 -8.31 11.05
CA ILE A 820 21.79 -8.61 12.43
C ILE A 820 20.50 -8.96 13.19
N ILE A 821 20.48 -10.12 13.83
CA ILE A 821 19.33 -10.56 14.60
C ILE A 821 19.78 -11.11 15.94
N GLN A 822 19.01 -10.82 16.98
CA GLN A 822 19.21 -11.47 18.26
C GLN A 822 17.89 -12.16 18.57
N SER A 823 17.98 -13.42 18.99
CA SER A 823 16.81 -14.31 19.04
C SER A 823 16.98 -15.44 20.04
N GLU A 824 15.88 -16.08 20.42
CA GLU A 824 15.95 -17.36 21.17
C GLU A 824 16.18 -18.57 20.23
N LYS A 825 15.88 -18.38 18.95
CA LYS A 825 16.00 -19.44 17.93
C LYS A 825 17.47 -19.62 17.51
N PRO A 826 17.85 -20.87 17.15
CA PRO A 826 19.26 -21.08 16.79
C PRO A 826 19.62 -20.35 15.51
N PRO A 827 20.89 -19.90 15.39
CA PRO A 827 21.38 -19.19 14.21
C PRO A 827 21.11 -19.88 12.87
N HIS A 828 21.26 -21.21 12.80
CA HIS A 828 20.98 -21.95 11.57
C HIS A 828 19.53 -21.74 11.15
N TYR A 829 18.62 -21.61 12.11
CA TYR A 829 17.22 -21.31 11.80
C TYR A 829 17.05 -19.87 11.30
N LEU A 830 17.64 -18.92 12.04
CA LEU A 830 17.72 -17.50 11.64
C LEU A 830 18.19 -17.33 10.17
N GLU A 831 19.27 -18.04 9.83
CA GLU A 831 19.81 -18.09 8.44
C GLU A 831 18.76 -18.43 7.39
N SER A 832 18.01 -19.50 7.62
CA SER A 832 17.04 -19.97 6.63
C SER A 832 15.88 -18.98 6.48
N ARG A 833 15.57 -18.26 7.56
CA ARG A 833 14.53 -17.23 7.53
C ARG A 833 14.94 -15.94 6.79
N VAL A 834 16.20 -15.54 6.95
CA VAL A 834 16.75 -14.43 6.16
C VAL A 834 16.79 -14.79 4.67
N GLU A 835 17.17 -16.02 4.35
CA GLU A 835 17.17 -16.48 2.95
C GLU A 835 15.77 -16.59 2.36
N ALA A 836 14.81 -17.07 3.15
CA ALA A 836 13.42 -17.10 2.72
C ALA A 836 12.95 -15.68 2.44
N PHE A 837 13.35 -14.74 3.31
CA PHE A 837 13.01 -13.34 3.12
C PHE A 837 13.60 -12.73 1.83
N LEU A 838 14.85 -13.07 1.52
CA LEU A 838 15.51 -12.53 0.33
C LEU A 838 14.74 -12.84 -0.96
N ILE A 839 14.26 -14.07 -1.08
CA ILE A 839 13.43 -14.48 -2.23
C ILE A 839 12.10 -13.69 -2.33
N THR A 840 11.41 -13.55 -1.19
CA THR A 840 10.26 -12.66 -1.03
C THR A 840 10.51 -11.25 -1.61
N MET A 841 11.69 -10.69 -1.36
CA MET A 841 12.06 -9.37 -1.87
C MET A 841 12.31 -9.30 -3.38
N GLU A 842 12.91 -10.33 -3.94
CA GLU A 842 13.08 -10.41 -5.39
C GLU A 842 11.71 -10.37 -6.08
N LYS A 843 10.81 -11.25 -5.63
CA LYS A 843 9.46 -11.29 -6.17
C LYS A 843 8.73 -9.96 -5.96
N SER A 844 8.88 -9.40 -4.77
CA SER A 844 8.28 -8.12 -4.42
C SER A 844 8.78 -6.98 -5.30
N ILE A 845 10.06 -6.99 -5.64
CA ILE A 845 10.60 -6.00 -6.58
C ILE A 845 10.03 -6.17 -8.00
N GLU A 846 9.90 -7.42 -8.46
CA GLU A 846 9.24 -7.73 -9.73
C GLU A 846 7.80 -7.22 -9.77
N ASP A 847 7.08 -7.42 -8.68
CA ASP A 847 5.66 -7.09 -8.60
C ASP A 847 5.32 -5.63 -8.33
N MET A 848 6.29 -4.84 -7.86
CA MET A 848 5.99 -3.45 -7.49
C MET A 848 5.87 -2.57 -8.73
N THR A 849 5.01 -1.57 -8.62
CA THR A 849 4.79 -0.66 -9.74
C THR A 849 6.04 0.20 -9.93
N GLU A 850 6.21 0.70 -11.14
CA GLU A 850 7.26 1.65 -11.48
C GLU A 850 7.23 2.89 -10.58
N GLU A 851 6.02 3.31 -10.20
CA GLU A 851 5.86 4.44 -9.30
C GLU A 851 6.27 4.09 -7.85
N ALA A 852 5.98 2.87 -7.39
CA ALA A 852 6.43 2.43 -6.08
C ALA A 852 7.95 2.42 -6.02
N PHE A 853 8.55 1.96 -7.12
CA PHE A 853 9.99 1.95 -7.30
C PHE A 853 10.59 3.36 -7.24
N GLN A 854 9.93 4.31 -7.91
CA GLN A 854 10.36 5.72 -7.91
C GLN A 854 10.20 6.41 -6.56
N LYS A 855 9.23 5.96 -5.75
CA LYS A 855 9.03 6.49 -4.40
C LYS A 855 10.22 6.10 -3.52
N HIS A 856 10.70 4.88 -3.66
CA HIS A 856 11.89 4.44 -2.93
C HIS A 856 13.14 5.21 -3.34
N ILE A 857 13.24 5.58 -4.62
CA ILE A 857 14.38 6.38 -5.11
C ILE A 857 14.32 7.77 -4.48
N GLN A 858 13.13 8.34 -4.52
CA GLN A 858 12.86 9.65 -3.94
C GLN A 858 13.11 9.64 -2.41
N ALA A 859 12.65 8.59 -1.73
CA ALA A 859 12.83 8.48 -0.29
C ALA A 859 14.33 8.42 0.07
N LEU A 860 15.09 7.56 -0.63
CA LEU A 860 16.55 7.50 -0.46
C LEU A 860 17.20 8.86 -0.74
N ALA A 861 16.74 9.53 -1.82
CA ALA A 861 17.25 10.84 -2.20
C ALA A 861 17.11 11.87 -1.08
N ILE A 862 15.90 12.00 -0.54
CA ILE A 862 15.63 12.87 0.59
C ILE A 862 16.52 12.54 1.81
N ARG A 863 16.66 11.25 2.10
CA ARG A 863 17.52 10.79 3.20
C ARG A 863 18.97 11.25 3.04
N ARG A 864 19.50 11.09 1.85
CA ARG A 864 20.88 11.46 1.53
C ARG A 864 21.11 12.96 1.46
N LEU A 865 20.08 13.73 1.10
CA LEU A 865 20.22 15.18 0.89
C LEU A 865 19.81 16.02 2.10
N ASP A 866 19.31 15.37 3.14
CA ASP A 866 18.86 16.03 4.36
C ASP A 866 20.00 16.90 4.90
N LYS A 867 19.77 18.20 5.07
CA LYS A 867 20.85 19.12 5.44
C LYS A 867 21.19 19.00 6.93
N PRO A 868 22.50 19.03 7.27
CA PRO A 868 22.92 19.20 8.67
C PRO A 868 22.26 20.42 9.34
N LYS A 869 21.78 20.25 10.55
CA LYS A 869 21.11 21.35 11.26
C LYS A 869 22.10 22.10 12.13
N LYS A 870 23.23 21.46 12.41
CA LYS A 870 24.25 22.03 13.28
C LYS A 870 25.69 21.74 12.79
N LEU A 871 26.64 22.50 13.32
CA LEU A 871 28.03 22.43 12.89
C LEU A 871 28.61 21.01 12.90
N SER A 872 28.48 20.32 14.03
CA SER A 872 29.18 19.06 14.24
C SER A 872 28.63 17.97 13.33
N ALA A 873 27.37 18.11 12.92
CA ALA A 873 26.77 17.21 11.95
C ALA A 873 27.36 17.43 10.56
N GLU A 874 27.62 18.69 10.19
CA GLU A 874 28.35 19.01 8.97
C GLU A 874 29.84 18.56 9.07
N SER A 875 30.49 18.86 10.20
CA SER A 875 31.86 18.40 10.44
C SER A 875 32.00 16.89 10.28
N ALA A 876 31.04 16.13 10.82
CA ALA A 876 31.12 14.68 10.82
C ALA A 876 31.08 14.12 9.41
N LYS A 877 30.25 14.72 8.54
CA LYS A 877 30.19 14.33 7.13
C LYS A 877 31.53 14.53 6.43
N TYR A 878 32.15 15.71 6.60
CA TYR A 878 33.48 15.99 6.05
C TYR A 878 34.52 15.09 6.68
N TYR A 879 34.44 14.92 7.99
CA TYR A 879 35.29 13.99 8.69
C TYR A 879 35.25 12.56 8.17
N GLY A 880 34.07 12.07 7.79
CA GLY A 880 33.96 10.73 7.21
C GLY A 880 34.72 10.63 5.89
N GLU A 881 34.64 11.68 5.08
CA GLU A 881 35.38 11.74 3.81
C GLU A 881 36.88 11.73 4.03
N ILE A 882 37.32 12.42 5.08
CA ILE A 882 38.73 12.56 5.38
C ILE A 882 39.33 11.26 5.95
N ILE A 883 38.73 10.70 7.01
CA ILE A 883 39.30 9.49 7.62
C ILE A 883 39.21 8.23 6.72
N SER A 884 38.24 8.21 5.80
CA SER A 884 38.11 7.12 4.83
C SER A 884 39.03 7.32 3.62
N GLN A 885 39.59 8.54 3.53
CA GLN A 885 40.47 8.96 2.41
C GLN A 885 39.83 8.87 1.03
N GLN A 886 38.53 9.16 0.99
CA GLN A 886 37.81 9.24 -0.26
C GLN A 886 37.68 10.70 -0.66
N TYR A 887 37.64 11.58 0.34
CA TYR A 887 37.61 13.04 0.14
C TYR A 887 36.56 13.50 -0.88
N ASN A 888 35.43 12.82 -0.88
CA ASN A 888 34.36 13.12 -1.81
C ASN A 888 33.33 14.05 -1.16
N PHE A 889 33.65 15.34 -1.08
CA PHE A 889 32.82 16.27 -0.31
C PHE A 889 31.49 16.59 -0.99
N ASP A 890 31.42 16.41 -2.30
CA ASP A 890 30.17 16.62 -3.05
C ASP A 890 29.44 15.30 -3.35
N ARG A 891 29.84 14.22 -2.67
CA ARG A 891 29.23 12.89 -2.78
C ARG A 891 27.68 12.85 -2.91
N ASP A 892 26.98 13.56 -2.02
CA ASP A 892 25.51 13.48 -1.97
C ASP A 892 24.82 13.88 -3.28
N ASN A 893 25.20 15.02 -3.87
CA ASN A 893 24.60 15.46 -5.14
C ASN A 893 24.93 14.53 -6.29
N THR A 894 26.19 14.13 -6.33
CA THR A 894 26.71 13.21 -7.33
C THR A 894 26.06 11.82 -7.27
N GLU A 895 25.99 11.24 -6.08
CA GLU A 895 25.40 9.93 -5.90
C GLU A 895 23.88 9.90 -6.12
N VAL A 896 23.20 10.93 -5.64
CA VAL A 896 21.76 11.07 -5.83
C VAL A 896 21.42 11.30 -7.30
N ALA A 897 22.19 12.14 -8.00
CA ALA A 897 22.01 12.30 -9.45
C ALA A 897 22.08 10.96 -10.18
N TYR A 898 22.99 10.09 -9.76
CA TYR A 898 23.11 8.76 -10.36
C TYR A 898 21.95 7.81 -9.98
N LEU A 899 21.56 7.88 -8.71
CA LEU A 899 20.45 7.13 -8.16
C LEU A 899 19.18 7.34 -8.98
N LYS A 900 18.89 8.58 -9.36
CA LYS A 900 17.63 8.91 -10.06
C LYS A 900 17.54 8.26 -11.45
N THR A 901 18.67 7.73 -11.89
CA THR A 901 18.90 7.08 -13.19
C THR A 901 18.56 5.58 -13.18
N LEU A 902 18.51 5.00 -11.97
CA LEU A 902 18.34 3.55 -11.81
C LEU A 902 16.95 3.01 -12.16
N THR A 903 16.90 1.81 -12.70
CA THR A 903 15.63 1.15 -13.03
C THR A 903 15.45 -0.13 -12.21
N LYS A 904 14.22 -0.66 -12.24
CA LYS A 904 13.92 -1.96 -11.65
C LYS A 904 14.85 -3.07 -12.15
N GLU A 905 15.11 -3.09 -13.46
CA GLU A 905 15.97 -4.12 -14.04
C GLU A 905 17.38 -4.03 -13.48
N ASP A 906 17.91 -2.81 -13.29
CA ASP A 906 19.23 -2.61 -12.66
C ASP A 906 19.29 -3.27 -11.28
N ILE A 907 18.30 -3.02 -10.44
CA ILE A 907 18.25 -3.62 -9.11
C ILE A 907 18.01 -5.13 -9.12
N ILE A 908 17.17 -5.61 -10.05
CA ILE A 908 16.98 -7.07 -10.21
C ILE A 908 18.29 -7.76 -10.65
N LYS A 909 18.95 -7.20 -11.64
CA LYS A 909 20.23 -7.71 -12.15
C LYS A 909 21.30 -7.70 -11.07
N PHE A 910 21.38 -6.60 -10.31
CA PHE A 910 22.28 -6.50 -9.17
C PHE A 910 22.02 -7.61 -8.15
N TYR A 911 20.76 -7.83 -7.79
CA TYR A 911 20.38 -8.90 -6.84
C TYR A 911 20.74 -10.29 -7.36
N LYS A 912 20.38 -10.56 -8.61
CA LYS A 912 20.67 -11.82 -9.29
C LYS A 912 22.16 -12.11 -9.42
N GLU A 913 22.97 -11.07 -9.66
CA GLU A 913 24.42 -11.22 -9.81
C GLU A 913 25.18 -11.38 -8.47
N MET A 914 24.78 -10.61 -7.45
CA MET A 914 25.52 -10.51 -6.17
C MET A 914 24.87 -11.13 -4.93
N LEU A 915 23.55 -11.26 -4.94
CA LEU A 915 22.77 -11.49 -3.71
C LEU A 915 21.95 -12.77 -3.68
N ALA A 916 21.37 -13.15 -4.83
CA ALA A 916 20.54 -14.37 -4.90
C ALA A 916 21.30 -15.60 -4.40
N VAL A 917 20.57 -16.58 -3.89
CA VAL A 917 21.15 -17.80 -3.34
C VAL A 917 22.01 -18.55 -4.36
N ASP A 918 21.62 -18.43 -5.64
CA ASP A 918 22.35 -19.00 -6.76
C ASP A 918 23.17 -17.95 -7.52
N ALA A 919 23.41 -16.79 -6.89
CA ALA A 919 24.19 -15.69 -7.50
C ALA A 919 25.62 -16.11 -7.86
N PRO A 920 26.08 -15.76 -9.09
CA PRO A 920 27.47 -16.12 -9.49
C PRO A 920 28.54 -15.39 -8.67
N ARG A 921 28.22 -14.23 -8.11
CA ARG A 921 29.17 -13.49 -7.29
C ARG A 921 28.71 -13.32 -5.83
N ARG A 922 28.02 -14.34 -5.30
CA ARG A 922 27.62 -14.31 -3.91
C ARG A 922 28.85 -14.50 -3.03
N HIS A 923 29.02 -13.61 -2.04
CA HIS A 923 30.15 -13.71 -1.10
C HIS A 923 29.56 -13.60 0.29
N LYS A 924 29.31 -14.73 0.93
CA LYS A 924 28.55 -14.76 2.17
C LYS A 924 29.41 -15.21 3.36
N VAL A 925 29.39 -14.44 4.43
CA VAL A 925 30.00 -14.81 5.72
C VAL A 925 28.97 -14.63 6.81
N SER A 926 28.88 -15.62 7.69
CA SER A 926 27.95 -15.59 8.81
C SER A 926 28.70 -15.74 10.11
N VAL A 927 28.29 -14.97 11.12
CA VAL A 927 28.76 -15.16 12.48
C VAL A 927 27.58 -15.66 13.31
N HIS A 928 27.76 -16.83 13.92
CA HIS A 928 26.74 -17.48 14.74
C HIS A 928 27.23 -17.40 16.19
N VAL A 929 26.50 -16.65 17.02
CA VAL A 929 26.78 -16.62 18.45
C VAL A 929 25.67 -17.38 19.18
N LEU A 930 26.06 -18.49 19.79
CA LEU A 930 25.09 -19.37 20.45
C LEU A 930 24.71 -18.85 21.84
N ALA A 931 23.44 -19.05 22.19
CA ALA A 931 22.97 -18.77 23.55
C ALA A 931 23.77 -19.58 24.56
N ARG A 932 23.83 -19.08 25.79
CA ARG A 932 24.48 -19.75 26.91
C ARG A 932 24.12 -21.26 26.96
N GLU A 933 22.82 -21.54 26.95
CA GLU A 933 22.33 -22.91 27.19
C GLU A 933 22.28 -23.83 25.96
N MET A 934 22.60 -23.31 24.76
CA MET A 934 22.54 -24.12 23.54
C MET A 934 23.66 -25.16 23.51
N ASN A 950 1.93 -20.67 6.97
CA ASN A 950 2.09 -19.45 6.18
C ASN A 950 3.46 -18.77 6.31
N LEU A 951 4.45 -19.54 6.77
CA LEU A 951 5.86 -19.14 6.66
C LEU A 951 6.34 -19.37 5.23
N SER A 952 6.88 -18.33 4.59
CA SER A 952 7.43 -18.45 3.24
C SER A 952 8.52 -19.52 3.16
N GLN A 953 8.73 -20.03 1.94
CA GLN A 953 9.56 -21.21 1.71
C GLN A 953 11.06 -20.86 1.73
N ALA A 954 11.81 -21.44 2.67
CA ALA A 954 13.26 -21.26 2.72
C ALA A 954 13.96 -22.10 1.64
N PRO A 955 14.92 -21.49 0.92
CA PRO A 955 15.63 -22.23 -0.13
C PRO A 955 16.62 -23.18 0.51
N ALA A 956 17.05 -24.20 -0.25
CA ALA A 956 18.06 -25.12 0.23
C ALA A 956 19.43 -24.43 0.16
N LEU A 957 20.23 -24.58 1.21
CA LEU A 957 21.52 -23.89 1.29
C LEU A 957 22.70 -24.86 1.12
N PRO A 958 23.83 -24.37 0.59
CA PRO A 958 25.05 -25.19 0.50
C PRO A 958 25.64 -25.50 1.87
N GLN A 959 26.56 -26.46 1.90
CA GLN A 959 27.29 -26.74 3.13
C GLN A 959 28.33 -25.62 3.31
N PRO A 960 28.32 -24.94 4.48
CA PRO A 960 29.29 -23.86 4.66
C PRO A 960 30.66 -24.40 5.01
N GLU A 961 31.71 -23.67 4.65
CA GLU A 961 33.03 -23.91 5.22
C GLU A 961 33.08 -23.28 6.62
N VAL A 962 33.28 -24.10 7.63
CA VAL A 962 33.33 -23.63 9.02
C VAL A 962 34.72 -23.10 9.33
N ILE A 963 34.80 -21.83 9.75
CA ILE A 963 36.08 -21.21 10.08
C ILE A 963 36.55 -21.67 11.46
N GLN A 964 37.73 -22.27 11.51
CA GLN A 964 38.28 -22.76 12.78
C GLN A 964 39.26 -21.78 13.42
N ASN A 965 39.99 -21.06 12.58
CA ASN A 965 41.04 -20.16 13.01
C ASN A 965 41.00 -18.91 12.16
N MET A 966 40.84 -17.75 12.79
CA MET A 966 40.73 -16.49 12.06
C MET A 966 41.98 -16.12 11.24
N THR A 967 43.15 -16.32 11.84
CA THR A 967 44.44 -16.11 11.14
C THR A 967 44.54 -16.94 9.84
N GLU A 968 44.29 -18.25 9.94
CA GLU A 968 44.29 -19.15 8.79
C GLU A 968 43.27 -18.77 7.72
N PHE A 969 42.06 -18.42 8.16
CA PHE A 969 41.02 -17.89 7.28
C PHE A 969 41.52 -16.71 6.45
N LYS A 970 42.14 -15.73 7.12
CA LYS A 970 42.63 -14.53 6.45
C LYS A 970 43.80 -14.82 5.49
N ARG A 971 44.76 -15.63 5.94
CA ARG A 971 45.90 -16.10 5.14
C ARG A 971 45.51 -16.72 3.80
N GLY A 972 44.42 -17.49 3.81
CA GLY A 972 44.00 -18.23 2.63
C GLY A 972 43.18 -17.46 1.61
N LEU A 973 43.02 -16.15 1.79
CA LEU A 973 42.20 -15.35 0.87
C LEU A 973 42.94 -14.12 0.40
N PRO A 974 42.56 -13.58 -0.79
CA PRO A 974 43.17 -12.34 -1.21
C PRO A 974 42.71 -11.16 -0.34
N LEU A 975 43.35 -10.00 -0.52
CA LEU A 975 42.93 -8.78 0.15
C LEU A 975 42.51 -7.85 -0.95
N PHE A 976 41.41 -7.14 -0.74
CA PHE A 976 40.91 -6.14 -1.68
C PHE A 976 41.92 -5.00 -1.81
N PRO A 977 41.86 -4.25 -2.92
CA PRO A 977 42.57 -2.99 -2.95
C PRO A 977 41.97 -1.96 -1.99
N LEU A 978 42.67 -0.84 -1.83
CA LEU A 978 42.16 0.35 -1.16
C LEU A 978 41.49 1.30 -2.18
N VAL A 979 40.46 2.02 -1.75
CA VAL A 979 39.70 2.94 -2.65
C VAL A 979 40.53 4.17 -3.04
N LYS A 980 40.52 4.55 -4.32
CA LYS A 980 41.24 5.75 -4.77
C LYS A 980 40.61 7.06 -4.22
N PRO A 981 41.45 8.01 -3.80
CA PRO A 981 40.97 9.32 -3.35
C PRO A 981 40.34 10.13 -4.48
N HIS A 982 39.27 10.87 -4.14
CA HIS A 982 38.73 11.88 -5.03
C HIS A 982 39.73 13.04 -5.12
N ASN B 14 20.72 -7.93 -31.56
CA ASN B 14 20.46 -6.53 -32.01
C ASN B 14 19.66 -6.44 -33.32
N ASN B 15 18.34 -6.29 -33.19
CA ASN B 15 17.44 -6.25 -34.33
C ASN B 15 17.14 -4.79 -34.72
N PRO B 16 17.47 -4.40 -35.98
CA PRO B 16 17.25 -3.02 -36.41
C PRO B 16 15.77 -2.63 -36.54
N ALA B 17 14.91 -3.63 -36.73
CA ALA B 17 13.47 -3.43 -36.84
C ALA B 17 12.79 -3.22 -35.48
N ILE B 18 13.55 -3.38 -34.40
CA ILE B 18 13.07 -3.17 -33.03
C ILE B 18 13.80 -1.98 -32.39
N LYS B 19 13.07 -0.90 -32.14
CA LYS B 19 13.64 0.29 -31.50
C LYS B 19 14.02 -0.01 -30.05
N ARG B 20 13.17 -0.71 -29.32
CA ARG B 20 13.44 -1.05 -27.93
C ARG B 20 12.62 -2.23 -27.42
N ILE B 21 13.23 -2.99 -26.52
CA ILE B 21 12.56 -4.08 -25.85
C ILE B 21 12.34 -3.65 -24.42
N GLY B 22 11.10 -3.75 -23.97
CA GLY B 22 10.69 -3.23 -22.68
C GLY B 22 11.19 -4.06 -21.52
N ASN B 23 11.55 -3.35 -20.46
CA ASN B 23 11.92 -3.96 -19.18
C ASN B 23 10.75 -4.83 -18.67
N HIS B 24 10.98 -5.59 -17.60
CA HIS B 24 9.92 -6.38 -16.97
C HIS B 24 8.56 -5.65 -16.99
N ILE B 25 7.55 -6.34 -17.53
CA ILE B 25 6.17 -5.87 -17.52
C ILE B 25 5.53 -6.27 -16.18
N THR B 26 5.16 -5.27 -15.38
CA THR B 26 4.61 -5.51 -14.06
C THR B 26 3.28 -6.26 -14.19
N LYS B 27 3.26 -7.48 -13.67
CA LYS B 27 2.08 -8.32 -13.72
C LYS B 27 1.65 -8.71 -12.32
N SER B 28 0.47 -9.32 -12.23
CA SER B 28 -0.06 -9.80 -10.97
C SER B 28 0.80 -10.94 -10.49
N PRO B 29 1.04 -11.02 -9.17
CA PRO B 29 1.79 -12.13 -8.57
C PRO B 29 1.25 -13.50 -8.99
N GLU B 30 -0.07 -13.60 -9.23
CA GLU B 30 -0.74 -14.89 -9.54
C GLU B 30 -0.70 -15.24 -11.04
N ASP B 31 -0.40 -14.25 -11.87
CA ASP B 31 -0.46 -14.39 -13.32
C ASP B 31 0.75 -15.20 -13.79
N LYS B 32 0.47 -16.33 -14.45
CA LYS B 32 1.51 -17.25 -14.92
C LYS B 32 1.87 -17.06 -16.40
N ARG B 33 1.07 -16.29 -17.12
CA ARG B 33 1.42 -15.82 -18.47
C ARG B 33 2.70 -14.98 -18.44
N GLU B 34 3.42 -15.00 -19.55
CA GLU B 34 4.65 -14.21 -19.67
C GLU B 34 4.51 -13.09 -20.69
N TYR B 35 5.20 -12.00 -20.44
CA TYR B 35 4.99 -10.74 -21.14
C TYR B 35 6.29 -10.08 -21.61
N ARG B 36 6.27 -9.55 -22.83
CA ARG B 36 7.35 -8.70 -23.33
C ARG B 36 6.77 -7.50 -24.11
N GLY B 37 7.21 -6.30 -23.74
CA GLY B 37 6.87 -5.06 -24.45
C GLY B 37 7.92 -4.75 -25.49
N LEU B 38 7.48 -4.19 -26.62
CA LEU B 38 8.35 -3.83 -27.73
C LEU B 38 7.90 -2.50 -28.30
N GLU B 39 8.85 -1.67 -28.67
CA GLU B 39 8.55 -0.61 -29.63
C GLU B 39 9.30 -0.93 -30.93
N LEU B 40 8.55 -1.14 -32.01
CA LEU B 40 9.17 -1.39 -33.31
C LEU B 40 9.78 -0.10 -33.87
N ALA B 41 10.68 -0.25 -34.84
CA ALA B 41 11.38 0.88 -35.47
C ALA B 41 10.41 1.86 -36.14
N ASN B 42 9.31 1.33 -36.66
CA ASN B 42 8.26 2.15 -37.27
C ASN B 42 7.33 2.87 -36.27
N GLY B 43 7.57 2.65 -34.97
CA GLY B 43 6.79 3.31 -33.91
C GLY B 43 5.62 2.52 -33.30
N ILE B 44 5.32 1.34 -33.85
CA ILE B 44 4.24 0.50 -33.32
C ILE B 44 4.62 -0.04 -31.93
N LYS B 45 3.75 0.22 -30.94
CA LYS B 45 3.91 -0.34 -29.60
C LYS B 45 3.32 -1.74 -29.54
N VAL B 46 4.09 -2.68 -29.00
CA VAL B 46 3.68 -4.08 -28.99
C VAL B 46 3.68 -4.63 -27.57
N LEU B 47 2.67 -5.44 -27.25
CA LEU B 47 2.74 -6.34 -26.08
C LEU B 47 2.60 -7.78 -26.58
N LEU B 48 3.55 -8.62 -26.19
CA LEU B 48 3.49 -10.04 -26.48
C LEU B 48 3.18 -10.81 -25.21
N ILE B 49 2.27 -11.77 -25.31
CA ILE B 49 1.78 -12.54 -24.17
C ILE B 49 1.94 -14.01 -24.51
N SER B 50 2.86 -14.67 -23.82
CA SER B 50 3.04 -16.12 -23.96
C SER B 50 2.24 -16.86 -22.92
N ASP B 51 1.34 -17.73 -23.39
CA ASP B 51 0.52 -18.57 -22.52
C ASP B 51 0.50 -19.97 -23.13
N PRO B 52 1.46 -20.83 -22.71
CA PRO B 52 1.53 -22.19 -23.23
C PRO B 52 0.27 -23.06 -22.99
N THR B 53 -0.67 -22.60 -22.17
CA THR B 53 -1.87 -23.41 -21.90
C THR B 53 -3.10 -22.99 -22.75
N THR B 54 -3.02 -21.85 -23.41
CA THR B 54 -4.18 -21.30 -24.10
C THR B 54 -4.71 -22.19 -25.24
N ASP B 55 -6.03 -22.28 -25.36
CA ASP B 55 -6.67 -23.06 -26.44
C ASP B 55 -6.90 -22.21 -27.67
N LYS B 56 -7.13 -20.92 -27.42
CA LYS B 56 -7.24 -19.93 -28.48
C LYS B 56 -6.14 -18.92 -28.34
N SER B 57 -5.48 -18.64 -29.46
CA SER B 57 -4.57 -17.51 -29.59
C SER B 57 -5.34 -16.29 -30.10
N SER B 58 -4.71 -15.12 -30.06
CA SER B 58 -5.42 -13.87 -30.28
C SER B 58 -4.47 -12.73 -30.63
N ALA B 59 -4.96 -11.79 -31.43
CA ALA B 59 -4.29 -10.51 -31.63
C ALA B 59 -5.30 -9.38 -31.79
N ALA B 60 -4.85 -8.18 -31.47
CA ALA B 60 -5.60 -6.96 -31.69
C ALA B 60 -4.63 -5.86 -32.07
N LEU B 61 -5.12 -4.94 -32.91
CA LEU B 61 -4.42 -3.71 -33.26
C LEU B 61 -5.41 -2.57 -33.05
N ASP B 62 -4.97 -1.57 -32.30
CA ASP B 62 -5.73 -0.35 -32.09
C ASP B 62 -5.02 0.82 -32.76
N VAL B 63 -5.72 1.49 -33.68
CA VAL B 63 -5.22 2.70 -34.33
C VAL B 63 -5.77 3.91 -33.59
N HIS B 64 -4.91 4.80 -33.12
CA HIS B 64 -5.36 5.97 -32.39
C HIS B 64 -5.97 7.07 -33.29
N ILE B 65 -6.86 6.66 -34.18
CA ILE B 65 -7.73 7.55 -34.94
C ILE B 65 -9.15 6.99 -34.95
N GLY B 66 -10.13 7.88 -34.89
CA GLY B 66 -11.54 7.49 -35.00
C GLY B 66 -12.37 8.59 -35.64
N SER B 67 -13.67 8.54 -35.35
CA SER B 67 -14.67 9.40 -36.00
C SER B 67 -14.51 10.92 -35.77
N LEU B 68 -13.90 11.31 -34.67
CA LEU B 68 -13.56 12.73 -34.44
C LEU B 68 -12.67 13.31 -35.55
N SER B 69 -12.02 12.42 -36.31
CA SER B 69 -11.16 12.79 -37.44
C SER B 69 -11.85 12.62 -38.79
N ASP B 70 -13.12 12.24 -38.79
CA ASP B 70 -13.87 12.16 -40.06
C ASP B 70 -13.86 13.52 -40.79
N PRO B 71 -13.80 13.49 -42.15
CA PRO B 71 -14.04 14.73 -42.88
C PRO B 71 -15.40 15.29 -42.47
N PRO B 72 -15.51 16.61 -42.29
CA PRO B 72 -16.75 17.26 -41.87
C PRO B 72 -17.87 16.98 -42.85
N ASN B 73 -17.52 16.78 -44.12
CA ASN B 73 -18.49 16.51 -45.18
C ASN B 73 -18.66 15.02 -45.57
N ILE B 74 -18.04 14.11 -44.83
CA ILE B 74 -18.33 12.66 -44.96
C ILE B 74 -18.40 12.00 -43.56
N ALA B 75 -19.49 12.27 -42.87
CA ALA B 75 -19.73 11.73 -41.54
C ALA B 75 -19.78 10.20 -41.65
N GLY B 76 -19.05 9.51 -40.77
CA GLY B 76 -19.05 8.05 -40.75
C GLY B 76 -17.89 7.39 -41.47
N LEU B 77 -16.99 8.18 -42.06
CA LEU B 77 -15.93 7.62 -42.91
C LEU B 77 -15.03 6.64 -42.21
N SER B 78 -14.55 6.96 -41.01
CA SER B 78 -13.64 6.07 -40.32
C SER B 78 -14.32 4.76 -39.87
N HIS B 79 -15.61 4.86 -39.55
CA HIS B 79 -16.46 3.69 -39.26
C HIS B 79 -16.69 2.82 -40.51
N PHE B 80 -17.00 3.47 -41.63
CA PHE B 80 -17.12 2.79 -42.90
C PHE B 80 -15.81 2.06 -43.28
N LEU B 81 -14.68 2.73 -43.12
CA LEU B 81 -13.38 2.14 -43.38
C LEU B 81 -13.16 0.87 -42.54
N GLN B 82 -13.51 0.94 -41.26
CA GLN B 82 -13.47 -0.21 -40.36
C GLN B 82 -14.26 -1.43 -40.90
N HIS B 83 -15.49 -1.22 -41.39
CA HIS B 83 -16.24 -2.31 -42.05
C HIS B 83 -15.49 -2.82 -43.28
N MET B 84 -14.99 -1.88 -44.09
CA MET B 84 -14.34 -2.23 -45.36
C MET B 84 -13.06 -3.04 -45.23
N LEU B 85 -12.34 -2.90 -44.11
CA LEU B 85 -11.06 -3.59 -43.98
C LEU B 85 -11.23 -5.10 -43.97
N PHE B 86 -12.45 -5.56 -43.65
CA PHE B 86 -12.72 -6.99 -43.53
C PHE B 86 -12.93 -7.67 -44.89
N LEU B 87 -13.10 -6.87 -45.94
CA LEU B 87 -13.66 -7.35 -47.21
C LEU B 87 -12.62 -7.52 -48.33
N GLY B 88 -11.37 -7.74 -47.97
CA GLY B 88 -10.37 -8.08 -48.98
C GLY B 88 -9.15 -7.20 -48.94
N THR B 89 -8.00 -7.83 -49.15
CA THR B 89 -6.72 -7.13 -49.25
C THR B 89 -5.95 -7.64 -50.48
N LYS B 90 -4.85 -6.99 -50.82
CA LYS B 90 -4.10 -7.34 -52.03
C LYS B 90 -3.59 -8.81 -52.00
N LYS B 91 -3.03 -9.22 -50.87
CA LYS B 91 -2.54 -10.59 -50.67
C LYS B 91 -3.66 -11.62 -50.55
N TYR B 92 -4.77 -11.24 -49.91
CA TYR B 92 -5.92 -12.13 -49.73
C TYR B 92 -7.18 -11.44 -50.27
N PRO B 93 -7.34 -11.40 -51.61
CA PRO B 93 -8.42 -10.61 -52.24
C PRO B 93 -9.83 -11.22 -52.16
N LYS B 94 -9.92 -12.51 -51.84
CA LYS B 94 -11.22 -13.14 -51.63
C LYS B 94 -11.94 -12.38 -50.52
N GLU B 95 -13.18 -11.98 -50.80
CA GLU B 95 -13.89 -11.01 -49.99
C GLU B 95 -14.11 -11.51 -48.54
N ASN B 96 -14.44 -12.79 -48.38
CA ASN B 96 -14.63 -13.39 -47.07
C ASN B 96 -13.49 -14.33 -46.63
N GLU B 97 -12.31 -14.16 -47.23
CA GLU B 97 -11.14 -14.97 -46.90
C GLU B 97 -10.80 -14.95 -45.40
N TYR B 98 -10.77 -13.74 -44.83
CA TYR B 98 -10.47 -13.56 -43.41
C TYR B 98 -11.49 -14.31 -42.53
N SER B 99 -12.77 -14.00 -42.67
CA SER B 99 -13.77 -14.57 -41.79
C SER B 99 -13.96 -16.08 -42.03
N GLN B 100 -13.90 -16.51 -43.29
CA GLN B 100 -13.91 -17.95 -43.61
C GLN B 100 -12.73 -18.70 -42.98
N PHE B 101 -11.51 -18.16 -43.13
CA PHE B 101 -10.35 -18.78 -42.46
C PHE B 101 -10.58 -18.93 -40.95
N LEU B 102 -11.08 -17.87 -40.30
CA LEU B 102 -11.27 -17.92 -38.86
C LEU B 102 -12.34 -18.94 -38.47
N SER B 103 -13.44 -18.96 -39.23
CA SER B 103 -14.51 -19.91 -38.99
C SER B 103 -14.05 -21.37 -39.07
N GLU B 104 -13.22 -21.70 -40.06
CA GLU B 104 -12.74 -23.06 -40.27
C GLU B 104 -11.67 -23.44 -39.26
N HIS B 105 -11.22 -22.45 -38.48
CA HIS B 105 -10.20 -22.66 -37.44
C HIS B 105 -10.59 -22.20 -36.05
N ALA B 106 -11.89 -22.30 -35.76
CA ALA B 106 -12.45 -22.02 -34.44
C ALA B 106 -12.16 -20.59 -33.94
N GLY B 107 -12.09 -19.65 -34.88
CA GLY B 107 -11.83 -18.27 -34.53
C GLY B 107 -13.05 -17.40 -34.67
N SER B 108 -12.92 -16.14 -34.24
CA SER B 108 -13.97 -15.14 -34.33
C SER B 108 -13.30 -13.78 -34.37
N SER B 109 -14.02 -12.77 -34.85
CA SER B 109 -13.44 -11.45 -35.04
C SER B 109 -14.48 -10.37 -34.94
N ASN B 110 -14.05 -9.20 -34.48
CA ASN B 110 -14.87 -8.02 -34.52
C ASN B 110 -13.99 -6.76 -34.58
N ALA B 111 -14.63 -5.60 -34.57
CA ALA B 111 -13.92 -4.35 -34.51
C ALA B 111 -14.87 -3.27 -34.02
N PHE B 112 -14.31 -2.21 -33.44
CA PHE B 112 -15.10 -1.04 -33.15
C PHE B 112 -14.40 0.26 -33.51
N THR B 113 -15.21 1.30 -33.71
CA THR B 113 -14.77 2.66 -33.96
C THR B 113 -15.33 3.56 -32.86
N SER B 114 -14.43 4.22 -32.13
CA SER B 114 -14.84 5.29 -31.20
C SER B 114 -14.37 6.64 -31.78
N GLY B 115 -14.42 7.70 -30.95
CA GLY B 115 -13.99 9.05 -31.34
C GLY B 115 -12.52 9.12 -31.74
N GLU B 116 -11.68 8.42 -30.99
CA GLU B 116 -10.23 8.48 -31.17
C GLU B 116 -9.53 7.15 -31.43
N HIS B 117 -10.29 6.06 -31.55
CA HIS B 117 -9.68 4.74 -31.76
C HIS B 117 -10.46 3.89 -32.76
N THR B 118 -9.74 3.07 -33.49
CA THR B 118 -10.33 2.02 -34.29
C THR B 118 -9.59 0.75 -33.92
N ASN B 119 -10.35 -0.22 -33.39
CA ASN B 119 -9.78 -1.35 -32.68
C ASN B 119 -10.27 -2.62 -33.35
N TYR B 120 -9.32 -3.44 -33.84
CA TYR B 120 -9.62 -4.68 -34.56
C TYR B 120 -9.04 -5.85 -33.76
N TYR B 121 -9.77 -6.98 -33.72
CA TYR B 121 -9.37 -8.11 -32.90
C TYR B 121 -9.92 -9.42 -33.43
N PHE B 122 -9.16 -10.50 -33.19
CA PHE B 122 -9.58 -11.86 -33.50
C PHE B 122 -9.07 -12.85 -32.45
N ASP B 123 -9.75 -13.99 -32.35
CA ASP B 123 -9.15 -15.18 -31.78
C ASP B 123 -9.19 -16.33 -32.81
N VAL B 124 -8.47 -17.40 -32.51
CA VAL B 124 -8.26 -18.52 -33.43
C VAL B 124 -7.64 -19.67 -32.62
N SER B 125 -7.90 -20.90 -33.02
CA SER B 125 -7.22 -22.07 -32.45
C SER B 125 -5.72 -21.77 -32.39
N HIS B 126 -5.09 -22.11 -31.26
CA HIS B 126 -3.70 -21.75 -31.02
C HIS B 126 -2.69 -22.25 -32.08
N GLU B 127 -3.05 -23.29 -32.84
CA GLU B 127 -2.15 -23.83 -33.88
C GLU B 127 -2.13 -22.95 -35.14
N HIS B 128 -3.10 -22.05 -35.27
CA HIS B 128 -3.24 -21.26 -36.51
C HIS B 128 -3.07 -19.74 -36.35
N LEU B 129 -2.32 -19.35 -35.30
CA LEU B 129 -2.02 -17.94 -35.02
C LEU B 129 -1.40 -17.20 -36.22
N GLU B 130 -0.32 -17.76 -36.77
CA GLU B 130 0.36 -17.13 -37.92
C GLU B 130 -0.53 -16.90 -39.14
N GLY B 131 -1.29 -17.92 -39.52
CA GLY B 131 -2.14 -17.82 -40.69
C GLY B 131 -3.20 -16.75 -40.52
N ALA B 132 -3.77 -16.66 -39.30
CA ALA B 132 -4.78 -15.65 -38.99
C ALA B 132 -4.15 -14.28 -38.92
N LEU B 133 -3.00 -14.17 -38.25
CA LEU B 133 -2.30 -12.89 -38.07
C LEU B 133 -1.80 -12.26 -39.38
N ASP B 134 -1.39 -13.11 -40.31
CA ASP B 134 -0.96 -12.69 -41.65
C ASP B 134 -2.11 -12.04 -42.43
N ARG B 135 -3.26 -12.71 -42.44
CA ARG B 135 -4.47 -12.17 -43.06
C ARG B 135 -4.92 -10.85 -42.44
N PHE B 136 -4.81 -10.77 -41.11
CA PHE B 136 -5.14 -9.62 -40.30
C PHE B 136 -4.22 -8.43 -40.59
N ALA B 137 -2.91 -8.69 -40.61
CA ALA B 137 -1.89 -7.66 -40.83
C ALA B 137 -2.10 -6.92 -42.15
N GLN B 138 -2.60 -7.65 -43.15
CA GLN B 138 -2.90 -7.10 -44.47
C GLN B 138 -3.91 -5.95 -44.43
N PHE B 139 -4.86 -5.97 -43.50
CA PHE B 139 -5.83 -4.86 -43.30
C PHE B 139 -5.12 -3.50 -43.26
N PHE B 140 -3.89 -3.52 -42.74
CA PHE B 140 -3.16 -2.31 -42.39
C PHE B 140 -2.07 -2.05 -43.40
N LEU B 141 -2.02 -2.87 -44.44
CA LEU B 141 -1.04 -2.73 -45.50
C LEU B 141 -1.67 -2.37 -46.83
N SER B 142 -2.57 -3.23 -47.34
CA SER B 142 -3.19 -2.98 -48.64
C SER B 142 -4.63 -3.51 -48.83
N PRO B 143 -5.59 -2.93 -48.12
CA PRO B 143 -7.02 -3.25 -48.32
C PRO B 143 -7.49 -2.88 -49.73
N LEU B 144 -8.35 -3.70 -50.33
CA LEU B 144 -8.89 -3.41 -51.66
C LEU B 144 -9.80 -2.19 -51.73
N PHE B 145 -10.65 -2.03 -50.72
CA PHE B 145 -11.80 -1.10 -50.77
C PHE B 145 -12.49 -1.28 -52.11
N ASP B 146 -12.80 -2.54 -52.45
CA ASP B 146 -13.46 -2.93 -53.69
C ASP B 146 -14.74 -2.14 -53.90
N GLU B 147 -14.94 -1.63 -55.12
CA GLU B 147 -16.04 -0.70 -55.37
C GLU B 147 -17.42 -1.35 -55.16
N SER B 148 -17.54 -2.60 -55.60
CA SER B 148 -18.75 -3.38 -55.43
C SER B 148 -19.02 -3.74 -53.96
N ALA B 149 -17.96 -4.10 -53.24
CA ALA B 149 -18.08 -4.35 -51.80
C ALA B 149 -18.50 -3.08 -51.06
N LYS B 150 -18.02 -1.92 -51.51
CA LYS B 150 -18.36 -0.64 -50.90
C LYS B 150 -19.84 -0.31 -51.05
N ASP B 151 -20.37 -0.50 -52.26
CA ASP B 151 -21.78 -0.25 -52.55
C ASP B 151 -22.73 -1.20 -51.81
N ARG B 152 -22.26 -2.40 -51.50
CA ARG B 152 -23.03 -3.32 -50.68
C ARG B 152 -22.94 -2.99 -49.20
N GLU B 153 -21.71 -2.83 -48.70
CA GLU B 153 -21.46 -2.66 -47.27
C GLU B 153 -21.95 -1.31 -46.68
N VAL B 154 -22.09 -0.28 -47.52
CA VAL B 154 -22.76 0.96 -47.06
C VAL B 154 -24.15 0.66 -46.46
N ASN B 155 -24.83 -0.37 -46.97
CA ASN B 155 -26.13 -0.80 -46.45
C ASN B 155 -26.06 -1.37 -45.03
N ALA B 156 -24.96 -2.04 -44.71
CA ALA B 156 -24.72 -2.56 -43.36
C ALA B 156 -24.58 -1.41 -42.37
N VAL B 157 -23.84 -0.38 -42.75
CA VAL B 157 -23.66 0.80 -41.92
C VAL B 157 -24.99 1.51 -41.68
N ASP B 158 -25.75 1.67 -42.76
CA ASP B 158 -27.07 2.31 -42.72
C ASP B 158 -28.04 1.53 -41.80
N SER B 159 -28.07 0.21 -41.95
CA SER B 159 -28.90 -0.64 -41.12
C SER B 159 -28.48 -0.58 -39.63
N GLU B 160 -27.18 -0.45 -39.38
CA GLU B 160 -26.65 -0.28 -38.04
C GLU B 160 -27.14 1.03 -37.42
N HIS B 161 -27.15 2.09 -38.21
CA HIS B 161 -27.70 3.36 -37.75
C HIS B 161 -29.22 3.28 -37.53
N GLU B 162 -29.95 2.67 -38.46
CA GLU B 162 -31.41 2.54 -38.38
C GLU B 162 -31.85 1.88 -37.09
N LYS B 163 -31.11 0.86 -36.70
CA LYS B 163 -31.23 0.16 -35.44
C LYS B 163 -31.17 1.13 -34.23
N ASN B 164 -30.29 2.14 -34.32
CA ASN B 164 -30.00 3.07 -33.22
C ASN B 164 -30.95 4.25 -33.14
N VAL B 165 -31.65 4.52 -34.23
CA VAL B 165 -32.49 5.71 -34.37
C VAL B 165 -33.53 5.85 -33.25
N MET B 166 -34.21 4.76 -32.93
CA MET B 166 -35.27 4.79 -31.91
C MET B 166 -34.77 4.25 -30.54
N ASN B 167 -33.46 4.18 -30.36
CA ASN B 167 -32.83 3.84 -29.09
C ASN B 167 -32.57 5.12 -28.28
N ASP B 168 -33.17 5.20 -27.09
CA ASP B 168 -33.04 6.40 -26.25
C ASP B 168 -31.58 6.76 -25.88
N ALA B 169 -30.74 5.76 -25.62
CA ALA B 169 -29.35 6.02 -25.23
C ALA B 169 -28.54 6.68 -26.36
N TRP B 170 -28.68 6.18 -27.58
CA TRP B 170 -28.02 6.78 -28.77
C TRP B 170 -28.54 8.18 -29.10
N ARG B 171 -29.86 8.38 -29.01
CA ARG B 171 -30.47 9.68 -29.17
C ARG B 171 -29.90 10.77 -28.27
N LEU B 172 -29.80 10.46 -26.97
CA LEU B 172 -29.18 11.33 -25.96
C LEU B 172 -27.68 11.59 -26.19
N PHE B 173 -26.98 10.55 -26.65
CA PHE B 173 -25.57 10.61 -26.98
C PHE B 173 -25.35 11.67 -28.07
N GLN B 174 -26.09 11.58 -29.15
CA GLN B 174 -25.99 12.57 -30.22
C GLN B 174 -26.53 13.96 -29.84
N LEU B 175 -27.59 14.01 -29.03
CA LEU B 175 -28.15 15.29 -28.61
C LEU B 175 -27.15 16.14 -27.80
N GLU B 176 -26.41 15.49 -26.91
CA GLU B 176 -25.34 16.15 -26.18
C GLU B 176 -24.31 16.78 -27.15
N LYS B 177 -23.90 16.03 -28.16
CA LYS B 177 -23.02 16.53 -29.22
C LYS B 177 -23.62 17.74 -29.98
N ALA B 178 -24.91 17.64 -30.33
CA ALA B 178 -25.63 18.70 -31.03
C ALA B 178 -25.87 19.96 -30.19
N THR B 179 -25.72 19.88 -28.87
CA THR B 179 -26.01 21.05 -28.03
C THR B 179 -24.77 21.79 -27.51
N GLY B 180 -23.59 21.35 -27.95
CA GLY B 180 -22.33 22.05 -27.68
C GLY B 180 -21.91 22.80 -28.93
N ASN B 181 -20.67 23.29 -28.92
CA ASN B 181 -20.10 24.02 -30.05
C ASN B 181 -20.23 23.26 -31.38
N PRO B 182 -21.02 23.79 -32.35
CA PRO B 182 -21.16 23.09 -33.64
C PRO B 182 -19.87 23.13 -34.49
N LYS B 183 -18.89 23.90 -34.07
CA LYS B 183 -17.62 23.96 -34.77
C LYS B 183 -16.61 22.94 -34.22
N HIS B 184 -16.89 22.38 -33.04
CA HIS B 184 -16.05 21.38 -32.41
C HIS B 184 -16.29 20.02 -33.08
N PRO B 185 -15.22 19.26 -33.37
CA PRO B 185 -15.39 17.88 -33.85
C PRO B 185 -16.27 16.98 -32.95
N PHE B 186 -16.46 17.36 -31.68
CA PHE B 186 -17.37 16.66 -30.80
C PHE B 186 -18.79 16.59 -31.38
N SER B 187 -19.14 17.58 -32.20
CA SER B 187 -20.49 17.69 -32.75
C SER B 187 -20.79 16.69 -33.86
N LYS B 188 -19.74 16.03 -34.38
CA LYS B 188 -19.86 15.14 -35.54
C LYS B 188 -20.74 13.91 -35.32
N PHE B 189 -21.37 13.46 -36.41
CA PHE B 189 -22.13 12.23 -36.45
C PHE B 189 -21.17 11.08 -36.79
N GLY B 190 -20.92 10.20 -35.82
CA GLY B 190 -19.89 9.16 -35.95
C GLY B 190 -20.26 7.91 -36.71
N THR B 191 -21.53 7.48 -36.66
CA THR B 191 -21.94 6.22 -37.26
C THR B 191 -21.91 6.32 -38.80
N GLY B 192 -22.34 7.47 -39.32
CA GLY B 192 -22.69 7.57 -40.74
C GLY B 192 -23.93 6.76 -41.13
N ASN B 193 -24.37 6.97 -42.36
CA ASN B 193 -25.49 6.23 -42.93
C ASN B 193 -25.44 6.33 -44.46
N LYS B 194 -26.44 5.79 -45.15
CA LYS B 194 -26.44 5.79 -46.60
C LYS B 194 -26.40 7.22 -47.15
N TYR B 195 -27.11 8.13 -46.50
CA TYR B 195 -27.09 9.54 -46.89
C TYR B 195 -25.67 10.10 -46.84
N THR B 196 -24.99 9.91 -45.72
CA THR B 196 -23.70 10.57 -45.52
C THR B 196 -22.54 9.93 -46.28
N LEU B 197 -22.71 8.66 -46.64
CA LEU B 197 -21.63 7.83 -47.17
C LEU B 197 -21.83 7.49 -48.64
N GLU B 198 -23.00 7.81 -49.19
CA GLU B 198 -23.30 7.55 -50.59
C GLU B 198 -24.07 8.68 -51.28
N THR B 199 -25.28 8.94 -50.79
CA THR B 199 -26.18 9.92 -51.40
C THR B 199 -25.59 11.35 -51.44
N ARG B 200 -25.26 11.97 -50.30
CA ARG B 200 -24.69 13.32 -50.36
C ARG B 200 -23.30 13.45 -51.05
N PRO B 201 -22.36 12.50 -50.80
CA PRO B 201 -21.12 12.48 -51.59
C PRO B 201 -21.35 12.42 -53.12
N ASN B 202 -22.28 11.58 -53.57
CA ASN B 202 -22.63 11.53 -54.99
C ASN B 202 -23.14 12.86 -55.54
N GLN B 203 -23.99 13.56 -54.79
CA GLN B 203 -24.45 14.91 -55.17
C GLN B 203 -23.27 15.87 -55.32
N GLU B 204 -22.37 15.82 -54.35
CA GLU B 204 -21.24 16.73 -54.23
C GLU B 204 -20.05 16.34 -55.12
N GLY B 205 -20.20 15.28 -55.90
CA GLY B 205 -19.13 14.82 -56.79
C GLY B 205 -17.95 14.17 -56.09
N ILE B 206 -18.15 13.70 -54.86
CA ILE B 206 -17.09 13.04 -54.09
C ILE B 206 -17.00 11.54 -54.43
N ASP B 207 -15.77 11.04 -54.60
CA ASP B 207 -15.49 9.61 -54.81
C ASP B 207 -15.13 8.95 -53.47
N VAL B 208 -16.09 8.22 -52.91
CA VAL B 208 -15.95 7.68 -51.55
C VAL B 208 -14.85 6.62 -51.45
N ARG B 209 -14.71 5.77 -52.46
CA ARG B 209 -13.62 4.82 -52.47
C ARG B 209 -12.27 5.51 -52.28
N GLN B 210 -12.06 6.60 -53.01
CA GLN B 210 -10.78 7.31 -52.93
C GLN B 210 -10.63 8.01 -51.57
N GLU B 211 -11.76 8.44 -50.99
CA GLU B 211 -11.72 9.03 -49.66
C GLU B 211 -11.33 8.02 -48.60
N LEU B 212 -11.83 6.79 -48.72
CA LEU B 212 -11.47 5.66 -47.85
C LEU B 212 -9.94 5.38 -47.96
N LEU B 213 -9.47 5.30 -49.20
CA LEU B 213 -8.05 5.10 -49.49
C LEU B 213 -7.19 6.22 -48.93
N LYS B 214 -7.63 7.46 -49.15
CA LYS B 214 -6.91 8.63 -48.62
C LYS B 214 -6.89 8.67 -47.08
N PHE B 215 -8.01 8.30 -46.46
CA PHE B 215 -8.07 8.24 -45.00
C PHE B 215 -7.15 7.13 -44.47
N HIS B 216 -7.23 5.94 -45.04
CA HIS B 216 -6.35 4.85 -44.64
C HIS B 216 -4.88 5.32 -44.79
N SER B 217 -4.56 5.87 -45.95
CA SER B 217 -3.22 6.34 -46.26
C SER B 217 -2.70 7.43 -45.33
N ALA B 218 -3.53 8.43 -45.05
CA ALA B 218 -3.11 9.52 -44.19
C ALA B 218 -3.08 9.17 -42.69
N TYR B 219 -3.97 8.28 -42.23
CA TYR B 219 -4.10 8.08 -40.78
C TYR B 219 -3.73 6.69 -40.26
N TYR B 220 -3.75 5.68 -41.14
CA TYR B 220 -3.33 4.36 -40.70
C TYR B 220 -1.81 4.23 -40.71
N SER B 221 -1.19 5.02 -39.83
CA SER B 221 0.26 5.14 -39.75
C SER B 221 0.72 4.34 -38.54
N SER B 222 1.81 3.60 -38.74
CA SER B 222 2.44 2.80 -37.69
C SER B 222 2.68 3.54 -36.37
N ASN B 223 2.97 4.85 -36.44
CA ASN B 223 3.24 5.62 -35.23
C ASN B 223 1.99 5.82 -34.37
N LEU B 224 0.83 5.56 -34.94
CA LEU B 224 -0.43 5.71 -34.21
C LEU B 224 -1.05 4.36 -33.86
N MET B 225 -0.26 3.29 -33.98
CA MET B 225 -0.75 1.93 -33.80
C MET B 225 -0.17 1.21 -32.57
N ALA B 226 -0.99 0.36 -31.97
CA ALA B 226 -0.56 -0.53 -30.90
C ALA B 226 -1.05 -1.93 -31.20
N VAL B 227 -0.19 -2.92 -30.98
CA VAL B 227 -0.50 -4.32 -31.31
C VAL B 227 -0.27 -5.21 -30.10
N VAL B 228 -1.20 -6.15 -29.88
CA VAL B 228 -1.07 -7.13 -28.82
C VAL B 228 -1.29 -8.53 -29.41
N VAL B 229 -0.33 -9.41 -29.18
CA VAL B 229 -0.40 -10.80 -29.65
C VAL B 229 -0.22 -11.78 -28.46
N LEU B 230 -1.17 -12.71 -28.33
CA LEU B 230 -1.17 -13.73 -27.28
C LEU B 230 -1.19 -15.12 -27.94
N GLY B 231 -0.23 -15.97 -27.57
CA GLY B 231 -0.17 -17.32 -28.13
C GLY B 231 0.60 -18.28 -27.25
N ARG B 232 0.69 -19.54 -27.67
CA ARG B 232 1.43 -20.55 -26.90
C ARG B 232 2.93 -20.44 -27.11
N GLU B 233 3.32 -19.86 -28.24
CA GLU B 233 4.72 -19.67 -28.62
C GLU B 233 5.50 -18.88 -27.56
N SER B 234 6.82 -19.09 -27.54
CA SER B 234 7.70 -18.33 -26.67
C SER B 234 7.66 -16.85 -27.02
N LEU B 235 8.09 -16.01 -26.08
CA LEU B 235 8.20 -14.57 -26.30
C LEU B 235 9.12 -14.27 -27.49
N ASP B 236 10.22 -15.02 -27.61
CA ASP B 236 11.14 -14.89 -28.74
C ASP B 236 10.48 -15.20 -30.08
N ASP B 237 9.74 -16.29 -30.14
CA ASP B 237 9.03 -16.64 -31.37
C ASP B 237 7.93 -15.64 -31.70
N LEU B 238 7.20 -15.18 -30.70
CA LEU B 238 6.16 -14.17 -30.90
C LEU B 238 6.78 -12.86 -31.37
N THR B 239 7.96 -12.54 -30.83
CA THR B 239 8.74 -11.38 -31.27
C THR B 239 9.06 -11.43 -32.76
N ASN B 240 9.57 -12.56 -33.23
CA ASN B 240 9.95 -12.72 -34.63
C ASN B 240 8.72 -12.70 -35.53
N LEU B 241 7.62 -13.26 -35.04
CA LEU B 241 6.36 -13.28 -35.75
C LEU B 241 5.82 -11.85 -35.95
N VAL B 242 5.76 -11.06 -34.87
CA VAL B 242 5.25 -9.68 -34.95
C VAL B 242 6.10 -8.78 -35.83
N VAL B 243 7.42 -8.89 -35.69
CA VAL B 243 8.38 -8.17 -36.55
C VAL B 243 8.19 -8.59 -38.01
N LYS B 244 8.15 -9.89 -38.25
CA LYS B 244 7.94 -10.41 -39.59
C LYS B 244 6.71 -9.77 -40.25
N LEU B 245 5.61 -9.63 -39.50
CA LEU B 245 4.33 -9.22 -40.09
C LEU B 245 4.02 -7.73 -40.06
N PHE B 246 4.60 -7.00 -39.10
CA PHE B 246 4.21 -5.60 -38.86
C PHE B 246 5.29 -4.54 -39.07
N SER B 247 6.53 -4.99 -39.30
CA SER B 247 7.64 -4.09 -39.64
C SER B 247 7.40 -3.27 -40.89
N GLU B 248 6.61 -3.81 -41.83
CA GLU B 248 6.42 -3.17 -43.12
C GLU B 248 5.33 -2.09 -43.15
N VAL B 249 4.59 -1.94 -42.05
CA VAL B 249 3.61 -0.86 -41.93
C VAL B 249 4.38 0.47 -42.00
N GLU B 250 3.90 1.38 -42.84
CA GLU B 250 4.55 2.68 -43.03
C GLU B 250 4.31 3.66 -41.90
N ASN B 251 5.35 4.40 -41.57
CA ASN B 251 5.31 5.49 -40.60
C ASN B 251 5.16 6.83 -41.30
N LYS B 252 4.00 7.45 -41.16
CA LYS B 252 3.75 8.75 -41.78
C LYS B 252 4.01 9.88 -40.77
N ASN B 253 4.51 9.53 -39.59
CA ASN B 253 4.68 10.48 -38.48
C ASN B 253 3.49 11.41 -38.27
N VAL B 254 2.31 10.81 -38.11
CA VAL B 254 1.07 11.58 -37.98
C VAL B 254 0.98 12.15 -36.57
N PRO B 255 0.71 13.46 -36.45
CA PRO B 255 0.46 14.03 -35.14
C PRO B 255 -0.86 13.52 -34.54
N LEU B 256 -0.81 13.18 -33.26
CA LEU B 256 -2.00 12.76 -32.54
C LEU B 256 -2.98 13.92 -32.44
N PRO B 257 -4.24 13.73 -32.90
CA PRO B 257 -5.26 14.78 -32.70
C PRO B 257 -5.42 15.18 -31.24
N GLU B 258 -5.54 16.47 -30.98
CA GLU B 258 -5.77 16.97 -29.64
C GLU B 258 -6.98 17.91 -29.71
N PHE B 259 -7.77 17.94 -28.64
CA PHE B 259 -8.95 18.80 -28.59
C PHE B 259 -8.98 19.58 -27.28
N PRO B 260 -8.02 20.53 -27.11
CA PRO B 260 -7.86 21.24 -25.83
C PRO B 260 -9.00 22.22 -25.52
N GLU B 261 -9.70 22.69 -26.54
CA GLU B 261 -10.85 23.54 -26.32
C GLU B 261 -12.07 22.67 -26.03
N HIS B 262 -12.72 22.91 -24.90
CA HIS B 262 -13.86 22.10 -24.51
C HIS B 262 -15.05 22.37 -25.44
N PRO B 263 -15.76 21.30 -25.87
CA PRO B 263 -16.96 21.52 -26.69
C PRO B 263 -18.03 22.36 -25.99
N PHE B 264 -18.04 22.35 -24.66
CA PHE B 264 -18.95 23.21 -23.92
C PHE B 264 -18.23 24.48 -23.47
N GLN B 265 -18.57 25.59 -24.12
CA GLN B 265 -18.05 26.89 -23.73
C GLN B 265 -19.14 27.62 -22.93
N GLU B 266 -18.85 28.88 -22.57
CA GLU B 266 -19.72 29.69 -21.71
C GLU B 266 -21.19 29.67 -22.12
N GLU B 267 -21.45 29.87 -23.40
CA GLU B 267 -22.83 29.87 -23.92
C GLU B 267 -23.59 28.53 -23.82
N HIS B 268 -22.87 27.43 -23.56
CA HIS B 268 -23.46 26.09 -23.49
C HIS B 268 -23.68 25.65 -22.04
N LEU B 269 -23.43 26.56 -21.11
CA LEU B 269 -23.46 26.26 -19.70
C LEU B 269 -24.65 26.97 -19.10
N LYS B 270 -25.13 26.47 -17.95
CA LYS B 270 -26.34 27.00 -17.30
C LYS B 270 -27.54 26.85 -18.24
N GLN B 271 -27.58 25.72 -18.93
CA GLN B 271 -28.61 25.40 -19.90
C GLN B 271 -29.42 24.21 -19.42
N LEU B 272 -30.71 24.25 -19.72
CA LEU B 272 -31.68 23.22 -19.36
C LEU B 272 -32.27 22.64 -20.64
N TYR B 273 -32.22 21.32 -20.79
CA TYR B 273 -32.82 20.65 -21.94
C TYR B 273 -33.96 19.76 -21.47
N LYS B 274 -35.09 19.90 -22.15
CA LYS B 274 -36.28 19.13 -21.91
C LYS B 274 -36.50 18.23 -23.11
N ILE B 275 -36.52 16.92 -22.85
CA ILE B 275 -36.40 15.92 -23.92
C ILE B 275 -37.50 14.86 -23.90
N VAL B 276 -38.06 14.58 -25.07
CA VAL B 276 -39.06 13.52 -25.23
C VAL B 276 -38.38 12.17 -25.52
N PRO B 277 -38.55 11.17 -24.63
CA PRO B 277 -37.97 9.86 -24.92
C PRO B 277 -38.89 9.03 -25.83
N ILE B 278 -38.38 7.90 -26.32
CA ILE B 278 -39.16 6.90 -27.05
C ILE B 278 -39.87 5.99 -26.03
N LYS B 279 -39.07 5.37 -25.15
CA LYS B 279 -39.61 4.65 -24.00
C LYS B 279 -40.22 5.62 -22.99
N ASP B 280 -41.11 5.11 -22.14
CA ASP B 280 -41.62 5.89 -21.03
C ASP B 280 -40.59 5.77 -19.91
N ILE B 281 -39.63 6.69 -19.94
CA ILE B 281 -38.56 6.79 -18.97
C ILE B 281 -38.50 8.22 -18.46
N ARG B 282 -38.03 8.36 -17.24
CA ARG B 282 -37.92 9.61 -16.54
C ARG B 282 -36.51 9.71 -15.98
N ASN B 283 -35.71 10.62 -16.55
CA ASN B 283 -34.28 10.72 -16.18
C ASN B 283 -33.83 12.16 -16.04
N LEU B 284 -32.84 12.37 -15.17
CA LEU B 284 -32.19 13.67 -15.01
C LEU B 284 -30.67 13.50 -15.21
N TYR B 285 -30.13 14.24 -16.17
CA TYR B 285 -28.69 14.21 -16.48
C TYR B 285 -28.10 15.54 -16.13
N VAL B 286 -27.19 15.52 -15.17
CA VAL B 286 -26.43 16.70 -14.77
C VAL B 286 -24.98 16.55 -15.20
N THR B 287 -24.48 17.53 -15.96
CA THR B 287 -23.12 17.47 -16.44
C THR B 287 -22.29 18.76 -16.25
N PHE B 288 -21.01 18.55 -15.96
CA PHE B 288 -20.06 19.62 -15.79
C PHE B 288 -18.92 19.34 -16.75
N PRO B 289 -18.54 20.34 -17.58
CA PRO B 289 -17.29 20.21 -18.33
C PRO B 289 -16.10 20.25 -17.38
N ILE B 290 -15.14 19.38 -17.64
CA ILE B 290 -13.89 19.37 -16.88
C ILE B 290 -12.69 19.21 -17.83
N PRO B 291 -11.48 19.60 -17.38
CA PRO B 291 -10.24 19.33 -18.12
C PRO B 291 -9.99 17.85 -18.32
N ASP B 292 -9.10 17.52 -19.24
CA ASP B 292 -8.63 16.14 -19.39
C ASP B 292 -7.83 15.71 -18.15
N LEU B 293 -8.34 14.72 -17.43
CA LEU B 293 -7.69 14.29 -16.19
C LEU B 293 -6.84 13.04 -16.41
N GLN B 294 -6.73 12.59 -17.65
CA GLN B 294 -6.01 11.36 -17.94
C GLN B 294 -4.56 11.42 -17.47
N LYS B 295 -3.91 12.57 -17.60
CA LYS B 295 -2.50 12.70 -17.18
C LYS B 295 -2.33 12.52 -15.66
N TYR B 296 -3.43 12.65 -14.92
CA TYR B 296 -3.38 12.53 -13.45
C TYR B 296 -3.68 11.13 -12.96
N TYR B 297 -3.59 10.15 -13.87
CA TYR B 297 -4.01 8.78 -13.61
C TYR B 297 -3.37 8.10 -12.40
N LYS B 298 -2.20 8.58 -11.97
CA LYS B 298 -1.54 8.07 -10.77
C LYS B 298 -2.31 8.36 -9.48
N SER B 299 -3.08 9.45 -9.49
CA SER B 299 -3.85 9.85 -8.32
C SER B 299 -5.36 9.77 -8.61
N ASN B 300 -5.72 9.86 -9.89
CA ASN B 300 -7.10 9.73 -10.33
C ASN B 300 -8.11 10.52 -9.48
N PRO B 301 -8.01 11.86 -9.50
CA PRO B 301 -8.89 12.73 -8.72
C PRO B 301 -10.39 12.48 -9.00
N GLY B 302 -10.75 12.30 -10.26
CA GLY B 302 -12.12 12.05 -10.69
C GLY B 302 -12.71 10.75 -10.19
N HIS B 303 -11.87 9.72 -10.12
CA HIS B 303 -12.31 8.45 -9.56
C HIS B 303 -12.63 8.58 -8.07
N TYR B 304 -11.76 9.32 -7.35
CA TYR B 304 -12.00 9.61 -5.95
C TYR B 304 -13.38 10.32 -5.76
N LEU B 305 -13.66 11.34 -6.56
CA LEU B 305 -14.89 12.10 -6.41
C LEU B 305 -16.12 11.32 -6.90
N GLY B 306 -15.94 10.47 -7.92
CA GLY B 306 -16.98 9.59 -8.39
C GLY B 306 -17.37 8.53 -7.36
N HIS B 307 -16.38 7.88 -6.77
CA HIS B 307 -16.62 6.94 -5.66
C HIS B 307 -17.49 7.57 -4.55
N LEU B 308 -17.20 8.82 -4.20
CA LEU B 308 -17.93 9.51 -3.15
C LEU B 308 -19.33 9.99 -3.58
N ILE B 309 -19.39 10.78 -4.65
CA ILE B 309 -20.64 11.32 -5.13
C ILE B 309 -21.60 10.17 -5.58
N GLY B 310 -21.04 9.11 -6.16
CA GLY B 310 -21.81 7.95 -6.63
C GLY B 310 -22.04 6.87 -5.59
N HIS B 311 -21.56 7.08 -4.36
CA HIS B 311 -21.75 6.11 -3.28
C HIS B 311 -23.24 5.86 -3.00
N GLU B 312 -23.56 4.63 -2.56
CA GLU B 312 -24.94 4.21 -2.28
C GLU B 312 -25.16 3.73 -0.81
N GLY B 313 -24.14 3.84 0.03
CA GLY B 313 -24.26 3.42 1.43
C GLY B 313 -24.92 4.48 2.27
N PRO B 314 -25.10 4.21 3.58
CA PRO B 314 -25.70 5.23 4.48
C PRO B 314 -24.94 6.57 4.41
N GLY B 315 -25.67 7.67 4.50
CA GLY B 315 -25.08 9.00 4.41
C GLY B 315 -24.93 9.55 3.01
N SER B 316 -25.11 8.69 2.00
CA SER B 316 -24.92 9.08 0.60
C SER B 316 -25.97 10.05 0.05
N LEU B 317 -25.58 10.74 -1.01
CA LEU B 317 -26.50 11.50 -1.83
C LEU B 317 -27.69 10.65 -2.33
N LEU B 318 -27.43 9.47 -2.87
CA LEU B 318 -28.51 8.56 -3.28
C LEU B 318 -29.50 8.30 -2.14
N SER B 319 -28.97 8.00 -0.94
CA SER B 319 -29.82 7.58 0.19
C SER B 319 -30.88 8.60 0.51
N GLU B 320 -30.49 9.87 0.52
CA GLU B 320 -31.42 10.95 0.81
C GLU B 320 -32.45 11.14 -0.31
N LEU B 321 -31.99 11.09 -1.56
CA LEU B 321 -32.89 11.23 -2.72
C LEU B 321 -33.89 10.06 -2.80
N LYS B 322 -33.44 8.88 -2.39
CA LYS B 322 -34.27 7.70 -2.34
C LYS B 322 -35.34 7.88 -1.24
N SER B 323 -34.92 8.35 -0.06
CA SER B 323 -35.79 8.53 1.10
C SER B 323 -36.85 9.59 0.89
N LYS B 324 -36.49 10.66 0.18
CA LYS B 324 -37.46 11.67 -0.22
C LYS B 324 -38.44 11.12 -1.26
N GLY B 325 -38.16 9.96 -1.83
CA GLY B 325 -39.05 9.33 -2.83
C GLY B 325 -38.90 9.98 -4.20
N TRP B 326 -37.70 10.50 -4.48
CA TRP B 326 -37.47 11.28 -5.70
C TRP B 326 -36.74 10.53 -6.82
N VAL B 327 -35.85 9.60 -6.45
CA VAL B 327 -35.07 8.83 -7.41
C VAL B 327 -34.86 7.40 -6.90
N ASN B 328 -34.58 6.46 -7.81
CA ASN B 328 -34.21 5.10 -7.39
C ASN B 328 -32.75 4.75 -7.57
N THR B 329 -32.14 5.25 -8.64
CA THR B 329 -30.76 4.88 -8.96
C THR B 329 -30.00 6.15 -9.30
N LEU B 330 -28.68 6.08 -9.18
CA LEU B 330 -27.77 7.22 -9.41
C LEU B 330 -26.43 6.73 -9.95
N VAL B 331 -25.92 7.41 -10.98
CA VAL B 331 -24.53 7.20 -11.41
C VAL B 331 -23.81 8.55 -11.43
N GLY B 332 -22.63 8.57 -10.82
CA GLY B 332 -21.82 9.78 -10.72
C GLY B 332 -20.38 9.46 -11.04
N GLY B 333 -19.66 10.44 -11.55
CA GLY B 333 -18.25 10.26 -11.81
C GLY B 333 -17.78 10.93 -13.07
N GLN B 334 -16.55 10.60 -13.44
CA GLN B 334 -15.93 11.24 -14.57
C GLN B 334 -16.31 10.47 -15.81
N LYS B 335 -16.35 11.16 -16.93
CA LYS B 335 -16.75 10.55 -18.17
C LYS B 335 -15.77 10.97 -19.26
N GLU B 336 -15.27 10.00 -20.01
CA GLU B 336 -14.34 10.28 -21.12
C GLU B 336 -14.96 11.24 -22.13
N GLY B 337 -14.11 12.07 -22.71
CA GLY B 337 -14.46 12.86 -23.89
C GLY B 337 -13.43 12.53 -24.96
N ALA B 338 -12.34 13.27 -24.99
CA ALA B 338 -11.22 13.00 -25.89
C ALA B 338 -9.98 13.71 -25.33
N ARG B 339 -8.82 13.47 -25.94
CA ARG B 339 -7.60 14.14 -25.51
C ARG B 339 -7.83 15.64 -25.46
N GLY B 340 -7.78 16.20 -24.25
CA GLY B 340 -8.05 17.62 -24.08
C GLY B 340 -9.35 17.98 -23.35
N PHE B 341 -10.34 17.07 -23.32
CA PHE B 341 -11.59 17.36 -22.59
C PHE B 341 -12.30 16.15 -21.98
N MET B 342 -12.95 16.38 -20.83
CA MET B 342 -13.73 15.36 -20.13
C MET B 342 -15.02 15.94 -19.54
N PHE B 343 -15.83 15.07 -18.93
CA PHE B 343 -17.07 15.51 -18.30
C PHE B 343 -17.14 14.89 -16.92
N PHE B 344 -17.89 15.54 -16.04
CA PHE B 344 -18.24 14.94 -14.77
C PHE B 344 -19.75 14.89 -14.72
N ILE B 345 -20.31 13.74 -14.39
CA ILE B 345 -21.74 13.55 -14.46
C ILE B 345 -22.35 13.11 -13.14
N ILE B 346 -23.60 13.50 -12.93
CA ILE B 346 -24.48 12.96 -11.89
C ILE B 346 -25.84 12.70 -12.55
N ASN B 347 -26.14 11.42 -12.76
CA ASN B 347 -27.34 11.03 -13.48
C ASN B 347 -28.24 10.22 -12.57
N VAL B 348 -29.53 10.51 -12.58
CA VAL B 348 -30.50 9.79 -11.76
C VAL B 348 -31.74 9.46 -12.59
N ASP B 349 -32.46 8.38 -12.24
CA ASP B 349 -33.82 8.24 -12.76
C ASP B 349 -34.76 9.04 -11.86
N LEU B 350 -35.98 9.25 -12.32
CA LEU B 350 -36.93 10.07 -11.57
C LEU B 350 -38.22 9.33 -11.30
N THR B 351 -38.70 9.43 -10.06
CA THR B 351 -40.07 9.04 -9.76
C THR B 351 -41.02 10.13 -10.29
N GLU B 352 -42.30 9.83 -10.26
CA GLU B 352 -43.33 10.82 -10.60
C GLU B 352 -43.18 12.10 -9.78
N GLU B 353 -42.96 11.93 -8.48
CA GLU B 353 -42.70 13.04 -7.56
C GLU B 353 -41.34 13.75 -7.81
N GLY B 354 -40.30 12.95 -8.10
CA GLY B 354 -38.97 13.47 -8.44
C GLY B 354 -39.00 14.37 -9.65
N LEU B 355 -39.79 14.03 -10.65
CA LEU B 355 -39.99 14.89 -11.83
C LEU B 355 -40.47 16.30 -11.48
N LEU B 356 -41.28 16.41 -10.42
CA LEU B 356 -41.79 17.70 -9.95
C LEU B 356 -40.80 18.42 -9.04
N HIS B 357 -39.70 17.76 -8.66
CA HIS B 357 -38.76 18.26 -7.69
C HIS B 357 -37.32 18.28 -8.21
N VAL B 358 -37.16 18.52 -9.50
CA VAL B 358 -35.83 18.56 -10.14
C VAL B 358 -34.89 19.64 -9.54
N GLU B 359 -35.45 20.82 -9.29
CA GLU B 359 -34.71 21.90 -8.68
C GLU B 359 -34.22 21.52 -7.27
N ASP B 360 -35.10 20.94 -6.46
CA ASP B 360 -34.72 20.35 -5.19
C ASP B 360 -33.65 19.23 -5.24
N ILE B 361 -33.77 18.32 -6.23
CA ILE B 361 -32.81 17.23 -6.41
C ILE B 361 -31.42 17.82 -6.69
N ILE B 362 -31.38 18.79 -7.60
CA ILE B 362 -30.14 19.45 -7.96
C ILE B 362 -29.54 20.20 -6.75
N LEU B 363 -30.38 20.91 -6.01
CA LEU B 363 -29.96 21.52 -4.73
C LEU B 363 -29.26 20.50 -3.83
N HIS B 364 -29.86 19.35 -3.62
CA HIS B 364 -29.27 18.29 -2.80
C HIS B 364 -27.93 17.78 -3.34
N MET B 365 -27.79 17.74 -4.67
CA MET B 365 -26.52 17.41 -5.31
C MET B 365 -25.44 18.42 -4.90
N PHE B 366 -25.78 19.71 -4.96
CA PHE B 366 -24.84 20.75 -4.54
C PHE B 366 -24.53 20.78 -3.04
N GLN B 367 -25.50 20.36 -2.22
CA GLN B 367 -25.28 20.27 -0.79
C GLN B 367 -24.31 19.14 -0.48
N TYR B 368 -24.40 18.04 -1.23
CA TYR B 368 -23.44 16.96 -1.06
C TYR B 368 -22.06 17.42 -1.48
N ILE B 369 -21.98 18.12 -2.60
CA ILE B 369 -20.69 18.60 -3.09
C ILE B 369 -20.06 19.55 -2.06
N GLN B 370 -20.91 20.38 -1.44
CA GLN B 370 -20.45 21.32 -0.41
C GLN B 370 -19.96 20.59 0.84
N LYS B 371 -20.60 19.49 1.19
CA LYS B 371 -20.13 18.64 2.30
C LYS B 371 -18.71 18.10 2.04
N LEU B 372 -18.43 17.73 0.80
CA LEU B 372 -17.08 17.30 0.43
C LEU B 372 -16.09 18.47 0.50
N ARG B 373 -16.52 19.66 0.07
CA ARG B 373 -15.70 20.86 0.17
C ARG B 373 -15.40 21.21 1.63
N ALA B 374 -16.44 21.18 2.47
CA ALA B 374 -16.29 21.46 3.91
C ALA B 374 -15.43 20.43 4.67
N GLU B 375 -15.49 19.16 4.30
CA GLU B 375 -14.69 18.15 4.99
C GLU B 375 -13.26 18.09 4.43
N GLY B 376 -13.09 18.59 3.20
CA GLY B 376 -11.83 18.43 2.48
C GLY B 376 -11.47 16.98 2.10
N PRO B 377 -10.46 16.82 1.21
CA PRO B 377 -10.09 15.48 0.72
C PRO B 377 -9.72 14.53 1.85
N GLN B 378 -10.14 13.27 1.72
CA GLN B 378 -9.98 12.27 2.78
C GLN B 378 -9.03 11.20 2.34
N GLU B 379 -7.87 11.18 2.98
CA GLU B 379 -6.83 10.23 2.63
C GLU B 379 -7.21 8.79 2.92
N TRP B 380 -7.92 8.54 4.02
CA TRP B 380 -8.28 7.18 4.39
C TRP B 380 -9.17 6.54 3.30
N VAL B 381 -9.98 7.37 2.65
CA VAL B 381 -10.87 6.97 1.56
C VAL B 381 -10.02 6.54 0.38
N PHE B 382 -9.10 7.41 -0.06
CA PHE B 382 -8.14 7.11 -1.12
C PHE B 382 -7.33 5.85 -0.80
N GLN B 383 -6.80 5.77 0.42
CA GLN B 383 -6.07 4.57 0.84
C GLN B 383 -6.91 3.30 0.76
N GLU B 384 -8.16 3.37 1.21
CA GLU B 384 -9.04 2.21 1.16
C GLU B 384 -9.28 1.79 -0.31
N LEU B 385 -9.53 2.78 -1.17
CA LEU B 385 -9.60 2.56 -2.63
C LEU B 385 -8.34 1.90 -3.18
N LYS B 386 -7.18 2.45 -2.83
CA LYS B 386 -5.88 1.89 -3.25
C LYS B 386 -5.70 0.42 -2.83
N ASP B 387 -5.94 0.14 -1.56
CA ASP B 387 -5.79 -1.19 -1.00
C ASP B 387 -6.71 -2.23 -1.65
N LEU B 388 -7.94 -1.81 -1.92
CA LEU B 388 -8.93 -2.66 -2.59
C LEU B 388 -8.51 -2.95 -4.03
N ASN B 389 -8.05 -1.92 -4.74
CA ASN B 389 -7.51 -2.08 -6.11
C ASN B 389 -6.34 -3.03 -6.18
N ALA B 390 -5.51 -3.00 -5.13
CA ALA B 390 -4.32 -3.87 -5.02
C ALA B 390 -4.72 -5.33 -4.81
N VAL B 391 -5.72 -5.57 -3.97
CA VAL B 391 -6.29 -6.91 -3.78
C VAL B 391 -6.94 -7.40 -5.08
N ALA B 392 -7.73 -6.54 -5.72
CA ALA B 392 -8.36 -6.86 -7.00
C ALA B 392 -7.36 -7.27 -8.07
N PHE B 393 -6.30 -6.47 -8.24
CA PHE B 393 -5.28 -6.76 -9.25
C PHE B 393 -4.58 -8.10 -8.96
N ARG B 394 -4.25 -8.31 -7.69
CA ARG B 394 -3.60 -9.55 -7.28
C ARG B 394 -4.42 -10.82 -7.65
N PHE B 395 -5.70 -10.83 -7.27
CA PHE B 395 -6.56 -12.02 -7.39
C PHE B 395 -7.51 -11.96 -8.60
N LYS B 396 -7.20 -11.07 -9.54
CA LYS B 396 -7.93 -10.87 -10.80
C LYS B 396 -8.18 -12.21 -11.52
N ASP B 397 -9.37 -12.42 -12.07
CA ASP B 397 -9.63 -13.63 -12.87
C ASP B 397 -8.85 -13.54 -14.19
N LYS B 398 -8.37 -14.69 -14.66
CA LYS B 398 -7.72 -14.78 -15.96
C LYS B 398 -8.74 -14.44 -17.07
N GLU B 399 -8.33 -13.58 -18.00
CA GLU B 399 -9.21 -12.99 -19.02
C GLU B 399 -9.25 -13.90 -20.25
N ARG B 400 -10.39 -13.89 -20.96
CA ARG B 400 -10.47 -14.46 -22.31
C ARG B 400 -9.54 -13.68 -23.23
N PRO B 401 -8.73 -14.40 -24.03
CA PRO B 401 -7.70 -13.83 -24.91
C PRO B 401 -8.17 -12.68 -25.81
N ARG B 402 -9.32 -12.85 -26.46
CA ARG B 402 -9.81 -11.85 -27.42
C ARG B 402 -10.09 -10.46 -26.84
N GLY B 403 -10.80 -10.42 -25.70
CA GLY B 403 -11.09 -9.15 -25.03
C GLY B 403 -9.83 -8.60 -24.40
N TYR B 404 -8.97 -9.48 -23.91
CA TYR B 404 -7.72 -9.09 -23.27
C TYR B 404 -6.82 -8.35 -24.23
N THR B 405 -6.60 -8.91 -25.43
CA THR B 405 -5.72 -8.29 -26.43
C THR B 405 -6.31 -6.96 -26.91
N SER B 406 -7.63 -6.94 -27.13
CA SER B 406 -8.32 -5.75 -27.57
C SER B 406 -8.19 -4.62 -26.56
N LYS B 407 -8.41 -4.94 -25.30
CA LYS B 407 -8.30 -4.00 -24.19
C LYS B 407 -6.87 -3.45 -24.06
N ILE B 408 -5.89 -4.34 -23.93
CA ILE B 408 -4.49 -3.95 -23.88
C ILE B 408 -4.10 -3.05 -25.08
N ALA B 409 -4.47 -3.43 -26.31
CA ALA B 409 -4.09 -2.60 -27.47
C ALA B 409 -4.57 -1.13 -27.32
N GLY B 410 -5.72 -0.94 -26.68
CA GLY B 410 -6.27 0.39 -26.44
C GLY B 410 -5.42 1.20 -25.48
N ILE B 411 -4.98 0.57 -24.39
CA ILE B 411 -4.26 1.29 -23.36
C ILE B 411 -2.74 1.42 -23.55
N LEU B 412 -2.18 0.66 -24.51
CA LEU B 412 -0.78 0.87 -24.92
C LEU B 412 -0.49 2.30 -25.40
N HIS B 413 -1.54 3.03 -25.78
CA HIS B 413 -1.47 4.42 -26.21
C HIS B 413 -1.38 5.42 -25.04
N TYR B 414 -1.66 4.97 -23.83
CA TYR B 414 -1.76 5.89 -22.69
C TYR B 414 -0.72 5.63 -21.63
N TYR B 415 -0.06 4.47 -21.68
CA TYR B 415 0.83 4.03 -20.60
C TYR B 415 2.15 3.52 -21.14
N PRO B 416 3.25 3.73 -20.37
CA PRO B 416 4.51 3.08 -20.77
C PRO B 416 4.30 1.57 -20.84
N LEU B 417 5.04 0.91 -21.72
CA LEU B 417 5.03 -0.55 -21.88
C LEU B 417 4.95 -1.33 -20.55
N GLU B 418 5.84 -1.01 -19.61
CA GLU B 418 5.96 -1.72 -18.32
C GLU B 418 4.75 -1.52 -17.43
N GLU B 419 4.01 -0.45 -17.68
CA GLU B 419 2.88 -0.10 -16.84
C GLU B 419 1.50 -0.51 -17.34
N VAL B 420 1.40 -1.15 -18.51
CA VAL B 420 0.07 -1.33 -19.15
C VAL B 420 -0.90 -2.28 -18.45
N LEU B 421 -0.37 -3.31 -17.79
CA LEU B 421 -1.19 -4.24 -17.03
C LEU B 421 -1.68 -3.64 -15.71
N THR B 422 -0.89 -2.76 -15.11
CA THR B 422 -1.19 -2.24 -13.78
C THR B 422 -1.97 -0.94 -13.87
N ALA B 423 -1.86 -0.33 -15.05
CA ALA B 423 -2.18 1.09 -15.26
C ALA B 423 -3.59 1.46 -14.82
N GLU B 424 -4.56 0.63 -15.19
CA GLU B 424 -5.94 0.94 -14.87
C GLU B 424 -6.46 0.08 -13.73
N TYR B 425 -5.54 -0.40 -12.90
CA TYR B 425 -5.90 -1.00 -11.64
C TYR B 425 -5.42 -0.16 -10.47
N LEU B 426 -4.16 0.23 -10.51
CA LEU B 426 -3.53 0.71 -9.30
C LEU B 426 -3.61 2.23 -9.17
N LEU B 427 -3.56 2.68 -7.92
CA LEU B 427 -3.61 4.07 -7.53
C LEU B 427 -2.34 4.25 -6.76
N GLU B 428 -1.73 5.42 -6.83
CA GLU B 428 -0.39 5.56 -6.24
C GLU B 428 -0.24 6.67 -5.23
N GLU B 429 -0.59 7.90 -5.62
CA GLU B 429 -0.38 9.03 -4.74
C GLU B 429 -1.66 9.79 -4.45
N PHE B 430 -1.85 10.15 -3.19
CA PHE B 430 -2.97 10.98 -2.80
C PHE B 430 -2.67 12.40 -3.24
N ARG B 431 -3.54 12.99 -4.06
CA ARG B 431 -3.29 14.35 -4.49
C ARG B 431 -4.44 15.31 -4.19
N PRO B 432 -4.50 15.78 -2.92
CA PRO B 432 -5.60 16.60 -2.47
C PRO B 432 -5.79 17.90 -3.27
N ASP B 433 -4.69 18.46 -3.77
CA ASP B 433 -4.73 19.67 -4.62
C ASP B 433 -5.49 19.44 -5.93
N LEU B 434 -5.32 18.26 -6.51
CA LEU B 434 -6.00 17.90 -7.76
C LEU B 434 -7.48 17.60 -7.55
N ILE B 435 -7.78 16.96 -6.42
CA ILE B 435 -9.14 16.70 -6.00
C ILE B 435 -9.89 18.02 -5.80
N GLU B 436 -9.25 18.98 -5.12
CA GLU B 436 -9.81 20.31 -4.95
C GLU B 436 -10.01 21.02 -6.30
N MET B 437 -9.06 20.85 -7.20
CA MET B 437 -9.17 21.44 -8.53
C MET B 437 -10.39 20.94 -9.32
N VAL B 438 -10.66 19.63 -9.27
CA VAL B 438 -11.82 19.05 -9.93
C VAL B 438 -13.11 19.50 -9.23
N LEU B 439 -13.13 19.42 -7.90
CA LEU B 439 -14.31 19.81 -7.10
C LEU B 439 -14.72 21.26 -7.34
N ASP B 440 -13.73 22.11 -7.60
CA ASP B 440 -13.95 23.51 -7.94
C ASP B 440 -14.64 23.72 -9.29
N LYS B 441 -14.62 22.69 -10.14
CA LYS B 441 -15.35 22.69 -11.42
C LYS B 441 -16.83 22.35 -11.24
N LEU B 442 -17.15 21.66 -10.13
CA LEU B 442 -18.51 21.17 -9.90
C LEU B 442 -19.39 22.23 -9.27
N ARG B 443 -19.66 23.29 -10.02
CA ARG B 443 -20.42 24.43 -9.50
C ARG B 443 -21.61 24.81 -10.39
N PRO B 444 -22.64 25.45 -9.78
CA PRO B 444 -23.86 25.83 -10.50
C PRO B 444 -23.59 26.63 -11.78
N GLU B 445 -22.60 27.51 -11.79
CA GLU B 445 -22.27 28.27 -13.00
C GLU B 445 -21.68 27.45 -14.18
N ASN B 446 -21.19 26.23 -13.99
CA ASN B 446 -20.91 25.41 -15.19
C ASN B 446 -21.72 24.13 -15.35
N VAL B 447 -22.99 24.21 -14.98
CA VAL B 447 -23.83 23.02 -14.97
C VAL B 447 -24.66 22.97 -16.26
N ARG B 448 -24.88 21.76 -16.75
CA ARG B 448 -25.85 21.51 -17.81
C ARG B 448 -26.83 20.49 -17.27
N VAL B 449 -28.09 20.71 -17.55
CA VAL B 449 -29.18 19.93 -16.96
C VAL B 449 -30.09 19.42 -18.08
N ALA B 450 -30.26 18.12 -18.16
CA ALA B 450 -31.21 17.57 -19.12
C ALA B 450 -32.27 16.74 -18.39
N ILE B 451 -33.54 16.99 -18.71
CA ILE B 451 -34.62 16.20 -18.15
C ILE B 451 -35.30 15.42 -19.28
N VAL B 452 -35.44 14.11 -19.09
CA VAL B 452 -36.08 13.30 -20.10
C VAL B 452 -37.45 12.82 -19.59
N SER B 453 -38.52 13.16 -20.29
CA SER B 453 -39.87 12.80 -19.84
C SER B 453 -40.89 12.89 -20.96
N LYS B 454 -41.83 11.94 -20.97
CA LYS B 454 -42.97 11.94 -21.90
C LYS B 454 -43.89 13.14 -21.70
N SER B 455 -43.84 13.73 -20.50
CA SER B 455 -44.62 14.92 -20.20
C SER B 455 -44.22 16.15 -21.00
N PHE B 456 -43.10 16.10 -21.72
CA PHE B 456 -42.73 17.21 -22.60
C PHE B 456 -43.29 17.02 -23.99
N GLU B 457 -43.93 15.88 -24.22
CA GLU B 457 -44.57 15.57 -25.49
C GLU B 457 -45.50 16.72 -25.91
N GLY B 458 -45.20 17.32 -27.06
CA GLY B 458 -45.99 18.44 -27.59
C GLY B 458 -45.61 19.82 -27.05
N LYS B 459 -44.64 19.86 -26.12
CA LYS B 459 -44.21 21.13 -25.53
C LYS B 459 -42.76 21.50 -25.94
N THR B 460 -42.27 20.86 -27.00
CA THR B 460 -40.89 21.08 -27.49
C THR B 460 -40.89 21.85 -28.81
N ASP B 461 -39.78 22.54 -29.09
CA ASP B 461 -39.67 23.33 -30.32
C ASP B 461 -38.43 23.06 -31.17
N ARG B 462 -37.59 22.10 -30.78
CA ARG B 462 -36.42 21.75 -31.59
C ARG B 462 -36.39 20.27 -31.97
N THR B 463 -35.65 19.94 -33.02
CA THR B 463 -35.54 18.59 -33.55
C THR B 463 -34.08 18.35 -33.92
N GLU B 464 -33.44 17.38 -33.26
CA GLU B 464 -32.07 17.03 -33.58
C GLU B 464 -32.03 16.30 -34.93
N GLU B 465 -31.10 16.69 -35.80
CA GLU B 465 -31.15 16.32 -37.22
C GLU B 465 -30.91 14.83 -37.51
N TRP B 466 -29.98 14.19 -36.82
CA TRP B 466 -29.60 12.80 -37.12
C TRP B 466 -30.56 11.72 -36.60
N TYR B 467 -31.14 11.93 -35.42
CA TYR B 467 -32.07 10.95 -34.83
C TYR B 467 -33.52 11.42 -34.83
N GLY B 468 -33.72 12.73 -34.94
CA GLY B 468 -35.04 13.34 -34.88
C GLY B 468 -35.54 13.66 -33.48
N THR B 469 -34.63 13.73 -32.51
CA THR B 469 -35.00 13.91 -31.09
C THR B 469 -35.73 15.23 -30.84
N GLN B 470 -36.91 15.16 -30.23
CA GLN B 470 -37.73 16.33 -29.91
C GLN B 470 -37.29 16.91 -28.57
N TYR B 471 -36.96 18.19 -28.56
CA TYR B 471 -36.45 18.79 -27.34
C TYR B 471 -36.66 20.31 -27.30
N LYS B 472 -36.40 20.89 -26.15
CA LYS B 472 -36.48 22.32 -25.97
C LYS B 472 -35.26 22.72 -25.14
N GLN B 473 -34.71 23.89 -25.42
CA GLN B 473 -33.57 24.40 -24.67
C GLN B 473 -33.93 25.70 -23.97
N GLU B 474 -33.53 25.85 -22.71
CA GLU B 474 -33.76 27.09 -21.97
C GLU B 474 -32.55 27.44 -21.13
N ALA B 475 -32.32 28.73 -20.93
CA ALA B 475 -31.34 29.19 -19.96
C ALA B 475 -31.90 28.88 -18.59
N ILE B 476 -31.05 28.48 -17.67
CA ILE B 476 -31.48 28.31 -16.29
C ILE B 476 -31.52 29.72 -15.65
N PRO B 477 -32.66 30.10 -15.02
CA PRO B 477 -32.79 31.42 -14.40
C PRO B 477 -31.67 31.68 -13.38
N ASP B 478 -31.19 32.93 -13.35
CA ASP B 478 -30.13 33.29 -12.41
C ASP B 478 -30.54 33.07 -10.97
N GLU B 479 -31.84 33.18 -10.71
CA GLU B 479 -32.35 32.95 -9.36
C GLU B 479 -32.15 31.50 -8.94
N VAL B 480 -32.33 30.58 -9.89
CA VAL B 480 -32.13 29.15 -9.66
C VAL B 480 -30.65 28.83 -9.39
N ILE B 481 -29.77 29.39 -10.21
CA ILE B 481 -28.33 29.19 -10.08
C ILE B 481 -27.81 29.71 -8.75
N LYS B 482 -28.25 30.92 -8.40
CA LYS B 482 -27.81 31.61 -7.19
C LYS B 482 -28.25 30.84 -5.93
N LYS B 483 -29.47 30.28 -5.97
CA LYS B 483 -29.96 29.37 -4.92
C LYS B 483 -29.07 28.11 -4.79
N TRP B 484 -28.72 27.50 -5.92
CA TRP B 484 -27.81 26.35 -5.92
C TRP B 484 -26.40 26.71 -5.40
N GLN B 485 -25.92 27.91 -5.78
CA GLN B 485 -24.64 28.46 -5.31
C GLN B 485 -24.58 28.63 -3.80
N ASN B 486 -25.72 28.91 -3.18
CA ASN B 486 -25.77 29.12 -1.73
C ASN B 486 -26.14 27.87 -0.95
N ALA B 487 -25.99 26.71 -1.58
CA ALA B 487 -26.29 25.41 -0.96
C ALA B 487 -25.50 25.24 0.32
N ASP B 488 -26.20 24.97 1.42
CA ASP B 488 -25.54 24.81 2.70
C ASP B 488 -25.49 23.35 3.10
N LEU B 489 -24.93 23.07 4.27
CA LEU B 489 -24.82 21.69 4.74
C LEU B 489 -26.16 21.10 5.16
N ASN B 490 -26.39 19.88 4.69
CA ASN B 490 -27.59 19.11 5.00
C ASN B 490 -27.15 17.96 5.91
N GLY B 491 -27.71 17.91 7.12
CA GLY B 491 -27.36 16.91 8.12
C GLY B 491 -27.56 15.48 7.69
N LYS B 492 -28.30 15.28 6.60
CA LYS B 492 -28.50 13.94 6.05
C LYS B 492 -27.27 13.38 5.32
N PHE B 493 -26.35 14.24 4.92
CA PHE B 493 -25.18 13.82 4.14
C PHE B 493 -23.93 13.59 4.99
N LYS B 494 -23.45 12.35 4.97
CA LYS B 494 -22.19 11.97 5.63
C LYS B 494 -21.27 11.26 4.65
N LEU B 495 -19.99 11.39 4.89
CA LEU B 495 -19.00 10.57 4.23
C LEU B 495 -19.29 9.11 4.54
N PRO B 496 -18.90 8.19 3.65
CA PRO B 496 -19.09 6.77 3.92
C PRO B 496 -18.32 6.39 5.18
N THR B 497 -18.76 5.33 5.86
CA THR B 497 -17.99 4.80 6.96
C THR B 497 -16.98 3.80 6.39
N LYS B 498 -16.05 3.37 7.22
CA LYS B 498 -15.04 2.39 6.83
C LYS B 498 -15.69 1.10 6.32
N ASN B 499 -15.24 0.61 5.18
CA ASN B 499 -15.79 -0.62 4.59
C ASN B 499 -15.37 -1.82 5.41
N GLU B 500 -16.34 -2.49 6.02
CA GLU B 500 -16.04 -3.62 6.91
C GLU B 500 -16.14 -4.95 6.17
N PHE B 501 -16.52 -4.89 4.89
CA PHE B 501 -16.61 -6.09 4.05
C PHE B 501 -15.30 -6.45 3.35
N ILE B 502 -14.29 -5.59 3.55
CA ILE B 502 -12.96 -5.79 2.97
C ILE B 502 -12.44 -7.16 3.37
N PRO B 503 -12.02 -7.98 2.38
CA PRO B 503 -11.54 -9.33 2.68
C PRO B 503 -10.11 -9.30 3.22
N THR B 504 -9.82 -10.16 4.19
CA THR B 504 -8.48 -10.25 4.80
C THR B 504 -8.01 -11.71 4.89
N ASN B 505 -8.89 -12.67 4.61
CA ASN B 505 -8.48 -14.06 4.58
C ASN B 505 -8.41 -14.62 3.16
N PHE B 506 -7.20 -14.80 2.66
CA PHE B 506 -6.97 -15.20 1.28
C PHE B 506 -6.36 -16.58 1.19
N GLU B 507 -6.44 -17.32 2.29
CA GLU B 507 -5.87 -18.65 2.33
C GLU B 507 -6.59 -19.58 1.36
N ILE B 508 -5.81 -20.23 0.49
CA ILE B 508 -6.31 -21.32 -0.31
C ILE B 508 -6.21 -22.59 0.52
N LEU B 509 -7.37 -23.16 0.81
CA LEU B 509 -7.47 -24.39 1.57
C LEU B 509 -6.94 -25.54 0.71
N PRO B 510 -6.21 -26.49 1.34
CA PRO B 510 -5.62 -27.60 0.59
C PRO B 510 -6.68 -28.51 -0.04
N LEU B 511 -6.41 -28.96 -1.27
CA LEU B 511 -7.27 -29.88 -1.96
C LEU B 511 -7.51 -31.13 -1.09
N GLU B 512 -8.77 -31.44 -0.82
CA GLU B 512 -9.15 -32.60 0.02
C GLU B 512 -8.81 -33.94 -0.64
N LYS B 513 -8.61 -34.96 0.19
CA LYS B 513 -8.32 -36.31 -0.28
C LYS B 513 -9.44 -36.80 -1.19
N GLU B 514 -10.68 -36.50 -0.81
CA GLU B 514 -11.87 -36.95 -1.53
C GLU B 514 -12.36 -35.99 -2.64
N ALA B 515 -11.57 -34.97 -2.98
CA ALA B 515 -11.98 -33.96 -3.97
C ALA B 515 -12.28 -34.59 -5.32
N THR B 516 -13.26 -34.02 -6.03
CA THR B 516 -13.72 -34.55 -7.32
C THR B 516 -13.44 -33.58 -8.48
N PRO B 517 -13.17 -34.11 -9.69
CA PRO B 517 -13.03 -33.25 -10.87
C PRO B 517 -14.31 -32.55 -11.33
N TYR B 518 -15.47 -33.14 -11.02
CA TYR B 518 -16.78 -32.53 -11.30
C TYR B 518 -17.55 -32.37 -10.01
N PRO B 519 -18.67 -31.61 -10.02
CA PRO B 519 -19.42 -31.49 -8.77
C PRO B 519 -19.98 -32.83 -8.31
N ALA B 520 -19.91 -33.06 -7.01
CA ALA B 520 -20.46 -34.25 -6.40
C ALA B 520 -21.74 -33.88 -5.66
N LEU B 521 -22.74 -34.75 -5.75
CA LEU B 521 -23.96 -34.61 -4.95
C LEU B 521 -23.66 -35.04 -3.53
N ILE B 522 -23.67 -34.11 -2.60
CA ILE B 522 -23.19 -34.42 -1.25
C ILE B 522 -24.29 -34.27 -0.20
N LYS B 523 -25.46 -33.84 -0.66
CA LYS B 523 -26.68 -33.82 0.14
C LYS B 523 -27.85 -34.03 -0.80
N ASP B 524 -28.75 -34.93 -0.42
CA ASP B 524 -29.92 -35.29 -1.25
C ASP B 524 -31.12 -35.60 -0.36
N THR B 525 -31.73 -34.54 0.16
CA THR B 525 -32.90 -34.67 1.01
C THR B 525 -34.11 -34.12 0.28
N ALA B 526 -35.27 -34.13 0.94
CA ALA B 526 -36.50 -33.63 0.32
C ALA B 526 -36.47 -32.11 0.21
N MET B 527 -35.76 -31.50 1.14
CA MET B 527 -35.65 -30.05 1.22
C MET B 527 -34.57 -29.49 0.26
N SER B 528 -33.45 -30.19 0.14
CA SER B 528 -32.35 -29.63 -0.60
C SER B 528 -31.49 -30.66 -1.32
N LYS B 529 -31.04 -30.27 -2.50
CA LYS B 529 -30.12 -31.05 -3.27
C LYS B 529 -28.84 -30.19 -3.44
N LEU B 530 -27.73 -30.64 -2.85
CA LEU B 530 -26.46 -29.91 -2.86
C LEU B 530 -25.37 -30.52 -3.72
N TRP B 531 -24.96 -29.76 -4.74
CA TRP B 531 -23.79 -30.09 -5.57
C TRP B 531 -22.55 -29.33 -5.09
N PHE B 532 -21.41 -30.00 -5.03
CA PHE B 532 -20.20 -29.40 -4.47
C PHE B 532 -18.95 -29.75 -5.27
N LYS B 533 -18.14 -28.73 -5.54
CA LYS B 533 -16.79 -28.96 -6.03
C LYS B 533 -15.82 -27.95 -5.43
N GLN B 534 -14.72 -28.48 -4.90
CA GLN B 534 -13.60 -27.67 -4.48
C GLN B 534 -12.81 -27.32 -5.73
N ASP B 535 -12.59 -26.03 -5.95
CA ASP B 535 -11.81 -25.55 -7.09
C ASP B 535 -10.48 -26.31 -7.17
N ASP B 536 -10.19 -26.90 -8.33
CA ASP B 536 -8.87 -27.52 -8.55
C ASP B 536 -8.13 -26.95 -9.75
N LYS B 537 -8.43 -25.71 -10.10
CA LYS B 537 -7.84 -25.13 -11.31
C LYS B 537 -7.23 -23.76 -11.10
N PHE B 538 -7.99 -22.88 -10.43
CA PHE B 538 -7.69 -21.45 -10.43
C PHE B 538 -6.97 -20.99 -9.19
N PHE B 539 -7.29 -21.58 -8.05
CA PHE B 539 -6.59 -21.35 -6.77
C PHE B 539 -6.57 -19.89 -6.33
N LEU B 540 -7.69 -19.20 -6.57
CA LEU B 540 -7.90 -17.86 -6.07
C LEU B 540 -8.82 -17.96 -4.85
N PRO B 541 -8.75 -16.98 -3.93
CA PRO B 541 -9.56 -17.03 -2.70
C PRO B 541 -11.02 -16.57 -2.96
N LYS B 542 -11.73 -17.35 -3.78
CA LYS B 542 -13.07 -16.96 -4.25
C LYS B 542 -13.98 -18.17 -4.32
N ALA B 543 -15.30 -17.93 -4.23
CA ALA B 543 -16.28 -19.01 -4.39
C ALA B 543 -17.55 -18.51 -5.09
N ASN B 544 -18.22 -19.43 -5.78
CA ASN B 544 -19.54 -19.19 -6.34
C ASN B 544 -20.55 -20.04 -5.60
N LEU B 545 -21.56 -19.37 -5.06
CA LEU B 545 -22.60 -20.06 -4.31
C LEU B 545 -23.94 -19.85 -5.05
N ASN B 546 -24.41 -20.88 -5.75
CA ASN B 546 -25.61 -20.77 -6.58
C ASN B 546 -26.78 -21.55 -5.95
N PHE B 547 -27.95 -20.93 -5.93
CA PHE B 547 -29.13 -21.51 -5.32
C PHE B 547 -30.34 -21.34 -6.21
N GLU B 548 -31.04 -22.43 -6.49
CA GLU B 548 -32.40 -22.35 -7.01
C GLU B 548 -33.41 -22.73 -5.94
N PHE B 549 -34.37 -21.84 -5.68
CA PHE B 549 -35.45 -22.09 -4.74
C PHE B 549 -36.73 -22.37 -5.54
N PHE B 550 -37.11 -23.64 -5.63
CA PHE B 550 -38.33 -24.03 -6.37
C PHE B 550 -39.59 -23.83 -5.54
N SER B 551 -40.58 -23.19 -6.15
CA SER B 551 -41.93 -23.04 -5.61
C SER B 551 -42.87 -22.84 -6.79
N PRO B 552 -43.99 -23.60 -6.83
CA PRO B 552 -45.01 -23.42 -7.90
C PRO B 552 -45.72 -22.06 -7.85
N PHE B 553 -45.65 -21.38 -6.70
CA PHE B 553 -46.33 -20.09 -6.51
C PHE B 553 -45.59 -18.88 -7.09
N ALA B 554 -44.41 -19.10 -7.63
CA ALA B 554 -43.62 -18.05 -8.27
C ALA B 554 -44.19 -17.67 -9.65
N TYR B 555 -44.85 -18.62 -10.31
CA TYR B 555 -45.28 -18.44 -11.70
C TYR B 555 -46.68 -19.03 -11.98
N VAL B 556 -47.45 -19.31 -10.93
CA VAL B 556 -48.75 -19.98 -11.07
C VAL B 556 -49.71 -19.22 -12.02
N ASP B 557 -49.76 -17.91 -11.86
CA ASP B 557 -50.52 -17.03 -12.75
C ASP B 557 -49.77 -15.69 -12.87
N PRO B 558 -50.16 -14.84 -13.84
CA PRO B 558 -49.55 -13.51 -13.99
C PRO B 558 -49.41 -12.69 -12.69
N LEU B 559 -50.45 -12.69 -11.86
CA LEU B 559 -50.43 -12.01 -10.56
C LEU B 559 -49.28 -12.44 -9.65
N HIS B 560 -49.04 -13.74 -9.57
CA HIS B 560 -48.06 -14.31 -8.65
C HIS B 560 -46.65 -14.14 -9.19
N SER B 561 -46.54 -14.25 -10.51
CA SER B 561 -45.35 -13.92 -11.24
C SER B 561 -45.00 -12.45 -10.97
N ASN B 562 -45.97 -11.54 -11.11
CA ASN B 562 -45.81 -10.16 -10.71
C ASN B 562 -45.28 -9.95 -9.29
N MET B 563 -45.84 -10.70 -8.34
CA MET B 563 -45.54 -10.51 -6.93
C MET B 563 -44.17 -11.07 -6.58
N ALA B 564 -43.80 -12.19 -7.20
CA ALA B 564 -42.48 -12.76 -7.05
C ALA B 564 -41.41 -11.74 -7.50
N TYR B 565 -41.71 -11.06 -8.61
CA TYR B 565 -40.82 -10.02 -9.12
C TYR B 565 -40.75 -8.86 -8.14
N LEU B 566 -41.90 -8.37 -7.70
CA LEU B 566 -41.94 -7.19 -6.82
C LEU B 566 -41.26 -7.45 -5.49
N TYR B 567 -41.44 -8.67 -4.99
CA TYR B 567 -40.87 -9.08 -3.73
C TYR B 567 -39.33 -9.01 -3.74
N LEU B 568 -38.72 -9.66 -4.73
CA LEU B 568 -37.28 -9.65 -4.91
C LEU B 568 -36.71 -8.28 -5.21
N GLU B 569 -37.45 -7.45 -5.92
CA GLU B 569 -37.03 -6.09 -6.24
C GLU B 569 -37.03 -5.23 -5.00
N LEU B 570 -38.04 -5.44 -4.17
CA LEU B 570 -38.16 -4.70 -2.92
C LEU B 570 -37.11 -5.12 -1.91
N LEU B 571 -36.80 -6.42 -1.90
CA LEU B 571 -35.75 -6.95 -1.06
C LEU B 571 -34.35 -6.40 -1.46
N LYS B 572 -34.02 -6.47 -2.75
CA LYS B 572 -32.75 -5.89 -3.25
C LYS B 572 -32.65 -4.41 -2.90
N ASP B 573 -33.75 -3.69 -3.10
CA ASP B 573 -33.81 -2.28 -2.79
C ASP B 573 -33.52 -1.98 -1.33
N SER B 574 -34.02 -2.80 -0.40
CA SER B 574 -33.82 -2.53 1.02
C SER B 574 -32.47 -3.02 1.53
N LEU B 575 -31.89 -4.02 0.85
CA LEU B 575 -30.55 -4.50 1.13
C LEU B 575 -29.45 -3.65 0.50
N ASN B 576 -29.80 -2.75 -0.41
CA ASN B 576 -28.83 -2.07 -1.28
C ASN B 576 -27.73 -1.29 -0.50
N GLU B 577 -28.15 -0.53 0.50
CA GLU B 577 -27.23 0.24 1.33
C GLU B 577 -26.15 -0.63 1.99
N TYR B 578 -26.56 -1.78 2.48
CA TYR B 578 -25.67 -2.74 3.12
C TYR B 578 -24.78 -3.48 2.12
N ALA B 579 -25.38 -3.99 1.05
CA ALA B 579 -24.68 -4.76 0.02
C ALA B 579 -23.75 -3.94 -0.89
N TYR B 580 -23.94 -2.62 -0.93
CA TYR B 580 -23.09 -1.78 -1.77
C TYR B 580 -21.62 -1.84 -1.32
N ALA B 581 -21.39 -1.78 -0.01
CA ALA B 581 -20.06 -1.89 0.55
C ALA B 581 -19.44 -3.24 0.23
N ALA B 582 -20.25 -4.30 0.32
CA ALA B 582 -19.78 -5.65 0.01
C ALA B 582 -19.30 -5.73 -1.44
N GLU B 583 -20.08 -5.13 -2.33
CA GLU B 583 -19.82 -5.12 -3.75
C GLU B 583 -18.52 -4.35 -4.08
N LEU B 584 -18.32 -3.20 -3.45
CA LEU B 584 -17.05 -2.48 -3.52
C LEU B 584 -15.87 -3.36 -3.07
N ALA B 585 -16.10 -4.23 -2.11
CA ALA B 585 -15.08 -5.15 -1.63
C ALA B 585 -15.08 -6.49 -2.37
N GLY B 586 -15.59 -6.52 -3.60
CA GLY B 586 -15.51 -7.74 -4.44
C GLY B 586 -16.37 -8.93 -3.99
N LEU B 587 -17.44 -8.65 -3.26
CA LEU B 587 -18.38 -9.67 -2.80
C LEU B 587 -19.75 -9.30 -3.35
N SER B 588 -20.22 -9.98 -4.39
CA SER B 588 -21.50 -9.59 -4.96
C SER B 588 -22.59 -10.67 -4.93
N TYR B 589 -23.84 -10.24 -5.13
CA TYR B 589 -24.92 -11.20 -5.29
C TYR B 589 -25.92 -10.83 -6.37
N ASP B 590 -26.62 -11.87 -6.84
CA ASP B 590 -27.67 -11.74 -7.83
C ASP B 590 -28.93 -12.45 -7.27
N LEU B 591 -30.08 -11.78 -7.35
CA LEU B 591 -31.32 -12.32 -6.86
C LEU B 591 -32.46 -12.02 -7.83
N GLN B 592 -33.01 -13.05 -8.44
CA GLN B 592 -34.17 -12.90 -9.33
C GLN B 592 -35.18 -14.02 -9.31
N ASN B 593 -36.43 -13.64 -9.61
CA ASN B 593 -37.51 -14.60 -9.81
C ASN B 593 -37.32 -15.30 -11.14
N THR B 594 -37.72 -16.56 -11.18
CA THR B 594 -37.65 -17.38 -12.38
C THR B 594 -39.04 -17.94 -12.66
N ILE B 595 -39.15 -18.72 -13.73
CA ILE B 595 -40.40 -19.40 -14.06
C ILE B 595 -40.67 -20.55 -13.07
N TYR B 596 -39.66 -20.93 -12.28
CA TYR B 596 -39.74 -22.04 -11.32
C TYR B 596 -39.60 -21.66 -9.84
N GLY B 597 -39.42 -20.37 -9.56
CA GLY B 597 -39.14 -19.90 -8.21
C GLY B 597 -38.23 -18.68 -8.13
N MET B 598 -37.06 -18.85 -7.52
CA MET B 598 -36.09 -17.78 -7.27
C MET B 598 -34.66 -18.26 -7.49
N TYR B 599 -33.83 -17.40 -8.02
CA TYR B 599 -32.42 -17.68 -8.20
C TYR B 599 -31.56 -16.75 -7.34
N LEU B 600 -30.59 -17.32 -6.65
CA LEU B 600 -29.68 -16.55 -5.83
C LEU B 600 -28.27 -16.99 -6.12
N SER B 601 -27.40 -16.02 -6.35
CA SER B 601 -26.01 -16.27 -6.61
C SER B 601 -25.13 -15.33 -5.80
N VAL B 602 -24.23 -15.88 -5.00
CA VAL B 602 -23.27 -15.09 -4.23
C VAL B 602 -21.87 -15.43 -4.76
N LYS B 603 -21.17 -14.41 -5.26
CA LYS B 603 -19.87 -14.57 -5.93
C LYS B 603 -18.80 -13.65 -5.33
N GLY B 604 -17.53 -14.02 -5.49
CA GLY B 604 -16.43 -13.14 -5.07
C GLY B 604 -15.57 -13.79 -4.02
N TYR B 605 -14.87 -12.98 -3.22
CA TYR B 605 -13.95 -13.51 -2.20
C TYR B 605 -14.73 -14.33 -1.18
N ASN B 606 -14.23 -15.53 -0.87
CA ASN B 606 -14.93 -16.44 0.03
C ASN B 606 -15.04 -15.97 1.47
N ASP B 607 -14.07 -15.13 1.87
CA ASP B 607 -13.90 -14.69 3.27
C ASP B 607 -15.22 -14.33 3.95
N LYS B 608 -15.89 -13.28 3.48
CA LYS B 608 -17.10 -12.76 4.14
C LYS B 608 -18.41 -13.17 3.46
N GLN B 609 -18.33 -14.14 2.54
CA GLN B 609 -19.53 -14.67 1.88
C GLN B 609 -20.60 -15.21 2.82
N PRO B 610 -20.22 -16.07 3.81
CA PRO B 610 -21.27 -16.53 4.73
C PRO B 610 -22.08 -15.41 5.36
N ILE B 611 -21.42 -14.31 5.74
CA ILE B 611 -22.11 -13.18 6.38
C ILE B 611 -23.16 -12.53 5.46
N LEU B 612 -22.81 -12.30 4.21
CA LEU B 612 -23.75 -11.68 3.27
C LEU B 612 -24.90 -12.64 2.94
N LEU B 613 -24.58 -13.92 2.70
CA LEU B 613 -25.59 -14.94 2.42
C LEU B 613 -26.56 -15.05 3.58
N LYS B 614 -26.02 -15.04 4.81
CA LYS B 614 -26.83 -15.10 6.03
C LYS B 614 -27.81 -13.96 6.03
N LYS B 615 -27.30 -12.75 5.80
CA LYS B 615 -28.10 -11.54 5.76
C LYS B 615 -29.23 -11.59 4.70
N ILE B 616 -28.91 -12.05 3.49
CA ILE B 616 -29.91 -12.18 2.42
C ILE B 616 -31.06 -13.13 2.81
N ILE B 617 -30.72 -14.32 3.32
CA ILE B 617 -31.72 -15.31 3.71
C ILE B 617 -32.60 -14.82 4.85
N GLU B 618 -31.99 -14.25 5.88
CA GLU B 618 -32.71 -13.63 6.98
C GLU B 618 -33.66 -12.55 6.53
N LYS B 619 -33.18 -11.65 5.67
CA LYS B 619 -33.99 -10.55 5.13
C LYS B 619 -35.16 -11.08 4.29
N MET B 620 -34.90 -12.15 3.54
CA MET B 620 -35.87 -12.86 2.71
C MET B 620 -37.05 -13.37 3.55
N ALA B 621 -36.71 -13.97 4.69
CA ALA B 621 -37.63 -14.72 5.52
C ALA B 621 -38.35 -13.88 6.58
N THR B 622 -37.92 -12.63 6.75
CA THR B 622 -38.46 -11.75 7.79
C THR B 622 -38.83 -10.40 7.19
N PHE B 623 -38.91 -10.38 5.87
CA PHE B 623 -39.09 -9.15 5.10
C PHE B 623 -40.38 -8.38 5.41
N GLU B 624 -40.24 -7.11 5.78
CA GLU B 624 -41.42 -6.25 5.87
C GLU B 624 -41.31 -5.03 4.95
N ILE B 625 -42.33 -4.88 4.11
CA ILE B 625 -42.31 -3.95 2.97
C ILE B 625 -42.57 -2.52 3.40
N ASP B 626 -41.78 -1.58 2.87
CA ASP B 626 -42.10 -0.17 3.02
C ASP B 626 -43.10 0.17 1.93
N GLU B 627 -44.20 0.82 2.32
CA GLU B 627 -45.29 1.11 1.41
C GLU B 627 -44.91 2.08 0.27
N LYS B 628 -44.11 3.09 0.57
CA LYS B 628 -43.68 4.08 -0.43
C LYS B 628 -42.81 3.41 -1.49
N ARG B 629 -41.89 2.57 -1.02
CA ARG B 629 -40.99 1.81 -1.88
C ARG B 629 -41.79 0.86 -2.77
N PHE B 630 -42.78 0.18 -2.17
CA PHE B 630 -43.69 -0.71 -2.88
C PHE B 630 -44.38 -0.02 -4.05
N GLU B 631 -44.87 1.19 -3.80
CA GLU B 631 -45.62 1.95 -4.79
C GLU B 631 -44.71 2.51 -5.90
N ILE B 632 -43.49 2.89 -5.53
CA ILE B 632 -42.51 3.39 -6.48
C ILE B 632 -42.01 2.25 -7.40
N ILE B 633 -41.63 1.13 -6.81
CA ILE B 633 -41.18 -0.04 -7.56
C ILE B 633 -42.29 -0.52 -8.52
N LYS B 634 -43.53 -0.60 -8.02
CA LYS B 634 -44.65 -1.08 -8.82
C LYS B 634 -44.87 -0.21 -10.07
N GLU B 635 -44.76 1.10 -9.90
CA GLU B 635 -44.95 2.03 -11.01
C GLU B 635 -43.84 1.89 -12.07
N ALA B 636 -42.60 1.67 -11.62
CA ALA B 636 -41.46 1.50 -12.53
C ALA B 636 -41.58 0.19 -13.31
N TYR B 637 -42.06 -0.84 -12.63
CA TYR B 637 -42.34 -2.14 -13.25
C TYR B 637 -43.43 -2.06 -14.32
N MET B 638 -44.47 -1.29 -14.04
CA MET B 638 -45.54 -1.06 -14.98
C MET B 638 -44.98 -0.43 -16.25
N ARG B 639 -44.14 0.60 -16.09
CA ARG B 639 -43.50 1.26 -17.23
C ARG B 639 -42.55 0.31 -17.97
N SER B 640 -41.79 -0.49 -17.23
CA SER B 640 -40.86 -1.39 -17.89
C SER B 640 -41.58 -2.44 -18.74
N LEU B 641 -42.75 -2.90 -18.26
CA LEU B 641 -43.59 -3.82 -19.06
C LEU B 641 -44.12 -3.16 -20.33
N ASN B 642 -44.67 -1.96 -20.22
CA ASN B 642 -45.06 -1.17 -21.39
C ASN B 642 -43.90 -0.85 -22.35
N ASN B 643 -42.71 -0.57 -21.79
CA ASN B 643 -41.55 -0.17 -22.59
C ASN B 643 -41.07 -1.27 -23.52
N PHE B 644 -41.54 -2.48 -23.30
CA PHE B 644 -41.21 -3.56 -24.20
C PHE B 644 -41.62 -3.27 -25.65
N ARG B 645 -42.65 -2.45 -25.83
CA ARG B 645 -43.11 -2.13 -27.19
C ARG B 645 -42.06 -1.34 -28.01
N ALA B 646 -41.09 -0.72 -27.32
CA ALA B 646 -40.00 0.03 -27.96
C ALA B 646 -38.73 -0.80 -28.20
N GLU B 647 -38.75 -2.08 -27.84
CA GLU B 647 -37.60 -2.95 -28.13
C GLU B 647 -37.52 -3.27 -29.63
N GLN B 648 -36.36 -3.71 -30.08
CA GLN B 648 -36.11 -4.00 -31.50
C GLN B 648 -37.00 -5.12 -32.07
N PRO B 649 -37.38 -5.02 -33.36
CA PRO B 649 -38.17 -6.04 -34.05
C PRO B 649 -37.65 -7.47 -33.85
N HIS B 650 -36.33 -7.64 -33.87
CA HIS B 650 -35.75 -8.97 -33.66
C HIS B 650 -35.85 -9.39 -32.18
N HIS B 652 -38.44 -8.78 -30.18
CA HIS B 652 -39.88 -9.05 -30.39
C HIS B 652 -40.11 -10.43 -30.94
N ALA B 653 -39.47 -10.74 -32.08
CA ALA B 653 -39.59 -12.05 -32.74
C ALA B 653 -39.14 -13.19 -31.84
N MET B 654 -38.02 -12.97 -31.18
CA MET B 654 -37.47 -13.95 -30.24
C MET B 654 -38.42 -14.18 -29.06
N TYR B 655 -39.03 -13.09 -28.60
CA TYR B 655 -39.99 -13.14 -27.52
C TYR B 655 -41.28 -13.92 -27.89
N TYR B 656 -41.85 -13.63 -29.06
CA TYR B 656 -43.06 -14.35 -29.50
C TYR B 656 -42.82 -15.84 -29.69
N LEU B 657 -41.63 -16.21 -30.19
CA LEU B 657 -41.29 -17.61 -30.37
C LEU B 657 -41.25 -18.35 -29.04
N ARG B 658 -40.61 -17.72 -28.05
CA ARG B 658 -40.55 -18.25 -26.69
C ARG B 658 -41.96 -18.51 -26.15
N LEU B 659 -42.86 -17.54 -26.32
CA LEU B 659 -44.25 -17.68 -25.88
C LEU B 659 -44.97 -18.79 -26.61
N LEU B 660 -44.76 -18.87 -27.93
CA LEU B 660 -45.41 -19.88 -28.76
C LEU B 660 -44.95 -21.30 -28.46
N MET B 661 -43.69 -21.47 -28.07
CA MET B 661 -43.08 -22.81 -27.98
C MET B 661 -43.05 -23.40 -26.58
N THR B 662 -43.31 -22.59 -25.56
CA THR B 662 -43.25 -23.03 -24.16
C THR B 662 -44.65 -23.35 -23.65
N GLU B 663 -44.76 -24.49 -22.95
CA GLU B 663 -46.02 -24.91 -22.37
C GLU B 663 -46.71 -23.79 -21.58
N VAL B 664 -45.98 -23.21 -20.62
CA VAL B 664 -46.50 -22.10 -19.83
C VAL B 664 -45.61 -20.88 -19.99
N ALA B 665 -46.24 -19.76 -20.36
CA ALA B 665 -45.56 -18.49 -20.51
C ALA B 665 -46.57 -17.36 -20.43
N TRP B 666 -46.42 -16.46 -19.47
CA TRP B 666 -47.30 -15.30 -19.39
C TRP B 666 -46.73 -14.15 -20.22
N THR B 667 -47.62 -13.45 -20.94
CA THR B 667 -47.22 -12.38 -21.83
C THR B 667 -47.10 -11.08 -21.05
N LYS B 668 -46.44 -10.09 -21.65
CA LYS B 668 -46.30 -8.76 -21.03
C LYS B 668 -47.67 -8.13 -20.80
N ASP B 669 -48.59 -8.34 -21.74
CA ASP B 669 -49.95 -7.81 -21.63
C ASP B 669 -50.68 -8.40 -20.45
N GLU B 670 -50.58 -9.72 -20.27
CA GLU B 670 -51.18 -10.42 -19.13
C GLU B 670 -50.62 -9.96 -17.78
N LEU B 671 -49.29 -9.81 -17.70
CA LEU B 671 -48.64 -9.33 -16.47
C LEU B 671 -49.07 -7.91 -16.14
N LYS B 672 -49.20 -7.09 -17.17
CA LYS B 672 -49.65 -5.71 -17.05
C LYS B 672 -51.10 -5.64 -16.55
N GLU B 673 -51.98 -6.48 -17.13
CA GLU B 673 -53.38 -6.63 -16.68
C GLU B 673 -53.43 -6.98 -15.19
N ALA B 674 -52.65 -7.99 -14.79
CA ALA B 674 -52.65 -8.50 -13.41
C ALA B 674 -52.04 -7.58 -12.34
N LEU B 675 -51.23 -6.61 -12.77
CA LEU B 675 -50.48 -5.75 -11.85
C LEU B 675 -51.35 -4.83 -10.99
N ASP B 676 -52.41 -4.30 -11.58
CA ASP B 676 -53.35 -3.44 -10.84
C ASP B 676 -54.02 -4.16 -9.66
N ASP B 677 -54.10 -5.49 -9.72
CA ASP B 677 -54.54 -6.33 -8.61
C ASP B 677 -53.53 -6.47 -7.47
N VAL B 678 -52.25 -6.15 -7.72
CA VAL B 678 -51.21 -6.29 -6.69
C VAL B 678 -51.33 -5.15 -5.69
N THR B 679 -51.72 -5.51 -4.47
CA THR B 679 -51.87 -4.54 -3.40
C THR B 679 -50.85 -4.90 -2.34
N LEU B 680 -50.55 -3.94 -1.45
CA LEU B 680 -49.65 -4.21 -0.33
C LEU B 680 -50.06 -5.40 0.54
N PRO B 681 -51.32 -5.44 1.02
CA PRO B 681 -51.80 -6.62 1.78
C PRO B 681 -51.64 -7.92 1.00
N ARG B 682 -51.95 -7.88 -0.29
CA ARG B 682 -51.82 -9.06 -1.14
C ARG B 682 -50.36 -9.55 -1.26
N LEU B 683 -49.43 -8.61 -1.38
CA LEU B 683 -47.99 -8.91 -1.45
C LEU B 683 -47.49 -9.45 -0.12
N LYS B 684 -47.90 -8.81 0.99
CA LYS B 684 -47.55 -9.29 2.34
C LYS B 684 -48.04 -10.69 2.62
N ALA B 685 -49.24 -11.00 2.12
CA ALA B 685 -49.77 -12.36 2.24
C ALA B 685 -49.04 -13.36 1.36
N PHE B 686 -48.60 -12.91 0.18
CA PHE B 686 -47.87 -13.76 -0.79
C PHE B 686 -46.54 -14.37 -0.31
N ILE B 687 -45.74 -13.57 0.40
CA ILE B 687 -44.37 -13.97 0.77
C ILE B 687 -44.29 -15.25 1.64
N PRO B 688 -45.05 -15.32 2.76
CA PRO B 688 -45.06 -16.56 3.55
C PRO B 688 -45.60 -17.76 2.77
N GLN B 689 -46.62 -17.54 1.93
CA GLN B 689 -47.08 -18.57 1.00
C GLN B 689 -45.92 -19.00 0.08
N LEU B 690 -45.20 -18.03 -0.48
CA LEU B 690 -44.05 -18.38 -1.33
C LEU B 690 -43.01 -19.21 -0.58
N LEU B 691 -42.69 -18.80 0.64
CA LEU B 691 -41.58 -19.41 1.39
C LEU B 691 -41.92 -20.66 2.22
N SER B 692 -43.22 -20.92 2.44
CA SER B 692 -43.67 -22.03 3.30
C SER B 692 -43.27 -23.40 2.77
N ARG B 693 -43.31 -23.59 1.45
CA ARG B 693 -42.83 -24.84 0.87
C ARG B 693 -41.86 -24.61 -0.29
N LEU B 694 -40.67 -25.21 -0.16
CA LEU B 694 -39.58 -25.04 -1.11
C LEU B 694 -38.74 -26.29 -1.34
N HIS B 695 -38.08 -26.32 -2.48
CA HIS B 695 -36.96 -27.23 -2.69
C HIS B 695 -35.79 -26.37 -3.15
N ILE B 696 -34.60 -26.73 -2.71
CA ILE B 696 -33.45 -25.90 -2.92
C ILE B 696 -32.41 -26.76 -3.59
N GLU B 697 -32.09 -26.43 -4.85
CA GLU B 697 -30.95 -27.04 -5.52
C GLU B 697 -29.79 -26.04 -5.56
N ALA B 698 -28.61 -26.50 -5.14
CA ALA B 698 -27.46 -25.63 -4.96
C ALA B 698 -26.20 -26.14 -5.67
N LEU B 699 -25.39 -25.21 -6.17
CA LEU B 699 -24.02 -25.51 -6.60
C LEU B 699 -23.09 -24.64 -5.76
N LEU B 700 -22.21 -25.27 -5.00
CA LEU B 700 -21.21 -24.53 -4.25
C LEU B 700 -19.85 -24.93 -4.80
N HIS B 701 -19.20 -23.96 -5.43
CA HIS B 701 -17.99 -24.22 -6.20
C HIS B 701 -16.95 -23.16 -5.93
N GLY B 702 -15.76 -23.57 -5.47
CA GLY B 702 -14.66 -22.63 -5.29
C GLY B 702 -13.67 -23.03 -4.20
N ASN B 703 -13.14 -22.03 -3.50
CA ASN B 703 -12.21 -22.22 -2.40
C ASN B 703 -13.02 -22.55 -1.16
N ILE B 704 -13.53 -23.78 -1.09
CA ILE B 704 -14.37 -24.27 0.01
C ILE B 704 -14.21 -25.76 0.17
N THR B 705 -14.40 -26.22 1.41
CA THR B 705 -14.34 -27.64 1.72
C THR B 705 -15.74 -28.25 1.76
N LYS B 706 -15.82 -29.58 1.69
CA LYS B 706 -17.07 -30.32 1.79
C LYS B 706 -17.86 -29.94 3.06
N GLN B 707 -17.17 -29.98 4.20
CA GLN B 707 -17.72 -29.59 5.51
C GLN B 707 -18.30 -28.18 5.49
N ALA B 708 -17.56 -27.23 4.92
CA ALA B 708 -18.03 -25.85 4.81
C ALA B 708 -19.26 -25.73 3.90
N ALA B 709 -19.23 -26.42 2.75
CA ALA B 709 -20.38 -26.47 1.84
C ALA B 709 -21.65 -26.93 2.56
N LEU B 710 -21.54 -28.05 3.27
CA LEU B 710 -22.64 -28.60 4.07
C LEU B 710 -23.11 -27.61 5.10
N GLY B 711 -22.16 -26.91 5.74
CA GLY B 711 -22.47 -25.87 6.72
C GLY B 711 -23.16 -24.65 6.14
N ILE B 712 -22.79 -24.29 4.90
CA ILE B 712 -23.48 -23.21 4.20
C ILE B 712 -24.94 -23.59 3.91
N MET B 713 -25.13 -24.79 3.35
CA MET B 713 -26.46 -25.31 3.04
C MET B 713 -27.35 -25.38 4.30
N GLN B 714 -26.81 -25.92 5.40
CA GLN B 714 -27.55 -26.01 6.65
C GLN B 714 -27.94 -24.65 7.20
N MET B 715 -27.06 -23.65 7.08
CA MET B 715 -27.37 -22.27 7.51
C MET B 715 -28.58 -21.72 6.74
N VAL B 716 -28.58 -21.90 5.42
CA VAL B 716 -29.67 -21.44 4.54
C VAL B 716 -31.01 -22.11 4.93
N GLU B 717 -31.00 -23.44 5.04
CA GLU B 717 -32.20 -24.18 5.49
C GLU B 717 -32.66 -23.71 6.87
N ASP B 718 -31.74 -23.67 7.84
CA ASP B 718 -32.09 -23.38 9.22
C ASP B 718 -32.70 -22.00 9.34
N THR B 719 -32.25 -21.07 8.52
CA THR B 719 -32.74 -19.70 8.55
C THR B 719 -34.15 -19.63 7.97
N LEU B 720 -34.40 -20.43 6.93
CA LEU B 720 -35.71 -20.49 6.32
C LEU B 720 -36.70 -21.23 7.23
N ILE B 721 -36.28 -22.38 7.75
CA ILE B 721 -37.09 -23.13 8.69
C ILE B 721 -37.47 -22.28 9.90
N GLU B 722 -36.47 -21.61 10.50
CA GLU B 722 -36.69 -20.78 11.69
C GLU B 722 -37.60 -19.57 11.46
N HIS B 723 -37.41 -18.85 10.35
CA HIS B 723 -38.14 -17.61 10.15
C HIS B 723 -39.37 -17.75 9.27
N ALA B 724 -39.33 -18.71 8.34
CA ALA B 724 -40.42 -18.88 7.38
C ALA B 724 -41.23 -20.17 7.55
N HIS B 725 -40.78 -21.05 8.43
CA HIS B 725 -41.42 -22.36 8.68
C HIS B 725 -41.49 -23.22 7.43
N THR B 726 -40.45 -23.05 6.61
CA THR B 726 -40.31 -23.76 5.35
C THR B 726 -40.28 -25.26 5.56
N LYS B 727 -41.07 -25.96 4.74
CA LYS B 727 -41.14 -27.41 4.75
C LYS B 727 -40.87 -27.88 3.32
N PRO B 728 -40.46 -29.14 3.14
CA PRO B 728 -40.14 -29.54 1.77
C PRO B 728 -41.34 -29.63 0.81
N LEU B 729 -41.09 -29.42 -0.48
CA LEU B 729 -42.07 -29.68 -1.53
C LEU B 729 -42.26 -31.19 -1.71
N LEU B 730 -43.40 -31.56 -2.30
CA LEU B 730 -43.60 -32.93 -2.81
C LEU B 730 -42.83 -33.09 -4.12
N PRO B 731 -42.24 -34.29 -4.35
CA PRO B 731 -41.55 -34.58 -5.62
C PRO B 731 -42.42 -34.32 -6.85
N SER B 732 -43.70 -34.66 -6.76
CA SER B 732 -44.68 -34.47 -7.84
C SER B 732 -44.93 -33.00 -8.16
N GLN B 733 -44.61 -32.11 -7.21
CA GLN B 733 -44.75 -30.66 -7.41
C GLN B 733 -43.60 -30.02 -8.17
N LEU B 734 -42.51 -30.77 -8.32
CA LEU B 734 -41.33 -30.24 -8.99
C LEU B 734 -41.48 -30.44 -10.50
N VAL B 735 -42.36 -29.65 -11.10
CA VAL B 735 -42.64 -29.71 -12.53
C VAL B 735 -41.63 -28.89 -13.34
N ARG B 736 -41.34 -29.37 -14.53
CA ARG B 736 -40.56 -28.63 -15.50
C ARG B 736 -41.45 -28.45 -16.73
N TYR B 737 -41.29 -27.36 -17.48
CA TYR B 737 -42.15 -27.12 -18.65
C TYR B 737 -41.68 -27.84 -19.90
N ARG B 738 -42.64 -28.13 -20.77
CA ARG B 738 -42.38 -28.83 -22.02
C ARG B 738 -42.37 -27.88 -23.21
N GLU B 739 -41.64 -28.23 -24.27
CA GLU B 739 -41.78 -27.54 -25.53
C GLU B 739 -42.94 -28.14 -26.34
N VAL B 740 -43.64 -27.27 -27.07
CA VAL B 740 -44.67 -27.66 -28.01
C VAL B 740 -44.07 -28.57 -29.08
N GLN B 741 -44.79 -29.65 -29.40
CA GLN B 741 -44.33 -30.59 -30.40
C GLN B 741 -44.96 -30.35 -31.76
N LEU B 742 -44.15 -29.85 -32.71
CA LEU B 742 -44.61 -29.51 -34.06
C LEU B 742 -44.82 -30.74 -34.95
N PRO B 743 -45.86 -30.72 -35.80
CA PRO B 743 -46.12 -31.86 -36.70
C PRO B 743 -45.21 -31.91 -37.95
N ASP B 744 -44.86 -33.12 -38.37
CA ASP B 744 -44.10 -33.38 -39.61
C ASP B 744 -44.67 -32.62 -40.79
N ARG B 745 -43.81 -31.89 -41.50
CA ARG B 745 -44.20 -31.06 -42.65
C ARG B 745 -45.07 -29.84 -42.30
N GLY B 746 -45.17 -29.50 -41.02
CA GLY B 746 -45.93 -28.33 -40.61
C GLY B 746 -45.14 -27.05 -40.82
N TRP B 747 -45.83 -26.01 -41.26
CA TRP B 747 -45.30 -24.65 -41.27
C TRP B 747 -46.34 -23.73 -40.67
N PHE B 748 -45.95 -23.01 -39.63
CA PHE B 748 -46.81 -22.08 -38.93
C PHE B 748 -46.15 -20.69 -38.95
N VAL B 749 -46.96 -19.65 -39.13
CA VAL B 749 -46.51 -18.26 -39.10
C VAL B 749 -47.31 -17.44 -38.08
N TYR B 750 -46.60 -16.78 -37.18
CA TYR B 750 -47.18 -15.80 -36.29
C TYR B 750 -46.72 -14.41 -36.71
N GLN B 751 -47.67 -13.50 -36.91
CA GLN B 751 -47.39 -12.17 -37.39
C GLN B 751 -47.78 -11.13 -36.36
N GLN B 752 -46.87 -10.18 -36.13
CA GLN B 752 -47.14 -9.01 -35.32
C GLN B 752 -46.51 -7.79 -35.96
N ARG B 753 -46.79 -6.62 -35.40
CA ARG B 753 -46.18 -5.39 -35.87
C ARG B 753 -45.39 -4.74 -34.72
N ASN B 754 -44.21 -4.25 -35.04
CA ASN B 754 -43.49 -3.35 -34.15
C ASN B 754 -43.96 -1.93 -34.41
N GLU B 755 -44.44 -1.27 -33.35
CA GLU B 755 -45.03 0.06 -33.46
C GLU B 755 -44.04 1.21 -33.40
N VAL B 756 -42.78 0.94 -33.06
CA VAL B 756 -41.80 2.00 -32.84
C VAL B 756 -40.76 2.07 -33.96
N HIS B 757 -40.21 0.92 -34.31
CA HIS B 757 -39.13 0.81 -35.28
C HIS B 757 -39.66 0.57 -36.68
N ASN B 758 -39.06 1.23 -37.65
CA ASN B 758 -39.41 1.02 -39.04
C ASN B 758 -38.50 0.01 -39.75
N ASN B 759 -38.21 -1.10 -39.07
CA ASN B 759 -37.55 -2.25 -39.69
C ASN B 759 -38.37 -3.48 -39.33
N SER B 760 -38.24 -4.52 -40.14
CA SER B 760 -38.79 -5.82 -39.86
C SER B 760 -37.85 -6.64 -39.02
N GLY B 761 -38.42 -7.64 -38.34
CA GLY B 761 -37.69 -8.68 -37.67
C GLY B 761 -38.33 -10.02 -37.97
N ILE B 762 -37.52 -11.07 -38.00
CA ILE B 762 -38.01 -12.41 -38.23
C ILE B 762 -37.18 -13.40 -37.43
N GLU B 763 -37.83 -14.42 -36.88
CA GLU B 763 -37.12 -15.61 -36.46
C GLU B 763 -37.78 -16.83 -37.10
N ILE B 764 -36.95 -17.65 -37.73
CA ILE B 764 -37.38 -18.91 -38.32
C ILE B 764 -36.80 -20.02 -37.46
N TYR B 765 -37.65 -20.96 -37.06
CA TYR B 765 -37.22 -22.06 -36.21
C TYR B 765 -37.60 -23.37 -36.86
N TYR B 766 -36.58 -24.19 -37.10
CA TYR B 766 -36.70 -25.54 -37.63
C TYR B 766 -36.46 -26.49 -36.48
N GLN B 767 -37.55 -26.94 -35.87
CA GLN B 767 -37.46 -27.86 -34.75
C GLN B 767 -36.97 -29.22 -35.24
N THR B 768 -35.97 -29.78 -34.56
CA THR B 768 -35.51 -31.13 -34.88
C THR B 768 -36.13 -32.15 -33.93
N ASP B 769 -35.52 -32.35 -32.77
CA ASP B 769 -35.97 -33.38 -31.82
C ASP B 769 -35.44 -33.09 -30.42
N MET B 770 -35.77 -33.96 -29.47
CA MET B 770 -35.20 -33.93 -28.14
C MET B 770 -33.68 -33.96 -28.17
N GLN B 771 -33.08 -33.34 -27.17
CA GLN B 771 -31.63 -33.34 -27.01
C GLN B 771 -31.12 -34.73 -26.67
N SER B 772 -30.00 -35.09 -27.29
CA SER B 772 -29.31 -36.35 -27.03
C SER B 772 -27.94 -36.20 -27.69
N THR B 773 -26.99 -37.08 -27.37
CA THR B 773 -25.64 -37.01 -27.94
C THR B 773 -25.59 -36.88 -29.47
N SER B 774 -26.25 -37.79 -30.19
CA SER B 774 -26.21 -37.78 -31.67
C SER B 774 -26.93 -36.58 -32.26
N GLU B 775 -28.10 -36.28 -31.70
CA GLU B 775 -29.00 -35.24 -32.18
C GLU B 775 -28.38 -33.85 -31.97
N ASN B 776 -27.71 -33.67 -30.82
CA ASN B 776 -26.99 -32.45 -30.49
C ASN B 776 -25.87 -32.18 -31.48
N MET B 777 -25.14 -33.22 -31.86
CA MET B 777 -23.94 -33.06 -32.68
C MET B 777 -24.21 -33.01 -34.20
N PHE B 778 -25.31 -33.61 -34.63
CA PHE B 778 -25.80 -33.40 -35.99
C PHE B 778 -26.08 -31.92 -36.18
N LEU B 779 -26.79 -31.34 -35.21
CA LEU B 779 -27.24 -29.97 -35.27
C LEU B 779 -26.09 -28.98 -35.10
N GLU B 780 -25.17 -29.26 -34.17
CA GLU B 780 -24.04 -28.36 -33.93
C GLU B 780 -23.06 -28.38 -35.09
N LEU B 781 -22.84 -29.55 -35.71
CA LEU B 781 -21.95 -29.64 -36.85
C LEU B 781 -22.54 -28.92 -38.06
N PHE B 782 -23.81 -29.22 -38.37
CA PHE B 782 -24.51 -28.52 -39.43
C PHE B 782 -24.46 -26.98 -39.20
N ALA B 783 -24.76 -26.54 -37.98
CA ALA B 783 -24.67 -25.13 -37.64
C ALA B 783 -23.26 -24.54 -37.85
N GLN B 784 -22.23 -25.27 -37.46
CA GLN B 784 -20.84 -24.85 -37.65
C GLN B 784 -20.57 -24.65 -39.14
N ILE B 785 -21.04 -25.61 -39.94
CA ILE B 785 -20.82 -25.59 -41.38
C ILE B 785 -21.40 -24.36 -42.07
N ILE B 786 -22.63 -24.00 -41.71
CA ILE B 786 -23.36 -22.93 -42.37
C ILE B 786 -23.13 -21.57 -41.72
N SER B 787 -22.45 -21.58 -40.58
CA SER B 787 -22.27 -20.36 -39.79
C SER B 787 -21.77 -19.14 -40.58
N GLU B 788 -20.54 -19.17 -41.08
CA GLU B 788 -20.05 -18.01 -41.83
C GLU B 788 -20.66 -17.87 -43.24
N PRO B 789 -20.93 -18.98 -43.96
CA PRO B 789 -21.71 -18.81 -45.20
C PRO B 789 -23.05 -18.06 -45.04
N ALA B 790 -23.78 -18.30 -43.95
CA ALA B 790 -25.04 -17.60 -43.68
C ALA B 790 -24.86 -16.09 -43.55
N PHE B 791 -23.89 -15.68 -42.73
CA PHE B 791 -23.53 -14.27 -42.61
C PHE B 791 -23.05 -13.70 -43.95
N ASN B 792 -22.20 -14.45 -44.63
CA ASN B 792 -21.64 -14.01 -45.89
C ASN B 792 -22.69 -13.77 -46.97
N THR B 793 -23.66 -14.69 -47.04
CA THR B 793 -24.69 -14.64 -48.07
C THR B 793 -25.73 -13.58 -47.75
N LEU B 794 -26.34 -13.71 -46.58
CA LEU B 794 -27.54 -12.96 -46.20
C LEU B 794 -27.22 -11.52 -45.83
N ARG B 795 -26.03 -11.31 -45.25
CA ARG B 795 -25.61 -9.94 -44.97
C ARG B 795 -24.64 -9.38 -46.03
N THR B 796 -23.48 -10.01 -46.18
CA THR B 796 -22.40 -9.44 -46.99
C THR B 796 -22.75 -9.37 -48.47
N LYS B 797 -23.30 -10.44 -49.03
CA LYS B 797 -23.75 -10.42 -50.42
C LYS B 797 -25.08 -9.72 -50.57
N GLU B 798 -26.11 -10.19 -49.86
CA GLU B 798 -27.48 -9.73 -50.11
C GLU B 798 -27.85 -8.48 -49.31
N GLN B 799 -27.09 -8.23 -48.25
CA GLN B 799 -27.28 -7.04 -47.41
C GLN B 799 -28.72 -6.89 -46.94
N LEU B 800 -29.27 -7.96 -46.35
CA LEU B 800 -30.64 -7.92 -45.89
C LEU B 800 -30.76 -7.05 -44.63
N GLY B 801 -29.73 -7.05 -43.79
CA GLY B 801 -29.66 -6.16 -42.65
C GLY B 801 -28.35 -6.32 -41.89
N TYR B 802 -28.13 -5.44 -40.93
CA TYR B 802 -26.97 -5.50 -40.02
C TYR B 802 -27.01 -6.75 -39.12
N ILE B 803 -28.20 -7.07 -38.60
CA ILE B 803 -28.38 -8.26 -37.76
C ILE B 803 -28.79 -9.47 -38.60
N VAL B 804 -27.88 -10.43 -38.71
CA VAL B 804 -28.12 -11.70 -39.40
C VAL B 804 -27.53 -12.78 -38.49
N PHE B 805 -28.35 -13.71 -38.03
CA PHE B 805 -27.89 -14.74 -37.08
C PHE B 805 -28.44 -16.11 -37.46
N SER B 806 -27.62 -17.14 -37.24
CA SER B 806 -28.04 -18.54 -37.33
C SER B 806 -27.35 -19.34 -36.22
N GLY B 807 -27.92 -20.49 -35.86
CA GLY B 807 -27.30 -21.38 -34.89
C GLY B 807 -28.32 -22.28 -34.22
N PRO B 808 -27.87 -23.14 -33.27
CA PRO B 808 -28.81 -23.98 -32.51
C PRO B 808 -29.72 -23.18 -31.57
N ARG B 809 -30.98 -23.60 -31.46
CA ARG B 809 -31.86 -23.14 -30.40
C ARG B 809 -32.12 -24.33 -29.48
N ARG B 810 -31.91 -24.13 -28.17
CA ARG B 810 -32.16 -25.15 -27.13
C ARG B 810 -33.11 -24.59 -26.08
N ALA B 811 -34.16 -25.34 -25.78
CA ALA B 811 -35.11 -24.95 -24.76
C ALA B 811 -35.87 -26.18 -24.27
N ASN B 812 -35.97 -26.32 -22.95
CA ASN B 812 -36.88 -27.29 -22.34
C ASN B 812 -36.59 -28.73 -22.76
N GLY B 813 -35.32 -29.00 -23.05
CA GLY B 813 -34.86 -30.32 -23.50
C GLY B 813 -34.92 -30.56 -25.01
N ILE B 814 -35.51 -29.63 -25.74
CA ILE B 814 -35.68 -29.79 -27.18
C ILE B 814 -34.72 -28.85 -27.91
N GLN B 815 -34.59 -29.04 -29.23
CA GLN B 815 -33.71 -28.22 -30.03
C GLN B 815 -34.08 -28.11 -31.50
N GLY B 816 -33.38 -27.22 -32.19
CA GLY B 816 -33.51 -27.06 -33.62
C GLY B 816 -32.59 -25.96 -34.12
N LEU B 817 -32.76 -25.61 -35.39
CA LEU B 817 -31.96 -24.57 -36.01
C LEU B 817 -32.80 -23.31 -36.09
N ARG B 818 -32.17 -22.16 -35.82
CA ARG B 818 -32.83 -20.89 -36.00
C ARG B 818 -32.04 -19.86 -36.82
N PHE B 819 -32.80 -18.99 -37.50
CA PHE B 819 -32.26 -17.83 -38.16
C PHE B 819 -32.97 -16.63 -37.56
N ILE B 820 -32.24 -15.55 -37.36
CA ILE B 820 -32.80 -14.28 -36.92
C ILE B 820 -32.25 -13.20 -37.83
N ILE B 821 -33.14 -12.40 -38.39
CA ILE B 821 -32.76 -11.29 -39.25
C ILE B 821 -33.59 -10.05 -38.87
N GLN B 822 -32.94 -8.90 -38.93
CA GLN B 822 -33.62 -7.62 -38.85
C GLN B 822 -33.27 -6.85 -40.12
N SER B 823 -34.29 -6.32 -40.78
CA SER B 823 -34.18 -5.81 -42.16
C SER B 823 -35.24 -4.76 -42.52
N GLU B 824 -35.00 -4.02 -43.59
CA GLU B 824 -35.97 -3.11 -44.18
C GLU B 824 -36.94 -3.91 -45.06
N LYS B 825 -36.52 -5.09 -45.49
CA LYS B 825 -37.33 -5.98 -46.32
C LYS B 825 -38.49 -6.64 -45.55
N PRO B 826 -39.60 -6.98 -46.25
CA PRO B 826 -40.73 -7.67 -45.62
C PRO B 826 -40.31 -9.07 -45.19
N PRO B 827 -40.80 -9.56 -44.05
CA PRO B 827 -40.44 -10.91 -43.60
C PRO B 827 -40.77 -12.00 -44.62
N TYR B 829 -40.27 -12.07 -47.76
CA TYR B 829 -39.07 -11.98 -48.61
C TYR B 829 -37.84 -12.58 -47.93
N LEU B 830 -37.65 -12.20 -46.67
CA LEU B 830 -36.58 -12.77 -45.83
C LEU B 830 -36.68 -14.31 -45.79
N GLU B 831 -37.91 -14.83 -45.67
CA GLU B 831 -38.19 -16.30 -45.73
C GLU B 831 -37.64 -16.99 -46.97
N SER B 832 -37.97 -16.47 -48.15
CA SER B 832 -37.48 -17.07 -49.41
C SER B 832 -35.95 -17.01 -49.51
N ARG B 833 -35.38 -15.89 -49.06
CA ARG B 833 -33.92 -15.74 -49.03
C ARG B 833 -33.20 -16.76 -48.11
N VAL B 834 -33.72 -16.96 -46.90
CA VAL B 834 -33.24 -18.05 -46.04
C VAL B 834 -33.40 -19.43 -46.70
N GLU B 835 -34.53 -19.66 -47.35
CA GLU B 835 -34.74 -20.95 -48.03
C GLU B 835 -33.83 -21.10 -49.26
N ALA B 836 -33.62 -20.01 -49.99
CA ALA B 836 -32.67 -20.04 -51.12
C ALA B 836 -31.29 -20.39 -50.62
N PHE B 837 -30.89 -19.77 -49.50
CA PHE B 837 -29.59 -20.05 -48.92
C PHE B 837 -29.41 -21.51 -48.46
N LEU B 838 -30.48 -22.11 -47.94
CA LEU B 838 -30.44 -23.50 -47.48
C LEU B 838 -30.10 -24.47 -48.60
N ILE B 839 -30.67 -24.20 -49.78
CA ILE B 839 -30.41 -25.01 -50.97
C ILE B 839 -28.94 -24.87 -51.45
N THR B 840 -28.47 -23.63 -51.54
CA THR B 840 -27.05 -23.32 -51.73
C THR B 840 -26.14 -24.09 -50.77
N MET B 841 -26.49 -24.11 -49.48
CA MET B 841 -25.73 -24.91 -48.49
C MET B 841 -25.75 -26.39 -48.79
N GLU B 842 -26.85 -26.89 -49.35
CA GLU B 842 -26.94 -28.29 -49.74
C GLU B 842 -25.89 -28.62 -50.80
N LYS B 843 -25.86 -27.81 -51.86
CA LYS B 843 -24.89 -27.96 -52.94
C LYS B 843 -23.47 -27.84 -52.37
N SER B 844 -23.27 -26.86 -51.50
CA SER B 844 -21.97 -26.60 -50.89
C SER B 844 -21.42 -27.78 -50.07
N ILE B 845 -22.28 -28.39 -49.26
CA ILE B 845 -21.88 -29.57 -48.47
C ILE B 845 -21.63 -30.79 -49.37
N GLU B 846 -22.45 -30.96 -50.40
CA GLU B 846 -22.27 -32.06 -51.35
C GLU B 846 -20.92 -31.97 -52.07
N ASP B 847 -20.52 -30.73 -52.38
CA ASP B 847 -19.29 -30.48 -53.14
C ASP B 847 -18.04 -30.31 -52.27
N MET B 848 -18.19 -30.11 -50.97
CA MET B 848 -17.01 -29.82 -50.14
C MET B 848 -16.11 -31.05 -50.03
N THR B 849 -14.80 -30.80 -49.95
CA THR B 849 -13.81 -31.86 -49.84
C THR B 849 -13.78 -32.45 -48.43
N GLU B 850 -13.24 -33.65 -48.31
CA GLU B 850 -13.16 -34.34 -47.03
C GLU B 850 -12.32 -33.58 -46.02
N GLU B 851 -11.28 -32.87 -46.48
CA GLU B 851 -10.50 -32.05 -45.56
C GLU B 851 -11.21 -30.76 -45.15
N ALA B 852 -11.99 -30.18 -46.06
CA ALA B 852 -12.85 -29.06 -45.71
C ALA B 852 -13.80 -29.49 -44.58
N PHE B 853 -14.44 -30.64 -44.75
CA PHE B 853 -15.31 -31.23 -43.75
C PHE B 853 -14.63 -31.50 -42.38
N GLN B 854 -13.44 -32.09 -42.40
CA GLN B 854 -12.72 -32.38 -41.16
C GLN B 854 -12.23 -31.11 -40.45
N LYS B 855 -12.02 -30.05 -41.22
CA LYS B 855 -11.72 -28.73 -40.66
C LYS B 855 -12.85 -28.23 -39.74
N HIS B 856 -14.10 -28.41 -40.20
CA HIS B 856 -15.29 -28.01 -39.42
C HIS B 856 -15.50 -28.84 -38.15
N ILE B 857 -15.34 -30.16 -38.28
CA ILE B 857 -15.35 -31.04 -37.11
C ILE B 857 -14.32 -30.56 -36.10
N GLN B 858 -13.12 -30.26 -36.58
CA GLN B 858 -12.03 -29.81 -35.74
C GLN B 858 -12.34 -28.43 -35.14
N ALA B 859 -12.97 -27.56 -35.93
CA ALA B 859 -13.36 -26.23 -35.43
C ALA B 859 -14.39 -26.36 -34.30
N LEU B 860 -15.41 -27.20 -34.50
CA LEU B 860 -16.40 -27.47 -33.45
C LEU B 860 -15.75 -28.08 -32.20
N ALA B 861 -14.88 -29.06 -32.42
CA ALA B 861 -14.12 -29.73 -31.35
C ALA B 861 -13.37 -28.74 -30.46
N ILE B 862 -12.57 -27.87 -31.09
CA ILE B 862 -11.84 -26.82 -30.36
C ILE B 862 -12.79 -25.87 -29.59
N ARG B 863 -13.88 -25.44 -30.25
CA ARG B 863 -14.91 -24.58 -29.60
C ARG B 863 -15.50 -25.21 -28.33
N ARG B 864 -15.84 -26.49 -28.39
CA ARG B 864 -16.50 -27.18 -27.29
C ARG B 864 -15.54 -27.52 -26.15
N LEU B 865 -14.26 -27.74 -26.50
CA LEU B 865 -13.28 -28.19 -25.53
C LEU B 865 -12.50 -27.03 -24.92
N ASP B 866 -12.75 -25.82 -25.43
CA ASP B 866 -12.08 -24.61 -24.95
C ASP B 866 -12.21 -24.50 -23.43
N LYS B 867 -11.07 -24.55 -22.74
CA LYS B 867 -11.06 -24.60 -21.28
C LYS B 867 -11.53 -23.27 -20.67
N PRO B 868 -12.33 -23.33 -19.58
CA PRO B 868 -12.68 -22.12 -18.83
C PRO B 868 -11.44 -21.42 -18.23
N LYS B 869 -11.33 -20.10 -18.36
CA LYS B 869 -10.13 -19.36 -17.88
C LYS B 869 -10.33 -18.83 -16.46
N LYS B 870 -11.57 -18.84 -16.00
CA LYS B 870 -11.93 -18.39 -14.65
C LYS B 870 -13.00 -19.26 -14.00
N LEU B 871 -13.13 -19.13 -12.68
CA LEU B 871 -14.03 -19.97 -11.90
C LEU B 871 -15.50 -19.92 -12.37
N SER B 872 -16.05 -18.71 -12.55
CA SER B 872 -17.47 -18.58 -12.84
C SER B 872 -17.85 -19.03 -14.25
N ALA B 873 -16.87 -19.14 -15.15
CA ALA B 873 -17.11 -19.80 -16.43
C ALA B 873 -17.26 -21.33 -16.24
N GLU B 874 -16.51 -21.90 -15.30
CA GLU B 874 -16.62 -23.31 -15.00
C GLU B 874 -17.93 -23.62 -14.24
N SER B 875 -18.24 -22.81 -13.23
CA SER B 875 -19.53 -22.86 -12.51
C SER B 875 -20.74 -22.75 -13.42
N ALA B 876 -20.68 -21.84 -14.40
CA ALA B 876 -21.76 -21.65 -15.38
C ALA B 876 -22.04 -22.91 -16.19
N LYS B 877 -21.00 -23.60 -16.64
CA LYS B 877 -21.13 -24.89 -17.29
C LYS B 877 -21.87 -25.88 -16.39
N TYR B 878 -21.36 -26.09 -15.18
CA TYR B 878 -22.01 -27.00 -14.24
C TYR B 878 -23.45 -26.58 -13.91
N TYR B 879 -23.67 -25.26 -13.74
CA TYR B 879 -24.99 -24.74 -13.46
C TYR B 879 -25.99 -24.99 -14.59
N GLY B 880 -25.51 -24.91 -15.84
CA GLY B 880 -26.28 -25.27 -17.02
C GLY B 880 -26.79 -26.70 -16.95
N GLU B 881 -25.91 -27.62 -16.54
CA GLU B 881 -26.26 -29.04 -16.37
C GLU B 881 -27.25 -29.26 -15.24
N ILE B 882 -27.12 -28.48 -14.16
CA ILE B 882 -28.01 -28.60 -13.01
C ILE B 882 -29.44 -28.06 -13.25
N ILE B 883 -29.56 -26.82 -13.71
CA ILE B 883 -30.90 -26.23 -13.95
C ILE B 883 -31.67 -26.85 -15.13
N SER B 884 -30.95 -27.46 -16.07
CA SER B 884 -31.61 -28.12 -17.19
C SER B 884 -31.95 -29.54 -16.76
N GLN B 885 -31.42 -29.92 -15.60
CA GLN B 885 -31.58 -31.24 -15.01
C GLN B 885 -31.13 -32.35 -15.94
N GLN B 886 -30.02 -32.12 -16.64
CA GLN B 886 -29.44 -33.13 -17.49
C GLN B 886 -28.20 -33.70 -16.81
N TYR B 887 -27.57 -32.89 -15.95
CA TYR B 887 -26.44 -33.33 -15.10
C TYR B 887 -25.32 -34.08 -15.84
N ASN B 888 -25.02 -33.66 -17.06
CA ASN B 888 -23.98 -34.32 -17.88
C ASN B 888 -22.70 -33.51 -17.74
N PHE B 889 -21.96 -33.73 -16.64
CA PHE B 889 -20.78 -32.90 -16.35
C PHE B 889 -19.58 -33.17 -17.26
N ASP B 890 -19.54 -34.36 -17.86
CA ASP B 890 -18.49 -34.75 -18.80
C ASP B 890 -18.94 -34.65 -20.26
N ARG B 891 -20.01 -33.88 -20.51
CA ARG B 891 -20.64 -33.73 -21.82
C ARG B 891 -19.67 -33.42 -22.98
N ASP B 892 -18.77 -32.48 -22.77
CA ASP B 892 -17.84 -32.02 -23.81
C ASP B 892 -17.00 -33.16 -24.38
N ASN B 893 -16.34 -33.91 -23.48
CA ASN B 893 -15.57 -35.08 -23.88
C ASN B 893 -16.41 -36.11 -24.63
N THR B 894 -17.57 -36.45 -24.07
CA THR B 894 -18.49 -37.40 -24.68
C THR B 894 -18.95 -36.95 -26.06
N GLU B 895 -19.44 -35.72 -26.14
CA GLU B 895 -20.05 -35.22 -27.38
C GLU B 895 -19.02 -34.99 -28.47
N VAL B 896 -17.84 -34.51 -28.10
CA VAL B 896 -16.75 -34.32 -29.06
C VAL B 896 -16.25 -35.68 -29.62
N ALA B 897 -16.12 -36.68 -28.74
CA ALA B 897 -15.74 -38.04 -29.17
C ALA B 897 -16.71 -38.57 -30.21
N TYR B 898 -18.01 -38.37 -29.97
CA TYR B 898 -19.03 -38.75 -30.94
C TYR B 898 -18.96 -37.92 -32.24
N LEU B 899 -18.84 -36.61 -32.10
CA LEU B 899 -18.61 -35.67 -33.20
C LEU B 899 -17.53 -36.14 -34.19
N LYS B 900 -16.38 -36.58 -33.69
CA LYS B 900 -15.25 -37.02 -34.52
C LYS B 900 -15.63 -38.20 -35.44
N THR B 901 -16.72 -38.87 -35.08
CA THR B 901 -17.26 -40.04 -35.78
C THR B 901 -18.12 -39.67 -36.99
N LEU B 902 -18.64 -38.44 -36.99
CA LEU B 902 -19.60 -38.01 -38.00
C LEU B 902 -19.01 -37.88 -39.39
N THR B 903 -19.77 -38.35 -40.38
CA THR B 903 -19.33 -38.30 -41.77
C THR B 903 -20.14 -37.25 -42.52
N LYS B 904 -19.67 -36.88 -43.70
CA LYS B 904 -20.38 -35.92 -44.54
C LYS B 904 -21.75 -36.46 -44.95
N GLU B 905 -21.82 -37.77 -45.19
CA GLU B 905 -23.06 -38.47 -45.52
C GLU B 905 -24.07 -38.39 -44.36
N ASP B 906 -23.59 -38.51 -43.13
CA ASP B 906 -24.45 -38.31 -41.95
C ASP B 906 -25.12 -36.94 -41.98
N ILE B 907 -24.34 -35.89 -42.18
CA ILE B 907 -24.85 -34.52 -42.21
C ILE B 907 -25.87 -34.31 -43.33
N ILE B 908 -25.61 -34.87 -44.52
CA ILE B 908 -26.54 -34.77 -45.65
C ILE B 908 -27.90 -35.42 -45.32
N LYS B 909 -27.87 -36.60 -44.71
CA LYS B 909 -29.10 -37.33 -44.39
C LYS B 909 -29.93 -36.62 -43.31
N PHE B 910 -29.24 -36.16 -42.26
CA PHE B 910 -29.84 -35.29 -41.25
C PHE B 910 -30.53 -34.06 -41.89
N TYR B 911 -29.84 -33.40 -42.82
CA TYR B 911 -30.41 -32.26 -43.53
C TYR B 911 -31.65 -32.67 -44.32
N LYS B 912 -31.58 -33.83 -44.96
CA LYS B 912 -32.65 -34.33 -45.82
C LYS B 912 -33.88 -34.80 -45.06
N GLU B 913 -33.68 -35.44 -43.90
CA GLU B 913 -34.80 -35.82 -43.03
C GLU B 913 -35.51 -34.65 -42.31
N MET B 914 -34.72 -33.70 -41.78
CA MET B 914 -35.21 -32.70 -40.82
C MET B 914 -35.37 -31.27 -41.32
N LEU B 915 -34.50 -30.86 -42.25
CA LEU B 915 -34.31 -29.43 -42.56
C LEU B 915 -34.70 -28.98 -43.97
N ALA B 916 -34.47 -29.85 -44.97
CA ALA B 916 -34.76 -29.52 -46.38
C ALA B 916 -36.22 -29.17 -46.60
N VAL B 917 -36.47 -28.33 -47.61
CA VAL B 917 -37.82 -27.87 -47.92
C VAL B 917 -38.82 -29.03 -48.06
N ASP B 918 -38.39 -30.16 -48.62
CA ASP B 918 -39.26 -31.34 -48.74
C ASP B 918 -38.91 -32.47 -47.77
N ALA B 919 -38.31 -32.10 -46.64
CA ALA B 919 -37.97 -33.05 -45.59
C ALA B 919 -39.23 -33.68 -45.01
N PRO B 920 -39.23 -35.01 -44.82
CA PRO B 920 -40.41 -35.65 -44.24
C PRO B 920 -40.71 -35.22 -42.79
N ARG B 921 -39.68 -34.80 -42.05
CA ARG B 921 -39.84 -34.41 -40.66
C ARG B 921 -39.52 -32.95 -40.41
N ARG B 922 -39.79 -32.10 -41.41
CA ARG B 922 -39.56 -30.68 -41.27
C ARG B 922 -40.57 -30.09 -40.30
N HIS B 923 -40.08 -29.31 -39.34
CA HIS B 923 -40.93 -28.72 -38.31
C HIS B 923 -40.64 -27.24 -38.22
N LYS B 924 -41.37 -26.46 -39.01
CA LYS B 924 -41.06 -25.04 -39.16
C LYS B 924 -42.08 -24.11 -38.50
N VAL B 925 -41.57 -23.16 -37.70
CA VAL B 925 -42.35 -22.02 -37.20
C VAL B 925 -41.60 -20.72 -37.48
N SER B 926 -42.32 -19.74 -38.02
CA SER B 926 -41.75 -18.45 -38.31
C SER B 926 -42.49 -17.38 -37.55
N VAL B 927 -41.75 -16.47 -36.94
CA VAL B 927 -42.35 -15.27 -36.36
C VAL B 927 -41.99 -14.05 -37.20
N HIS B 928 -43.01 -13.35 -37.70
CA HIS B 928 -42.87 -12.18 -38.56
C HIS B 928 -43.24 -10.93 -37.78
N VAL B 929 -42.28 -10.02 -37.60
CA VAL B 929 -42.55 -8.74 -36.95
C VAL B 929 -42.40 -7.63 -37.99
N LEU B 930 -43.52 -7.02 -38.36
CA LEU B 930 -43.56 -6.02 -39.41
C LEU B 930 -43.05 -4.69 -38.88
N ALA B 931 -42.41 -3.94 -39.76
CA ALA B 931 -41.99 -2.57 -39.49
C ALA B 931 -43.22 -1.71 -39.20
N ARG B 932 -43.00 -0.60 -38.51
CA ARG B 932 -44.05 0.35 -38.20
C ARG B 932 -44.89 0.72 -39.44
N GLU B 933 -44.25 1.00 -40.57
CA GLU B 933 -44.96 1.51 -41.77
C GLU B 933 -45.43 0.42 -42.74
N MET B 934 -45.18 -0.85 -42.41
CA MET B 934 -45.64 -1.96 -43.26
C MET B 934 -47.11 -2.25 -43.09
N ASN B 950 -30.01 -12.02 -60.44
CA ASN B 950 -28.93 -12.99 -60.24
C ASN B 950 -28.64 -13.30 -58.75
N LEU B 951 -29.71 -13.36 -57.98
CA LEU B 951 -29.69 -13.97 -56.65
C LEU B 951 -29.97 -15.45 -56.89
N SER B 952 -29.49 -16.30 -55.99
CA SER B 952 -29.81 -17.71 -56.05
C SER B 952 -31.33 -17.96 -56.04
N GLN B 953 -31.72 -19.14 -56.52
CA GLN B 953 -33.11 -19.50 -56.74
C GLN B 953 -33.81 -19.94 -55.45
N ALA B 954 -34.85 -19.20 -55.06
CA ALA B 954 -35.66 -19.57 -53.91
C ALA B 954 -36.67 -20.67 -54.26
N PRO B 955 -36.82 -21.70 -53.39
CA PRO B 955 -37.78 -22.77 -53.64
C PRO B 955 -39.22 -22.32 -53.45
N ALA B 956 -40.16 -23.00 -54.11
CA ALA B 956 -41.58 -22.78 -53.86
C ALA B 956 -41.93 -23.31 -52.46
N LEU B 957 -42.68 -22.50 -51.72
CA LEU B 957 -43.01 -22.82 -50.34
C LEU B 957 -44.49 -23.08 -50.20
N PRO B 958 -44.87 -24.01 -49.29
CA PRO B 958 -46.27 -24.32 -49.04
C PRO B 958 -46.98 -23.14 -48.37
N GLN B 959 -48.30 -23.20 -48.30
CA GLN B 959 -49.08 -22.19 -47.60
C GLN B 959 -48.96 -22.45 -46.09
N PRO B 960 -48.56 -21.42 -45.32
CA PRO B 960 -48.46 -21.63 -43.87
C PRO B 960 -49.81 -21.62 -43.18
N GLU B 961 -49.89 -22.27 -42.03
CA GLU B 961 -51.02 -22.02 -41.16
C GLU B 961 -50.68 -20.77 -40.34
N VAL B 962 -51.51 -19.75 -40.50
CA VAL B 962 -51.33 -18.52 -39.77
C VAL B 962 -51.91 -18.67 -38.35
N ILE B 963 -51.05 -18.50 -37.34
CA ILE B 963 -51.47 -18.58 -35.95
C ILE B 963 -52.27 -17.32 -35.59
N GLN B 964 -53.45 -17.54 -35.04
CA GLN B 964 -54.37 -16.45 -34.75
C GLN B 964 -54.34 -16.14 -33.26
N ASN B 965 -54.13 -17.19 -32.47
CA ASN B 965 -54.21 -17.12 -31.03
C ASN B 965 -53.19 -18.10 -30.46
N MET B 966 -52.32 -17.63 -29.58
CA MET B 966 -51.23 -18.45 -29.06
C MET B 966 -51.67 -19.63 -28.20
N THR B 967 -52.70 -19.40 -27.39
CA THR B 967 -53.30 -20.41 -26.54
C THR B 967 -53.95 -21.49 -27.41
N GLU B 968 -54.74 -21.09 -28.40
CA GLU B 968 -55.31 -22.04 -29.38
C GLU B 968 -54.25 -22.87 -30.08
N PHE B 969 -53.17 -22.22 -30.50
CA PHE B 969 -52.04 -22.89 -31.13
C PHE B 969 -51.49 -24.03 -30.25
N LYS B 970 -51.12 -23.70 -29.02
CA LYS B 970 -50.54 -24.67 -28.09
C LYS B 970 -51.52 -25.79 -27.70
N ARG B 971 -52.77 -25.43 -27.43
CA ARG B 971 -53.82 -26.41 -27.12
C ARG B 971 -53.98 -27.46 -28.23
N GLY B 972 -53.87 -27.03 -29.48
CA GLY B 972 -54.01 -27.92 -30.63
C GLY B 972 -52.79 -28.78 -30.96
N LEU B 973 -51.73 -28.70 -30.17
CA LEU B 973 -50.53 -29.51 -30.44
C LEU B 973 -50.12 -30.40 -29.27
N PRO B 974 -49.42 -31.52 -29.55
CA PRO B 974 -48.88 -32.30 -28.42
C PRO B 974 -47.73 -31.54 -27.74
N LEU B 975 -47.29 -32.06 -26.59
CA LEU B 975 -46.13 -31.51 -25.91
C LEU B 975 -45.11 -32.62 -25.83
N PHE B 976 -43.85 -32.28 -26.07
CA PHE B 976 -42.73 -33.23 -25.95
C PHE B 976 -42.66 -33.80 -24.53
N PRO B 977 -42.01 -34.97 -24.37
CA PRO B 977 -41.57 -35.41 -23.05
C PRO B 977 -40.52 -34.43 -22.47
N LEU B 978 -40.21 -34.58 -21.18
CA LEU B 978 -39.04 -33.96 -20.59
C LEU B 978 -37.81 -34.87 -20.78
N VAL B 979 -36.63 -34.28 -20.93
CA VAL B 979 -35.38 -35.07 -21.12
C VAL B 979 -35.00 -35.83 -19.83
N LYS B 980 -34.49 -37.05 -19.98
CA LYS B 980 -34.04 -37.85 -18.83
C LYS B 980 -32.72 -37.31 -18.24
N PRO B 981 -32.64 -37.19 -16.89
CA PRO B 981 -31.38 -36.88 -16.20
C PRO B 981 -30.28 -37.87 -16.57
N HIS B 982 -29.05 -37.39 -16.70
CA HIS B 982 -27.91 -38.25 -17.03
C HIS B 982 -27.54 -39.12 -15.83
N ALA C 1 30.91 14.60 38.28
CA ALA C 1 29.96 15.12 37.27
C ALA C 1 28.58 15.38 37.91
N TYR C 2 27.90 16.41 37.42
CA TYR C 2 26.52 16.72 37.82
C TYR C 2 25.49 15.86 37.09
N ARG C 3 24.48 15.43 37.85
CA ARG C 3 23.21 14.82 37.38
C ARG C 3 23.14 13.31 37.60
N LEU C 13 15.66 4.58 33.10
CA LEU C 13 15.63 3.58 32.03
C LEU C 13 14.21 3.47 31.45
N VAL C 14 14.08 3.70 30.14
CA VAL C 14 12.77 3.73 29.46
C VAL C 14 12.63 2.61 28.44
N ASP C 15 11.39 2.19 28.19
CA ASP C 15 11.13 1.08 27.27
C ASP C 15 10.57 1.55 25.94
N THR C 16 11.29 1.24 24.85
CA THR C 16 10.86 1.45 23.45
C THR C 16 10.12 0.16 22.98
N LEU C 17 9.92 -0.16 21.70
CA LEU C 17 10.22 0.61 20.48
C LEU C 17 8.90 0.74 19.67
N GLN C 18 8.48 -0.32 18.99
CA GLN C 18 7.29 -0.33 18.11
C GLN C 18 6.47 -1.62 18.31
N ALA D 1 -23.90 4.54 -7.88
CA ALA D 1 -22.69 3.85 -8.40
C ALA D 1 -21.71 4.83 -9.09
N TYR D 2 -20.44 4.47 -9.11
CA TYR D 2 -19.41 5.26 -9.75
C TYR D 2 -19.42 4.96 -11.25
N ARG D 3 -19.30 5.98 -12.11
CA ARG D 3 -19.24 5.77 -13.56
C ARG D 3 -17.93 5.05 -13.92
N LEU D 13 -20.65 5.92 -26.61
CA LEU D 13 -21.20 4.78 -27.33
C LEU D 13 -20.38 4.46 -28.59
N VAL D 14 -20.19 3.16 -28.82
CA VAL D 14 -19.18 2.65 -29.76
C VAL D 14 -19.84 1.88 -30.94
N ASP D 15 -19.27 2.06 -32.14
CA ASP D 15 -19.80 1.45 -33.36
C ASP D 15 -19.06 0.16 -33.73
N THR D 16 -19.83 -0.94 -33.85
CA THR D 16 -19.30 -2.30 -34.05
C THR D 16 -19.49 -2.81 -35.51
N LEU D 17 -18.69 -3.80 -35.90
CA LEU D 17 -18.79 -4.44 -37.22
C LEU D 17 -19.94 -5.47 -37.31
N GLN D 18 -20.03 -6.36 -36.31
CA GLN D 18 -21.05 -7.43 -36.29
C GLN D 18 -22.07 -7.27 -35.17
ZN ZN E . -20.28 -0.77 -37.65
ZN ZN F . 9.18 -1.91 23.97
#